data_8K8S
#
_entry.id   8K8S
#
loop_
_entity.id
_entity.type
_entity.pdbx_description
1 polymer 'DNA polymerase F8'
2 polymer 'Uracil-DNA glycosylase E4'
3 polymer 'DNA polymerase processivity factor component A20'
4 polymer "DNA (5'-D(*AP*TP*CP*CP*TP*CP*CP*CP*CP*TP*AP*C)-3')"
5 polymer "DNA (5'-D(P*TP*AP*GP*GP*TP*AP*GP*GP*GP*GP*AP*GP*GP*AP*T)-3')"
6 non-polymer 'MAGNESIUM ION'
7 non-polymer 4-amino-1-{5-O-[(S)-hydroxy{[(R)-hydroxy(phosphonooxy)phosphoryl]oxy}phosphoryl]-beta-D-arabinofuranosyl}pyrimidin-2(1H)-one
8 water water
#
loop_
_entity_poly.entity_id
_entity_poly.type
_entity_poly.pdbx_seq_one_letter_code
_entity_poly.pdbx_strand_id
1 'polypeptide(L)'
;MDVRCINWFESHGENRFLYLKSRCRNGETVFIRFPHYFYYVVTDEIYQSLSPPPFNARPMGKMRTIDIDETISYNLDIKD
RKCSVADMWLIEEPKKRSIQNATMDEFFNISWFYISNGISPDGCYSLDEQYLTKINNGCYHCDDPRNCFAKEIPRFDIPR
SYLFLAIACHFDKKFPSVFINPISHTSYCYIDLSGKRLLFTLINEEMLTEQEIQEAVDRGCLRIQSLMEMDYERELVLCS
EIVLLRIAKQLLELTFDYVVTFNGHNFDLRYITNRLELLTGEKIIFRSPDKKEAVHLCIYERNQSSHKGVCGMANTTFHV
NNNNGTIFFDLYSFIQKSEKLDSYKLDSISKNAFSCMGKVLNRGVREMTFIGDDTTDAKGKADTFAKVLTTGNYVTVDED
IICKVIRKDILENGFKVVLSCPTLPNDIYKLSFGKDDIDLAQMYKDYNLNIALDMARYCIHDACLCQYLWEYYGVETKTD
AGAATYVLPQSMVFEYRASTIIKGPLLKLLLETKTILVRSETKQKFPYEGGKVFAPKQKMFSNNVLIFDYNSLYPNVCIF
GNLSPETLVGVVVSTNRLEEEINNQLLLQKYPPPRYITVHCEPRLPNLISEIAIFDRSIEGTIPRLLRTFLAERARYKKM
LKQATSSTEKAIYDSMQYTYKIVANSVYGLMGFRNSALYSYASAKSCTSIGRRMILYLESVLNGAELSNGMLRFANTLSN
PFYMDDRDINPIVKTSLPIDYRFRFRSVYGDTDSVFTEIDSQDVDKSIEIAKELERLINSRVLFNNFKIEFEAVYKNLIM
QSKKKYTTMKYSASSNSKSVPERINKGTSETRRDVSKFHKNMIKTYKTRLSEMLSEGRMNSNQVCIDILRSLETDLRSEF
DSRSSPLELFMLSRMHHSNYKSADNPNMYLVTEYNKNNPETIELGERYYFAYICPANVPWTKKLVNIKTYETIIDRSFKL
GSNQRIFYEVYFKRLTSEIVNLLDNKVLCISFFQRMFGSRPTFYEA
;
A
2 'polypeptide(L)'
;MNSVTISHAPYTITYHDDWEPVMSQLVEFYNEVASWLLRDETSPIPDKFFIQLKQPLRNKRVCVCGIDPYPKDGTGVPFE
SPNFTKKSIKEIASSISRLTGVIDYKGYNLNIIDGVIPWNYYLSCKLGETKSHAIYWDKISKLLLQHITKHVSVLYCLGK
TDFSNIRAKLESPVTTIVGYHPAARDHQFEKDRSFEIINVLLELDNKTPINWAQGFIY
;
B
3 'polypeptide(L)'
;MTSSADLTNLKELLSLYKSLRFSDSVAIEKYNSLVEWGTSTYWKIGVQKVTNVETSISDYYDEVKNKPFNIDPGYYIFLP
VYFGSVFIYSKGKNMVELGSGNSFQIPDEIRSACNKVLDSDNGIDFLRFVLLNNRWIMEDAISKYQSPVNIFKLASEYGL
NIPNYLEIEIEEDTLFDDELYSIMERSFDDTFPKISISYIKLGELKRQVVDFFKFSFMYIESIKVDRIGDNIFIPSVITK
SGKKILVKDVDHLIRSKVREHTFVKVKKKNTFSILYDYDGNGTETRGEVIKRIIDTIGRDYYVNGKYFSKVGIAGLKQLT
NKLDINECATVDELVDEINKSGTVKRKIKNQSVFDLSRECLGYPEADFITLVNNMRFKIENCKVVNFNIENTNCLNNPSI
ETIYGNFNQFVSIFNTVTDVKKRLFE
;
C
4 'polydeoxyribonucleotide' (DA)(DT)(DC)(DC)(DT)(DC)(DC)(DC)(DC)(DT)(DA)(DC) E
5 'polydeoxyribonucleotide' (DT)(DA)(DA)(DG)(DG)(DT)(DA)(DG)(DG)(DG)(DG)(DA)(DG)(DG)(DA)(DT) F
#
# COMPACT_ATOMS: atom_id res chain seq x y z
N MET A 1 22.34 31.45 30.17
CA MET A 1 22.45 30.08 30.66
C MET A 1 22.68 29.10 29.52
N ASP A 2 23.95 28.88 29.18
CA ASP A 2 24.28 28.00 28.07
C ASP A 2 23.82 26.58 28.39
N VAL A 3 23.00 26.02 27.50
CA VAL A 3 22.54 24.64 27.62
C VAL A 3 22.56 24.00 26.24
N ARG A 4 22.77 22.69 26.21
CA ARG A 4 22.60 21.90 24.99
C ARG A 4 21.38 21.02 25.11
N CYS A 5 20.54 21.02 24.08
CA CYS A 5 19.28 20.29 24.10
C CYS A 5 19.53 18.80 23.96
N ILE A 6 18.94 18.02 24.86
CA ILE A 6 19.01 16.57 24.80
C ILE A 6 17.71 15.95 24.31
N ASN A 7 16.57 16.38 24.86
CA ASN A 7 15.33 15.75 24.44
C ASN A 7 14.14 16.68 24.65
N TRP A 8 13.06 16.38 23.93
CA TRP A 8 11.76 17.03 24.09
C TRP A 8 10.74 15.95 24.40
N PHE A 9 9.80 16.24 25.29
CA PHE A 9 8.70 15.29 25.49
C PHE A 9 7.47 16.01 26.01
N GLU A 10 6.33 15.35 25.84
CA GLU A 10 5.02 15.90 26.16
C GLU A 10 4.43 15.16 27.35
N SER A 11 3.73 15.89 28.22
CA SER A 11 2.96 15.24 29.26
C SER A 11 1.59 14.82 28.73
N HIS A 12 0.90 14.00 29.51
CA HIS A 12 -0.39 13.47 29.08
C HIS A 12 -1.39 13.47 30.23
N GLY A 13 -1.40 14.56 31.00
CA GLY A 13 -2.34 14.71 32.09
C GLY A 13 -3.53 15.54 31.66
N GLU A 14 -4.24 16.10 32.65
CA GLU A 14 -5.37 16.96 32.34
C GLU A 14 -4.92 18.20 31.57
N ASN A 15 -3.79 18.78 31.96
CA ASN A 15 -3.15 19.82 31.19
C ASN A 15 -1.95 19.25 30.45
N ARG A 16 -1.67 19.81 29.28
CA ARG A 16 -0.60 19.35 28.41
C ARG A 16 0.52 20.37 28.40
N PHE A 17 1.74 19.91 28.68
CA PHE A 17 2.92 20.75 28.69
C PHE A 17 3.99 20.08 27.84
N LEU A 18 4.84 20.89 27.22
CA LEU A 18 6.00 20.39 26.50
C LEU A 18 7.24 20.68 27.33
N TYR A 19 8.04 19.65 27.57
CA TYR A 19 9.25 19.79 28.37
C TYR A 19 10.49 19.69 27.50
N LEU A 20 11.47 20.53 27.83
CA LEU A 20 12.82 20.46 27.30
C LEU A 20 13.74 19.91 28.37
N LYS A 21 14.56 18.93 27.99
CA LYS A 21 15.68 18.45 28.81
C LYS A 21 16.96 18.94 28.15
N SER A 22 17.73 19.75 28.88
CA SER A 22 19.00 20.27 28.40
C SER A 22 20.00 20.26 29.53
N ARG A 23 21.28 20.30 29.18
CA ARG A 23 22.37 20.18 30.16
C ARG A 23 23.32 21.36 30.00
N CYS A 24 23.75 21.92 31.13
CA CYS A 24 24.66 23.05 31.13
C CYS A 24 26.10 22.57 30.91
N ARG A 25 26.99 23.53 30.66
CA ARG A 25 28.40 23.19 30.45
C ARG A 25 28.96 22.39 31.61
N ASN A 26 28.51 22.69 32.84
CA ASN A 26 29.06 22.06 34.03
C ASN A 26 28.41 20.72 34.36
N GLY A 27 27.48 20.25 33.56
CA GLY A 27 26.85 18.97 33.83
C GLY A 27 25.47 19.04 34.45
N GLU A 28 25.09 20.22 34.94
CA GLU A 28 23.79 20.40 35.56
C GLU A 28 22.68 20.17 34.54
N THR A 29 21.64 19.45 34.98
CA THR A 29 20.48 19.14 34.15
C THR A 29 19.37 20.13 34.47
N VAL A 30 18.83 20.78 33.45
CA VAL A 30 17.78 21.76 33.57
C VAL A 30 16.60 21.34 32.72
N PHE A 31 15.41 21.36 33.30
CA PHE A 31 14.16 21.09 32.61
C PHE A 31 13.39 22.39 32.48
N ILE A 32 12.85 22.66 31.30
CA ILE A 32 12.04 23.85 31.08
C ILE A 32 10.69 23.41 30.56
N ARG A 33 9.63 23.96 31.17
CA ARG A 33 8.27 23.57 30.85
C ARG A 33 7.61 24.65 29.99
N PHE A 34 7.00 24.23 28.89
CA PHE A 34 6.36 25.14 27.96
C PHE A 34 4.87 24.82 27.89
N PRO A 35 4.02 25.83 27.73
CA PRO A 35 2.61 25.55 27.47
C PRO A 35 2.44 24.90 26.11
N HIS A 36 1.47 24.00 26.03
CA HIS A 36 1.19 23.28 24.78
C HIS A 36 -0.06 23.88 24.15
N TYR A 37 0.06 24.30 22.90
CA TYR A 37 -1.01 24.93 22.15
C TYR A 37 -1.39 24.10 20.93
N PHE A 38 -2.64 24.29 20.50
CA PHE A 38 -3.14 23.85 19.20
C PHE A 38 -3.00 25.00 18.22
N TYR A 39 -2.54 24.70 17.01
CA TYR A 39 -2.22 25.73 16.02
C TYR A 39 -3.16 25.63 14.84
N TYR A 40 -3.75 26.76 14.44
CA TYR A 40 -4.63 26.83 13.28
C TYR A 40 -4.23 27.99 12.38
N VAL A 41 -4.36 27.80 11.06
CA VAL A 41 -4.05 28.84 10.09
C VAL A 41 -5.34 29.24 9.39
N VAL A 42 -5.71 30.52 9.48
CA VAL A 42 -6.95 30.99 8.88
C VAL A 42 -6.68 32.27 8.09
N THR A 43 -7.60 32.63 7.22
CA THR A 43 -7.49 33.89 6.51
C THR A 43 -7.95 35.04 7.41
N ASP A 44 -7.66 36.27 6.97
CA ASP A 44 -8.10 37.44 7.72
C ASP A 44 -9.62 37.49 7.84
N GLU A 45 -10.33 37.13 6.78
CA GLU A 45 -11.80 37.17 6.82
C GLU A 45 -12.33 36.21 7.88
N ILE A 46 -11.70 35.05 8.03
CA ILE A 46 -12.08 34.12 9.09
C ILE A 46 -11.63 34.63 10.46
N TYR A 47 -10.39 35.11 10.58
CA TYR A 47 -9.90 35.55 11.87
C TYR A 47 -10.86 36.52 12.54
N GLN A 48 -11.37 37.50 11.78
CA GLN A 48 -12.26 38.49 12.35
C GLN A 48 -13.71 38.02 12.44
N SER A 49 -14.00 36.79 12.04
CA SER A 49 -15.35 36.25 12.01
C SER A 49 -15.48 35.01 12.89
N LEU A 50 -14.75 34.98 14.00
CA LEU A 50 -14.82 33.90 14.97
C LEU A 50 -15.62 34.37 16.17
N SER A 51 -16.73 33.71 16.45
CA SER A 51 -17.55 34.07 17.60
C SER A 51 -16.78 33.89 18.91
N PRO A 52 -16.24 32.71 19.22
CA PRO A 52 -15.34 32.62 20.37
C PRO A 52 -14.02 33.29 20.08
N PRO A 53 -13.65 34.30 20.86
CA PRO A 53 -12.38 35.00 20.61
C PRO A 53 -11.21 34.04 20.70
N PRO A 54 -10.20 34.23 19.85
CA PRO A 54 -8.99 33.41 19.96
C PRO A 54 -8.18 33.77 21.19
N PHE A 55 -7.49 32.77 21.74
CA PHE A 55 -6.59 33.00 22.86
C PHE A 55 -5.45 33.92 22.46
N ASN A 56 -4.75 33.60 21.39
CA ASN A 56 -3.69 34.43 20.86
C ASN A 56 -3.55 34.17 19.37
N ALA A 57 -2.94 35.11 18.67
CA ALA A 57 -2.70 34.96 17.25
C ALA A 57 -1.63 35.96 16.83
N ARG A 58 -0.88 35.59 15.78
CA ARG A 58 0.06 36.51 15.18
C ARG A 58 -0.06 36.44 13.66
N PRO A 59 0.08 37.58 12.99
CA PRO A 59 0.07 37.57 11.53
C PRO A 59 1.18 36.70 10.96
N MET A 60 0.89 36.07 9.83
CA MET A 60 1.85 35.28 9.09
C MET A 60 2.37 36.02 7.87
N GLY A 61 1.80 37.17 7.55
CA GLY A 61 2.15 37.90 6.35
C GLY A 61 1.13 37.73 5.25
N LYS A 62 1.52 38.00 4.01
CA LYS A 62 0.59 38.02 2.88
C LYS A 62 0.93 36.80 2.02
N MET A 63 0.13 35.76 2.15
CA MET A 63 0.44 34.49 1.50
C MET A 63 -0.50 34.22 0.34
N ARG A 64 0.05 33.60 -0.69
CA ARG A 64 -0.68 33.26 -1.90
C ARG A 64 -1.21 31.83 -1.77
N THR A 65 -2.51 31.69 -1.95
CA THR A 65 -3.19 30.39 -1.86
C THR A 65 -3.48 29.89 -3.27
N ILE A 66 -2.98 28.70 -3.58
CA ILE A 66 -3.05 28.15 -4.93
C ILE A 66 -3.84 26.85 -4.89
N ASP A 67 -4.86 26.74 -5.73
CA ASP A 67 -5.61 25.51 -5.90
C ASP A 67 -4.86 24.61 -6.87
N ILE A 68 -4.34 23.50 -6.39
CA ILE A 68 -3.39 22.70 -7.14
C ILE A 68 -4.05 21.42 -7.65
N ASP A 69 -5.37 21.48 -7.83
CA ASP A 69 -6.08 20.36 -8.44
C ASP A 69 -5.75 20.28 -9.93
N GLU A 70 -5.94 19.10 -10.50
CA GLU A 70 -5.58 18.82 -11.88
C GLU A 70 -6.82 18.54 -12.70
N THR A 71 -6.91 19.18 -13.88
CA THR A 71 -7.95 18.91 -14.85
C THR A 71 -7.34 18.77 -16.24
N ILE A 72 -8.05 18.06 -17.12
CA ILE A 72 -7.62 17.91 -18.50
C ILE A 72 -8.58 18.69 -19.41
N SER A 73 -8.04 19.27 -20.49
CA SER A 73 -8.84 19.97 -21.48
C SER A 73 -8.56 19.38 -22.86
N TYR A 74 -9.54 19.48 -23.74
CA TYR A 74 -9.40 19.02 -25.12
C TYR A 74 -9.02 20.14 -26.09
N ASN A 75 -8.72 21.33 -25.59
CA ASN A 75 -8.28 22.43 -26.45
C ASN A 75 -7.38 23.34 -25.61
N LEU A 76 -6.95 24.43 -26.23
CA LEU A 76 -5.99 25.34 -25.60
C LEU A 76 -6.64 26.53 -24.90
N ASP A 77 -7.95 26.51 -24.65
CA ASP A 77 -8.56 27.58 -23.86
C ASP A 77 -8.36 27.37 -22.37
N ILE A 78 -7.10 27.44 -21.94
CA ILE A 78 -6.78 27.18 -20.54
C ILE A 78 -6.87 28.47 -19.74
N LYS A 79 -7.64 28.43 -18.67
CA LYS A 79 -7.80 29.59 -17.80
C LYS A 79 -6.72 29.59 -16.73
N ASP A 80 -6.47 30.77 -16.17
CA ASP A 80 -5.49 30.89 -15.09
C ASP A 80 -5.88 30.04 -13.90
N ARG A 81 -4.87 29.44 -13.27
CA ARG A 81 -5.11 28.63 -12.07
C ARG A 81 -5.67 29.50 -10.97
N LYS A 82 -6.71 29.00 -10.30
CA LYS A 82 -7.41 29.80 -9.28
C LYS A 82 -6.41 30.09 -8.17
N CYS A 83 -6.17 31.38 -7.93
CA CYS A 83 -5.23 31.83 -6.91
C CYS A 83 -5.77 33.08 -6.23
N SER A 84 -5.46 33.22 -4.94
CA SER A 84 -5.78 34.42 -4.19
C SER A 84 -4.61 34.78 -3.29
N VAL A 85 -4.56 36.04 -2.86
CA VAL A 85 -3.56 36.51 -1.91
C VAL A 85 -4.31 37.18 -0.77
N ALA A 86 -3.98 36.81 0.47
CA ALA A 86 -4.68 37.40 1.61
C ALA A 86 -3.77 37.38 2.83
N ASP A 87 -4.08 38.29 3.76
CA ASP A 87 -3.47 38.26 5.08
C ASP A 87 -3.86 36.97 5.80
N MET A 88 -2.87 36.28 6.36
CA MET A 88 -3.11 35.07 7.12
C MET A 88 -2.76 35.28 8.58
N TRP A 89 -3.42 34.50 9.43
CA TRP A 89 -3.18 34.50 10.86
C TRP A 89 -2.85 33.08 11.29
N LEU A 90 -1.96 32.98 12.28
CA LEU A 90 -1.73 31.75 13.03
C LEU A 90 -2.32 31.89 14.42
N ILE A 91 -3.29 31.04 14.74
CA ILE A 91 -4.08 31.13 15.96
C ILE A 91 -3.60 30.04 16.91
N GLU A 92 -3.39 30.43 18.17
CA GLU A 92 -3.01 29.51 19.23
C GLU A 92 -4.19 29.31 20.18
N GLU A 93 -4.55 28.05 20.40
CA GLU A 93 -5.71 27.70 21.22
C GLU A 93 -5.27 26.68 22.26
N PRO A 94 -5.34 27.00 23.55
CA PRO A 94 -5.00 25.99 24.57
C PRO A 94 -5.81 24.72 24.42
N LYS A 95 -7.07 24.82 23.97
CA LYS A 95 -7.94 23.68 23.79
C LYS A 95 -8.26 23.50 22.31
N LYS A 96 -8.56 22.26 21.94
CA LYS A 96 -8.87 21.94 20.55
C LYS A 96 -10.13 22.67 20.09
N ARG A 97 -10.08 23.22 18.89
CA ARG A 97 -11.20 23.94 18.29
C ARG A 97 -11.44 23.38 16.90
N SER A 98 -12.62 23.65 16.36
CA SER A 98 -12.97 23.30 14.99
C SER A 98 -13.37 24.57 14.25
N ILE A 99 -12.56 24.96 13.26
CA ILE A 99 -12.80 26.16 12.49
C ILE A 99 -13.20 25.76 11.08
N GLN A 100 -14.28 26.38 10.59
CA GLN A 100 -14.90 25.94 9.34
C GLN A 100 -13.89 25.98 8.18
N ASN A 101 -13.04 26.99 8.15
CA ASN A 101 -12.12 27.22 7.05
C ASN A 101 -10.74 27.48 7.63
N ALA A 102 -10.10 26.42 8.12
CA ALA A 102 -8.72 26.46 8.57
C ALA A 102 -7.88 25.62 7.64
N THR A 103 -6.77 26.19 7.17
CA THR A 103 -5.92 25.53 6.20
C THR A 103 -4.66 25.03 6.88
N MET A 104 -3.77 24.42 6.09
CA MET A 104 -2.51 23.86 6.57
C MET A 104 -2.75 22.98 7.80
N ASP A 105 -3.77 22.14 7.69
CA ASP A 105 -4.18 21.27 8.78
C ASP A 105 -3.52 19.89 8.73
N GLU A 106 -2.57 19.68 7.82
CA GLU A 106 -1.85 18.43 7.74
C GLU A 106 -0.54 18.45 8.54
N PHE A 107 -0.24 19.56 9.22
CA PHE A 107 1.02 19.71 9.94
C PHE A 107 0.82 19.49 11.44
N PHE A 108 1.88 19.01 12.09
CA PHE A 108 1.82 18.66 13.49
C PHE A 108 1.90 19.91 14.36
N ASN A 109 1.30 19.86 15.53
CA ASN A 109 1.39 21.00 16.44
C ASN A 109 2.80 21.20 16.95
N ILE A 110 3.58 20.12 17.09
CA ILE A 110 4.97 20.24 17.52
C ILE A 110 5.80 20.93 16.44
N SER A 111 5.46 20.71 15.17
CA SER A 111 6.17 21.40 14.09
C SER A 111 5.90 22.90 14.13
N TRP A 112 4.67 23.29 14.40
CA TRP A 112 4.38 24.70 14.57
C TRP A 112 5.16 25.28 15.75
N PHE A 113 5.25 24.55 16.87
CA PHE A 113 6.00 25.05 18.02
C PHE A 113 7.42 25.40 17.63
N TYR A 114 8.13 24.47 16.98
CA TYR A 114 9.51 24.73 16.60
C TYR A 114 9.61 25.88 15.62
N ILE A 115 8.89 25.81 14.51
CA ILE A 115 9.11 26.73 13.41
C ILE A 115 8.66 28.15 13.76
N SER A 116 7.52 28.30 14.43
CA SER A 116 7.01 29.65 14.61
C SER A 116 7.62 30.33 15.84
N ASN A 117 8.60 29.65 16.44
CA ASN A 117 9.36 30.20 17.54
C ASN A 117 10.86 30.20 17.29
N GLY A 118 11.32 29.77 16.12
CA GLY A 118 12.73 29.79 15.80
C GLY A 118 13.58 28.84 16.61
N ILE A 119 13.02 27.71 17.03
CA ILE A 119 13.71 26.76 17.89
C ILE A 119 14.18 25.57 17.08
N SER A 120 15.48 25.25 17.20
CA SER A 120 16.07 24.05 16.65
C SER A 120 16.06 22.95 17.70
N PRO A 121 15.51 21.77 17.37
CA PRO A 121 15.42 20.71 18.39
C PRO A 121 16.74 20.36 19.06
N ASP A 122 17.86 20.43 18.34
CA ASP A 122 19.14 20.04 18.91
C ASP A 122 20.10 21.22 19.04
N GLY A 123 19.57 22.42 19.20
CA GLY A 123 20.41 23.59 19.29
C GLY A 123 21.12 23.69 20.64
N CYS A 124 21.98 24.69 20.74
CA CYS A 124 22.79 24.93 21.93
C CYS A 124 22.62 26.38 22.37
N TYR A 125 21.45 26.70 22.90
CA TYR A 125 21.03 28.08 23.12
C TYR A 125 21.60 28.62 24.44
N SER A 126 21.73 29.95 24.47
CA SER A 126 22.16 30.71 25.65
C SER A 126 20.93 31.45 26.14
N LEU A 127 20.19 30.84 27.07
CA LEU A 127 18.82 31.24 27.35
C LEU A 127 18.78 32.50 28.20
N ASP A 128 17.80 33.35 27.91
CA ASP A 128 17.59 34.61 28.61
C ASP A 128 16.83 34.35 29.91
N GLU A 129 17.46 34.62 31.03
CA GLU A 129 17.00 34.18 32.34
C GLU A 129 15.86 35.03 32.89
N GLN A 130 15.52 36.13 32.25
CA GLN A 130 14.43 36.98 32.71
C GLN A 130 13.05 36.44 32.36
N TYR A 131 12.96 35.40 31.53
CA TYR A 131 11.69 34.77 31.19
C TYR A 131 11.45 33.46 31.91
N LEU A 132 12.51 32.77 32.33
CA LEU A 132 12.37 31.51 33.03
C LEU A 132 11.96 31.74 34.47
N THR A 133 10.92 31.05 34.92
CA THR A 133 10.47 31.12 36.30
C THR A 133 10.77 29.79 36.99
N LYS A 134 11.42 29.86 38.15
CA LYS A 134 11.74 28.65 38.89
C LYS A 134 10.49 28.09 39.54
N ILE A 135 10.14 26.84 39.22
CA ILE A 135 8.96 26.20 39.77
C ILE A 135 9.30 24.97 40.60
N ASN A 136 10.49 24.40 40.45
CA ASN A 136 10.97 23.28 41.24
C ASN A 136 12.49 23.30 41.17
N ASN A 137 13.12 22.34 41.84
CA ASN A 137 14.58 22.31 41.90
C ASN A 137 15.15 21.91 40.55
N GLY A 138 15.75 22.85 39.85
CA GLY A 138 16.27 22.59 38.52
C GLY A 138 15.21 22.53 37.45
N CYS A 139 14.04 23.13 37.67
CA CYS A 139 12.95 23.07 36.71
C CYS A 139 12.33 24.46 36.58
N TYR A 140 12.19 24.94 35.35
CA TYR A 140 11.67 26.26 35.07
C TYR A 140 10.43 26.15 34.19
N HIS A 141 9.60 27.19 34.28
CA HIS A 141 8.49 27.39 33.36
C HIS A 141 8.79 28.60 32.49
N CYS A 142 8.50 28.47 31.19
CA CYS A 142 8.76 29.51 30.21
C CYS A 142 7.47 29.82 29.47
N ASP A 143 6.93 31.02 29.70
CA ASP A 143 5.73 31.46 29.02
C ASP A 143 6.00 32.22 27.73
N ASP A 144 7.26 32.42 27.37
CA ASP A 144 7.60 33.17 26.17
C ASP A 144 8.89 32.66 25.53
N PRO A 145 8.81 31.60 24.72
CA PRO A 145 10.03 31.07 24.10
C PRO A 145 10.62 31.97 23.03
N ARG A 146 9.83 32.86 22.42
CA ARG A 146 10.31 33.65 21.30
C ARG A 146 11.43 34.60 21.74
N ASN A 147 11.34 35.11 22.97
CA ASN A 147 12.36 36.01 23.51
C ASN A 147 13.31 35.30 24.47
N CYS A 148 13.26 33.98 24.52
CA CYS A 148 14.16 33.20 25.36
C CYS A 148 15.20 32.42 24.57
N PHE A 149 14.84 31.90 23.40
CA PHE A 149 15.75 31.13 22.55
C PHE A 149 16.27 31.97 21.39
N ALA A 150 16.31 33.29 21.56
CA ALA A 150 16.73 34.18 20.49
C ALA A 150 18.19 33.99 20.14
N LYS A 151 19.03 33.71 21.14
CA LYS A 151 20.48 33.64 20.92
C LYS A 151 20.97 32.20 20.95
N GLU A 152 21.62 31.79 19.88
CA GLU A 152 22.28 30.48 19.80
C GLU A 152 23.78 30.67 19.69
N ILE A 153 24.52 29.79 20.35
CA ILE A 153 25.97 29.88 20.41
C ILE A 153 26.54 28.62 19.79
N PRO A 154 27.84 28.61 19.49
CA PRO A 154 28.45 27.42 18.87
C PRO A 154 28.25 26.17 19.73
N ARG A 155 28.14 25.04 19.05
CA ARG A 155 27.90 23.76 19.73
C ARG A 155 29.05 23.39 20.65
N PHE A 156 28.72 22.84 21.80
CA PHE A 156 29.71 22.32 22.75
C PHE A 156 29.26 20.96 23.26
N ASP A 157 30.24 20.17 23.71
CA ASP A 157 29.99 18.80 24.15
C ASP A 157 29.63 18.75 25.63
N ILE A 158 28.86 17.73 26.00
CA ILE A 158 28.39 17.53 27.36
C ILE A 158 28.52 16.07 27.73
N PRO A 159 28.67 15.78 29.03
CA PRO A 159 28.62 14.39 29.49
C PRO A 159 27.21 13.82 29.43
N ARG A 160 27.16 12.49 29.26
CA ARG A 160 25.88 11.79 29.25
C ARG A 160 26.02 10.48 30.01
N SER A 161 24.95 10.04 30.65
CA SER A 161 24.93 8.79 31.41
C SER A 161 24.12 7.75 30.67
N TYR A 162 24.53 6.49 30.81
CA TYR A 162 23.91 5.38 30.10
C TYR A 162 23.66 4.23 31.05
N LEU A 163 22.65 3.43 30.73
CA LEU A 163 22.43 2.15 31.40
C LEU A 163 22.18 1.10 30.33
N PHE A 164 22.99 0.06 30.33
CA PHE A 164 22.80 -1.11 29.49
C PHE A 164 22.48 -2.30 30.39
N LEU A 165 21.41 -3.03 30.04
CA LEU A 165 20.97 -4.10 30.92
C LEU A 165 20.63 -5.34 30.12
N ALA A 166 20.75 -6.50 30.77
CA ALA A 166 20.31 -7.77 30.24
C ALA A 166 19.98 -8.69 31.41
N ILE A 167 19.09 -9.66 31.16
CA ILE A 167 18.73 -10.63 32.17
C ILE A 167 18.82 -12.04 31.58
N ALA A 168 18.86 -13.02 32.48
CA ALA A 168 18.76 -14.44 32.12
C ALA A 168 17.75 -15.09 33.05
N CYS A 169 16.79 -15.80 32.48
CA CYS A 169 15.72 -16.43 33.24
C CYS A 169 15.79 -17.95 33.15
N HIS A 170 15.24 -18.61 34.16
CA HIS A 170 15.24 -20.06 34.22
C HIS A 170 14.47 -20.63 33.02
N PHE A 171 15.05 -21.64 32.39
CA PHE A 171 14.42 -22.27 31.23
C PHE A 171 14.32 -23.76 31.49
N ASP A 172 13.10 -24.29 31.53
CA ASP A 172 12.92 -25.72 31.68
C ASP A 172 12.79 -26.41 30.32
N LYS A 173 11.58 -26.42 29.75
CA LYS A 173 11.37 -26.95 28.41
C LYS A 173 10.45 -26.03 27.61
N LYS A 174 10.32 -24.79 28.05
CA LYS A 174 9.38 -23.87 27.40
C LYS A 174 9.91 -22.45 27.59
N PHE A 175 9.37 -21.50 26.84
CA PHE A 175 9.77 -20.12 26.98
C PHE A 175 9.50 -19.66 28.41
N PRO A 176 10.40 -18.88 29.01
CA PRO A 176 10.23 -18.49 30.41
C PRO A 176 8.88 -17.81 30.61
N SER A 177 8.20 -18.18 31.69
CA SER A 177 6.92 -17.60 32.07
C SER A 177 7.06 -16.93 33.41
N VAL A 178 6.56 -15.69 33.51
CA VAL A 178 6.67 -14.92 34.74
C VAL A 178 5.96 -15.57 35.91
N PHE A 179 5.04 -16.51 35.66
CA PHE A 179 4.30 -17.14 36.74
C PHE A 179 5.01 -18.33 37.36
N ILE A 180 6.01 -18.90 36.67
CA ILE A 180 6.66 -20.12 37.09
C ILE A 180 8.17 -19.96 37.22
N ASN A 181 8.81 -19.35 36.23
CA ASN A 181 10.26 -19.42 36.05
C ASN A 181 10.94 -18.23 36.69
N PRO A 182 11.79 -18.44 37.69
CA PRO A 182 12.51 -17.34 38.34
C PRO A 182 13.62 -16.78 37.47
N ILE A 183 14.07 -15.58 37.82
CA ILE A 183 15.21 -14.93 37.18
C ILE A 183 16.49 -15.37 37.88
N SER A 184 17.50 -15.73 37.10
CA SER A 184 18.73 -16.26 37.66
C SER A 184 19.83 -15.19 37.72
N HIS A 185 19.97 -14.38 36.67
CA HIS A 185 21.02 -13.39 36.59
C HIS A 185 20.47 -12.07 36.06
N THR A 186 21.03 -10.98 36.57
CA THR A 186 20.81 -9.65 36.01
C THR A 186 22.14 -8.92 35.94
N SER A 187 22.45 -8.35 34.77
CA SER A 187 23.71 -7.66 34.56
C SER A 187 23.47 -6.22 34.14
N TYR A 188 24.37 -5.33 34.53
CA TYR A 188 24.32 -3.94 34.09
C TYR A 188 25.71 -3.47 33.67
N CYS A 189 25.71 -2.52 32.74
CA CYS A 189 26.85 -1.66 32.44
C CYS A 189 26.40 -0.25 32.82
N TYR A 190 26.88 0.23 33.95
CA TYR A 190 26.47 1.51 34.53
C TYR A 190 27.55 2.54 34.22
N ILE A 191 27.17 3.57 33.46
CA ILE A 191 28.06 4.65 33.07
C ILE A 191 27.48 5.95 33.60
N ASP A 192 28.30 6.72 34.31
CA ASP A 192 27.81 7.96 34.92
C ASP A 192 28.37 9.14 34.13
N LEU A 193 28.00 10.35 34.58
CA LEU A 193 28.45 11.55 33.88
C LEU A 193 29.95 11.74 34.00
N SER A 194 30.58 11.19 35.04
CA SER A 194 32.02 11.29 35.18
C SER A 194 32.77 10.44 34.16
N GLY A 195 32.08 9.54 33.47
CA GLY A 195 32.71 8.60 32.57
C GLY A 195 33.14 7.29 33.19
N LYS A 196 33.01 7.12 34.49
CA LYS A 196 33.41 5.88 35.14
C LYS A 196 32.41 4.78 34.83
N ARG A 197 32.90 3.65 34.33
CA ARG A 197 32.08 2.52 33.93
C ARG A 197 32.13 1.47 35.04
N LEU A 198 30.96 1.02 35.50
CA LEU A 198 30.85 -0.03 36.49
C LEU A 198 30.19 -1.25 35.88
N LEU A 199 30.89 -2.38 35.89
CA LEU A 199 30.38 -3.63 35.33
C LEU A 199 30.09 -4.59 36.48
N PHE A 200 28.84 -5.05 36.59
CA PHE A 200 28.55 -6.02 37.63
C PHE A 200 27.38 -6.91 37.23
N THR A 201 27.35 -8.11 37.82
CA THR A 201 26.29 -9.08 37.64
C THR A 201 25.76 -9.52 38.99
N LEU A 202 24.44 -9.61 39.11
CA LEU A 202 23.77 -10.11 40.31
C LEU A 202 23.36 -11.56 40.08
N ILE A 203 23.61 -12.39 41.09
CA ILE A 203 23.33 -13.82 41.03
C ILE A 203 22.23 -14.13 42.04
N ASN A 204 21.22 -14.90 41.61
CA ASN A 204 20.15 -15.31 42.49
C ASN A 204 20.64 -16.41 43.42
N GLU A 205 20.77 -16.10 44.71
CA GLU A 205 21.30 -17.02 45.69
C GLU A 205 20.34 -18.15 46.05
N GLU A 206 19.05 -18.01 45.73
CA GLU A 206 18.05 -18.99 46.15
C GLU A 206 18.05 -20.22 45.28
N MET A 207 18.88 -20.25 44.25
CA MET A 207 19.08 -21.44 43.43
C MET A 207 20.29 -22.25 43.84
N LEU A 208 21.06 -21.79 44.82
CA LEU A 208 22.27 -22.44 45.30
C LEU A 208 22.02 -22.99 46.70
N THR A 209 22.74 -24.06 47.03
CA THR A 209 22.65 -24.65 48.36
C THR A 209 23.49 -23.84 49.33
N GLU A 210 23.35 -24.09 50.63
CA GLU A 210 24.10 -23.36 51.64
C GLU A 210 25.61 -23.54 51.44
N GLN A 211 26.04 -24.73 51.05
CA GLN A 211 27.46 -24.96 50.82
C GLN A 211 27.95 -24.19 49.59
N GLU A 212 27.14 -24.15 48.53
CA GLU A 212 27.54 -23.43 47.33
C GLU A 212 27.64 -21.94 47.59
N ILE A 213 26.72 -21.39 48.40
CA ILE A 213 26.77 -19.97 48.71
C ILE A 213 28.00 -19.65 49.57
N GLN A 214 28.27 -20.49 50.57
CA GLN A 214 29.42 -20.27 51.43
C GLN A 214 30.72 -20.27 50.63
N GLU A 215 30.84 -21.17 49.66
CA GLU A 215 32.03 -21.13 48.81
C GLU A 215 32.04 -19.90 47.89
N ALA A 216 30.88 -19.46 47.41
CA ALA A 216 30.83 -18.26 46.58
C ALA A 216 31.44 -17.06 47.30
N VAL A 217 31.09 -16.86 48.57
CA VAL A 217 31.60 -15.70 49.30
C VAL A 217 33.09 -15.84 49.55
N ASP A 218 33.53 -17.02 49.99
CA ASP A 218 34.95 -17.21 50.30
C ASP A 218 35.82 -17.11 49.05
N ARG A 219 35.24 -17.32 47.86
CA ARG A 219 35.96 -17.20 46.60
C ARG A 219 35.89 -15.80 46.02
N GLY A 220 35.37 -14.83 46.77
CA GLY A 220 35.39 -13.45 46.34
C GLY A 220 34.09 -12.94 45.76
N CYS A 221 32.99 -13.14 46.49
CA CYS A 221 31.69 -12.64 46.09
C CYS A 221 31.05 -11.94 47.28
N LEU A 222 30.33 -10.85 47.02
CA LEU A 222 29.59 -10.18 48.08
C LEU A 222 28.22 -10.81 48.24
N ARG A 223 27.77 -10.93 49.49
CA ARG A 223 26.45 -11.47 49.81
C ARG A 223 25.69 -10.40 50.58
N ILE A 224 24.73 -9.77 49.91
CA ILE A 224 23.98 -8.67 50.49
C ILE A 224 22.63 -9.18 50.99
N GLN A 225 22.19 -8.65 52.11
CA GLN A 225 20.93 -9.06 52.72
C GLN A 225 19.74 -8.26 52.21
N SER A 226 19.95 -7.02 51.77
CA SER A 226 18.85 -6.16 51.35
C SER A 226 19.39 -5.13 50.38
N LEU A 227 18.51 -4.25 49.91
CA LEU A 227 18.89 -3.27 48.91
C LEU A 227 19.95 -2.30 49.43
N MET A 228 19.93 -1.98 50.72
CA MET A 228 20.81 -0.97 51.29
C MET A 228 22.23 -1.46 51.52
N GLU A 229 22.56 -2.70 51.16
CA GLU A 229 23.91 -3.22 51.27
C GLU A 229 24.55 -3.41 49.90
N MET A 230 23.90 -2.91 48.85
CA MET A 230 24.40 -3.08 47.49
C MET A 230 25.60 -2.18 47.25
N ASP A 231 26.60 -2.73 46.56
CA ASP A 231 27.81 -1.99 46.19
C ASP A 231 28.03 -2.17 44.70
N TYR A 232 27.90 -1.07 43.95
CA TYR A 232 27.98 -1.15 42.50
C TYR A 232 29.40 -1.34 41.98
N GLU A 233 30.40 -1.26 42.85
CA GLU A 233 31.79 -1.43 42.46
C GLU A 233 32.29 -2.85 42.66
N ARG A 234 31.41 -3.80 42.95
CA ARG A 234 31.77 -5.21 43.07
C ARG A 234 31.26 -5.97 41.85
N GLU A 235 32.13 -6.82 41.29
CA GLU A 235 31.78 -7.54 40.08
C GLU A 235 30.65 -8.55 40.27
N LEU A 236 30.62 -9.25 41.41
CA LEU A 236 29.59 -10.27 41.65
C LEU A 236 28.95 -10.07 43.01
N VAL A 237 27.62 -10.07 43.04
CA VAL A 237 26.86 -9.98 44.27
C VAL A 237 25.79 -11.07 44.26
N LEU A 238 25.63 -11.77 45.37
CA LEU A 238 24.58 -12.75 45.55
C LEU A 238 23.47 -12.16 46.41
N CYS A 239 22.22 -12.36 45.99
CA CYS A 239 21.09 -11.90 46.77
C CYS A 239 19.84 -12.66 46.38
N SER A 240 18.77 -12.46 47.15
CA SER A 240 17.51 -13.11 46.90
C SER A 240 16.85 -12.51 45.66
N GLU A 241 15.84 -13.21 45.13
CA GLU A 241 15.18 -12.73 43.93
C GLU A 241 14.51 -11.38 44.16
N ILE A 242 13.95 -11.17 45.35
CA ILE A 242 13.31 -9.89 45.65
C ILE A 242 14.31 -8.75 45.58
N VAL A 243 15.52 -8.98 46.10
CA VAL A 243 16.55 -7.95 46.05
C VAL A 243 16.98 -7.69 44.61
N LEU A 244 17.08 -8.74 43.79
CA LEU A 244 17.42 -8.57 42.38
C LEU A 244 16.48 -7.57 41.71
N LEU A 245 15.17 -7.70 41.99
CA LEU A 245 14.20 -6.85 41.32
C LEU A 245 14.12 -5.47 41.94
N ARG A 246 14.36 -5.35 43.25
CA ARG A 246 14.38 -4.03 43.86
C ARG A 246 15.57 -3.20 43.40
N ILE A 247 16.71 -3.86 43.14
CA ILE A 247 17.84 -3.16 42.53
C ILE A 247 17.50 -2.76 41.10
N ALA A 248 16.85 -3.67 40.36
CA ALA A 248 16.49 -3.38 38.97
C ALA A 248 15.62 -2.15 38.85
N LYS A 249 14.62 -1.99 39.72
CA LYS A 249 13.76 -0.81 39.69
C LYS A 249 14.45 0.43 40.24
N GLN A 250 15.35 0.28 41.21
CA GLN A 250 16.11 1.44 41.65
C GLN A 250 16.94 2.05 40.53
N LEU A 251 17.46 1.24 39.61
CA LEU A 251 18.23 1.81 38.51
C LEU A 251 17.32 2.33 37.40
N LEU A 252 16.25 1.62 37.09
CA LEU A 252 15.37 2.02 36.00
C LEU A 252 14.64 3.32 36.28
N GLU A 253 14.43 3.66 37.55
CA GLU A 253 13.77 4.91 37.90
C GLU A 253 14.70 6.11 37.90
N LEU A 254 15.99 5.91 37.63
CA LEU A 254 16.93 7.01 37.59
C LEU A 254 16.84 7.74 36.25
N THR A 255 17.15 9.04 36.29
CA THR A 255 17.07 9.89 35.11
C THR A 255 18.35 9.73 34.29
N PHE A 256 18.47 8.59 33.64
CA PHE A 256 19.52 8.39 32.66
C PHE A 256 19.21 9.17 31.40
N ASP A 257 20.23 9.39 30.59
CA ASP A 257 19.99 9.96 29.28
C ASP A 257 19.48 8.91 28.31
N TYR A 258 20.05 7.71 28.35
CA TYR A 258 19.59 6.58 27.56
C TYR A 258 19.56 5.35 28.45
N VAL A 259 18.53 4.53 28.28
CA VAL A 259 18.47 3.19 28.86
C VAL A 259 18.34 2.23 27.69
N VAL A 260 19.41 1.53 27.37
CA VAL A 260 19.55 0.86 26.08
C VAL A 260 19.53 -0.65 26.29
N THR A 261 18.67 -1.33 25.53
CA THR A 261 18.50 -2.76 25.59
C THR A 261 18.39 -3.29 24.18
N PHE A 262 18.44 -4.62 24.04
CA PHE A 262 18.20 -5.28 22.76
C PHE A 262 17.01 -6.21 22.93
N ASN A 263 15.88 -5.84 22.31
CA ASN A 263 14.64 -6.60 22.41
C ASN A 263 14.20 -6.72 23.87
N GLY A 264 14.45 -5.67 24.64
CA GLY A 264 14.15 -5.68 26.05
C GLY A 264 12.82 -5.06 26.38
N HIS A 265 12.16 -4.47 25.39
CA HIS A 265 10.84 -3.90 25.61
C HIS A 265 9.77 -5.00 25.65
N ASN A 266 9.97 -6.06 24.88
CA ASN A 266 9.02 -7.15 24.87
C ASN A 266 9.31 -8.17 25.96
N PHE A 267 10.58 -8.37 26.32
CA PHE A 267 10.95 -9.41 27.28
C PHE A 267 11.59 -8.86 28.55
N ASP A 268 12.75 -8.20 28.45
CA ASP A 268 13.51 -7.87 29.65
C ASP A 268 12.69 -7.03 30.62
N LEU A 269 12.17 -5.90 30.16
CA LEU A 269 11.42 -5.02 31.05
C LEU A 269 10.05 -5.60 31.38
N ARG A 270 9.46 -6.33 30.43
CA ARG A 270 8.16 -6.94 30.69
C ARG A 270 8.25 -8.00 31.79
N TYR A 271 9.26 -8.86 31.74
CA TYR A 271 9.44 -9.86 32.80
C TYR A 271 9.67 -9.19 34.14
N ILE A 272 10.58 -8.21 34.20
CA ILE A 272 10.88 -7.58 35.48
C ILE A 272 9.63 -6.94 36.07
N THR A 273 8.85 -6.24 35.23
CA THR A 273 7.65 -5.59 35.73
C THR A 273 6.65 -6.60 36.28
N ASN A 274 6.37 -7.67 35.52
CA ASN A 274 5.36 -8.63 35.94
C ASN A 274 5.86 -9.51 37.08
N ARG A 275 7.12 -9.94 37.03
CA ARG A 275 7.63 -10.78 38.11
C ARG A 275 7.69 -10.05 39.43
N LEU A 276 8.05 -8.76 39.44
CA LEU A 276 8.01 -7.99 40.67
C LEU A 276 6.60 -7.89 41.23
N GLU A 277 5.63 -7.56 40.38
CA GLU A 277 4.25 -7.41 40.84
C GLU A 277 3.73 -8.69 41.47
N LEU A 278 4.12 -9.86 40.92
CA LEU A 278 3.68 -11.12 41.49
C LEU A 278 4.29 -11.36 42.86
N LEU A 279 5.57 -11.02 43.02
CA LEU A 279 6.26 -11.36 44.27
C LEU A 279 5.94 -10.35 45.37
N THR A 280 5.97 -9.06 45.05
CA THR A 280 5.75 -8.02 46.05
C THR A 280 4.84 -6.95 45.47
N GLY A 281 4.20 -6.20 46.35
CA GLY A 281 3.33 -5.12 45.91
C GLY A 281 4.09 -3.85 45.58
N GLU A 282 5.01 -3.92 44.64
CA GLU A 282 5.86 -2.79 44.29
C GLU A 282 5.69 -2.44 42.82
N LYS A 283 5.82 -1.14 42.52
CA LYS A 283 5.66 -0.61 41.18
C LYS A 283 6.90 0.14 40.75
N ILE A 284 7.12 0.20 39.44
CA ILE A 284 8.20 1.02 38.87
C ILE A 284 7.55 2.33 38.42
N ILE A 285 7.85 3.41 39.13
CA ILE A 285 7.11 4.66 39.01
C ILE A 285 8.01 5.71 38.37
N PHE A 286 7.52 6.32 37.30
CA PHE A 286 8.19 7.44 36.66
C PHE A 286 7.51 8.74 37.07
N ARG A 287 8.27 9.81 37.15
CA ARG A 287 7.71 11.11 37.53
C ARG A 287 8.20 12.16 36.55
N SER A 288 7.34 13.12 36.29
CA SER A 288 7.72 14.22 35.43
C SER A 288 8.65 15.18 36.17
N PRO A 289 9.43 15.98 35.45
CA PRO A 289 10.39 16.88 36.12
C PRO A 289 9.78 17.78 37.17
N ASP A 290 8.54 18.23 36.95
CA ASP A 290 7.87 19.13 37.87
C ASP A 290 6.98 18.40 38.87
N LYS A 291 7.02 17.06 38.89
CA LYS A 291 6.24 16.23 39.82
C LYS A 291 4.74 16.47 39.70
N LYS A 292 4.23 16.72 38.50
CA LYS A 292 2.79 16.80 38.28
C LYS A 292 2.19 15.52 37.73
N GLU A 293 3.01 14.54 37.37
CA GLU A 293 2.50 13.24 36.95
C GLU A 293 3.30 12.16 37.64
N ALA A 294 2.65 11.00 37.81
CA ALA A 294 3.37 9.79 38.22
C ALA A 294 2.68 8.60 37.56
N VAL A 295 3.45 7.81 36.81
CA VAL A 295 2.91 6.69 36.06
C VAL A 295 3.75 5.46 36.37
N HIS A 296 3.14 4.30 36.20
CA HIS A 296 3.81 3.02 36.41
C HIS A 296 4.29 2.48 35.07
N LEU A 297 5.42 1.79 35.08
CA LEU A 297 5.90 1.16 33.86
C LEU A 297 4.88 0.16 33.37
N CYS A 298 4.49 0.28 32.09
CA CYS A 298 3.56 -0.66 31.47
C CYS A 298 3.81 -0.62 29.97
N ILE A 299 4.46 -1.65 29.46
CA ILE A 299 4.85 -1.67 28.05
C ILE A 299 3.60 -1.77 27.19
N TYR A 300 3.50 -0.90 26.20
CA TYR A 300 2.34 -0.93 25.31
C TYR A 300 2.80 -1.18 23.89
N GLU A 301 1.84 -1.37 22.99
CA GLU A 301 2.11 -1.84 21.65
C GLU A 301 1.67 -0.81 20.62
N ARG A 302 2.50 -0.64 19.60
CA ARG A 302 2.17 0.21 18.47
C ARG A 302 2.25 -0.62 17.20
N ASN A 303 1.17 -0.66 16.44
CA ASN A 303 1.06 -1.48 15.25
C ASN A 303 1.31 -0.66 14.00
N GLN A 304 1.78 -1.33 12.96
CA GLN A 304 2.01 -0.68 11.67
C GLN A 304 1.24 -1.44 10.60
N SER A 305 0.26 -0.79 10.00
CA SER A 305 -0.54 -1.41 8.94
C SER A 305 0.01 -0.98 7.58
N SER A 306 -0.45 -1.65 6.52
CA SER A 306 -0.09 -1.31 5.16
C SER A 306 -1.01 -0.22 4.62
N HIS A 307 -0.66 0.30 3.44
CA HIS A 307 -1.30 1.50 2.90
C HIS A 307 -2.45 1.16 1.96
N LYS A 308 -2.81 -0.11 1.85
CA LYS A 308 -3.84 -0.57 0.93
C LYS A 308 -5.17 -0.70 1.71
N GLY A 309 -6.13 -1.44 1.16
CA GLY A 309 -7.46 -1.50 1.71
C GLY A 309 -7.65 -2.69 2.63
N VAL A 310 -8.01 -3.84 2.06
CA VAL A 310 -8.34 -5.04 2.83
C VAL A 310 -7.10 -5.58 3.57
N CYS A 311 -5.95 -4.98 3.28
CA CYS A 311 -4.66 -5.32 3.87
C CYS A 311 -4.67 -5.35 5.40
N GLY A 312 -3.79 -6.18 5.98
CA GLY A 312 -3.64 -6.28 7.42
C GLY A 312 -2.38 -5.59 7.91
N MET A 313 -1.96 -6.00 9.11
CA MET A 313 -0.77 -5.44 9.74
C MET A 313 0.50 -6.13 9.25
N ALA A 314 1.58 -5.36 9.14
CA ALA A 314 2.84 -5.90 8.66
C ALA A 314 4.03 -5.55 9.55
N ASN A 315 3.82 -4.97 10.73
CA ASN A 315 4.88 -4.84 11.71
C ASN A 315 4.27 -4.50 13.07
N THR A 316 5.10 -4.56 14.11
CA THR A 316 4.70 -4.15 15.44
C THR A 316 5.94 -3.84 16.26
N THR A 317 5.85 -2.83 17.12
CA THR A 317 6.92 -2.46 18.04
C THR A 317 6.34 -2.21 19.42
N PHE A 318 7.20 -2.28 20.44
CA PHE A 318 6.79 -2.05 21.81
C PHE A 318 7.53 -0.86 22.39
N HIS A 319 6.84 -0.10 23.22
CA HIS A 319 7.32 1.20 23.70
C HIS A 319 7.11 1.32 25.19
N VAL A 320 7.98 2.10 25.83
CA VAL A 320 7.90 2.37 27.26
C VAL A 320 7.07 3.64 27.43
N ASN A 321 6.26 3.66 28.50
CA ASN A 321 5.35 4.77 28.74
C ASN A 321 5.89 5.72 29.80
N ASN A 322 7.21 5.94 29.80
CA ASN A 322 7.80 6.81 30.82
C ASN A 322 7.54 8.28 30.50
N ASN A 323 7.52 9.10 31.54
CA ASN A 323 7.29 10.53 31.42
C ASN A 323 8.36 11.32 32.18
N ASN A 324 9.55 10.74 32.33
CA ASN A 324 10.60 11.33 33.13
C ASN A 324 11.74 11.90 32.31
N GLY A 325 11.59 11.98 30.99
CA GLY A 325 12.62 12.59 30.17
C GLY A 325 13.79 11.66 29.93
N THR A 326 13.49 10.38 29.70
CA THR A 326 14.50 9.38 29.43
C THR A 326 14.10 8.66 28.16
N ILE A 327 15.08 8.37 27.31
CA ILE A 327 14.86 7.64 26.07
C ILE A 327 15.17 6.17 26.35
N PHE A 328 14.14 5.34 26.34
CA PHE A 328 14.34 3.90 26.40
C PHE A 328 14.53 3.37 24.99
N PHE A 329 15.78 3.25 24.55
CA PHE A 329 16.08 2.90 23.18
C PHE A 329 16.30 1.40 23.04
N ASP A 330 15.72 0.82 22.01
CA ASP A 330 15.73 -0.63 21.80
C ASP A 330 16.41 -0.89 20.46
N LEU A 331 17.57 -1.56 20.50
CA LEU A 331 18.33 -1.83 19.28
C LEU A 331 17.60 -2.77 18.33
N TYR A 332 16.68 -3.60 18.84
CA TYR A 332 16.07 -4.62 18.00
C TYR A 332 15.29 -4.00 16.85
N SER A 333 14.38 -3.08 17.15
CA SER A 333 13.58 -2.45 16.11
C SER A 333 14.41 -1.48 15.27
N PHE A 334 15.41 -0.84 15.89
CA PHE A 334 16.28 0.06 15.16
C PHE A 334 17.04 -0.67 14.07
N ILE A 335 17.66 -1.80 14.42
CA ILE A 335 18.45 -2.53 13.43
C ILE A 335 17.54 -3.12 12.36
N GLN A 336 16.40 -3.70 12.75
CA GLN A 336 15.52 -4.32 11.77
C GLN A 336 15.09 -3.32 10.70
N LYS A 337 14.88 -2.07 11.09
CA LYS A 337 14.45 -1.05 10.14
C LYS A 337 15.61 -0.45 9.34
N SER A 338 16.85 -0.78 9.64
CA SER A 338 17.99 -0.14 8.99
C SER A 338 19.09 -1.14 8.67
N GLU A 339 18.73 -2.40 8.48
CA GLU A 339 19.73 -3.44 8.21
C GLU A 339 19.10 -4.57 7.43
N LYS A 340 19.94 -5.31 6.71
CA LYS A 340 19.52 -6.42 5.86
C LYS A 340 20.21 -7.68 6.38
N LEU A 341 19.41 -8.59 6.93
CA LEU A 341 19.91 -9.86 7.44
C LEU A 341 18.94 -10.98 7.08
N ASP A 342 19.47 -12.21 7.06
CA ASP A 342 18.60 -13.38 7.02
C ASP A 342 17.70 -13.44 8.23
N SER A 343 18.22 -13.06 9.40
CA SER A 343 17.42 -12.92 10.61
C SER A 343 18.06 -11.89 11.52
N TYR A 344 17.23 -11.24 12.34
CA TYR A 344 17.67 -10.13 13.17
C TYR A 344 17.77 -10.62 14.61
N LYS A 345 18.82 -11.38 14.89
CA LYS A 345 19.09 -11.89 16.22
C LYS A 345 20.42 -11.34 16.70
N LEU A 346 20.56 -11.22 18.03
CA LEU A 346 21.75 -10.61 18.62
C LEU A 346 23.03 -11.28 18.16
N ASP A 347 23.03 -12.61 18.02
CA ASP A 347 24.23 -13.33 17.61
C ASP A 347 24.52 -13.10 16.13
N SER A 348 23.48 -13.08 15.30
CA SER A 348 23.68 -12.87 13.87
C SER A 348 24.20 -11.46 13.59
N ILE A 349 23.72 -10.47 14.34
CA ILE A 349 24.16 -9.09 14.13
C ILE A 349 25.63 -8.94 14.49
N SER A 350 26.02 -9.47 15.66
CA SER A 350 27.41 -9.40 16.07
C SER A 350 28.31 -10.16 15.11
N LYS A 351 27.86 -11.33 14.65
CA LYS A 351 28.67 -12.11 13.72
C LYS A 351 29.09 -11.27 12.52
N ASN A 352 28.19 -10.43 12.01
CA ASN A 352 28.52 -9.61 10.86
C ASN A 352 29.19 -8.29 11.24
N ALA A 353 28.89 -7.74 12.42
CA ALA A 353 29.36 -6.41 12.81
C ALA A 353 30.80 -6.40 13.30
N PHE A 354 31.19 -7.39 14.11
CA PHE A 354 32.47 -7.37 14.82
C PHE A 354 33.33 -8.52 14.30
N SER A 355 34.16 -8.21 13.30
CA SER A 355 34.96 -9.21 12.62
C SER A 355 36.26 -8.58 12.13
N CYS A 356 37.26 -9.41 11.91
CA CYS A 356 38.50 -8.97 11.29
C CYS A 356 39.23 -10.20 10.80
N MET A 357 40.28 -9.98 10.00
CA MET A 357 41.15 -11.05 9.55
C MET A 357 42.38 -11.11 10.43
N GLY A 358 42.72 -12.31 10.89
CA GLY A 358 43.88 -12.53 11.74
C GLY A 358 44.79 -13.57 11.14
N LYS A 359 46.06 -13.51 11.54
CA LYS A 359 47.05 -14.49 11.12
C LYS A 359 47.34 -15.44 12.26
N VAL A 360 47.68 -16.69 11.93
CA VAL A 360 48.09 -17.68 12.93
C VAL A 360 49.52 -17.34 13.35
N LEU A 361 49.68 -16.96 14.62
CA LEU A 361 51.01 -16.58 15.11
C LEU A 361 51.78 -17.79 15.62
N ASN A 362 51.09 -18.75 16.25
CA ASN A 362 51.79 -19.89 16.84
C ASN A 362 50.79 -21.04 16.94
N ARG A 363 51.12 -22.19 16.36
CA ARG A 363 50.27 -23.36 16.41
C ARG A 363 50.66 -24.28 17.56
N GLY A 364 49.68 -24.95 18.12
CA GLY A 364 49.92 -25.85 19.23
C GLY A 364 49.12 -27.13 19.09
N VAL A 365 48.93 -27.81 20.22
CA VAL A 365 48.28 -29.12 20.22
C VAL A 365 46.78 -29.00 20.50
N ARG A 366 46.41 -28.18 21.48
CA ARG A 366 45.01 -27.94 21.80
C ARG A 366 44.73 -26.44 21.86
N GLU A 367 45.55 -25.66 21.16
CA GLU A 367 45.34 -24.22 21.08
C GLU A 367 45.94 -23.70 19.78
N MET A 368 45.41 -22.57 19.32
CA MET A 368 45.92 -21.88 18.13
C MET A 368 45.93 -20.39 18.45
N THR A 369 47.10 -19.77 18.35
CA THR A 369 47.23 -18.35 18.65
C THR A 369 47.06 -17.52 17.39
N PHE A 370 46.17 -16.54 17.45
CA PHE A 370 45.93 -15.59 16.37
C PHE A 370 46.45 -14.22 16.77
N ILE A 371 46.93 -13.48 15.78
CA ILE A 371 47.36 -12.10 15.95
C ILE A 371 46.61 -11.24 14.93
N GLY A 372 46.08 -10.11 15.39
CA GLY A 372 45.37 -9.19 14.52
C GLY A 372 45.83 -7.76 14.68
N ASP A 373 46.17 -7.11 13.57
CA ASP A 373 46.74 -5.78 13.59
C ASP A 373 46.36 -5.04 12.31
N ASP A 374 46.83 -3.80 12.21
CA ASP A 374 46.54 -3.01 11.01
C ASP A 374 47.22 -3.59 9.77
N THR A 375 48.11 -4.56 9.96
CA THR A 375 48.83 -5.19 8.86
C THR A 375 48.12 -6.42 8.31
N THR A 376 46.98 -6.80 8.89
CA THR A 376 46.25 -7.97 8.41
C THR A 376 44.88 -7.62 7.83
N ASP A 377 44.40 -6.39 8.01
CA ASP A 377 43.04 -6.04 7.62
C ASP A 377 42.98 -4.53 7.40
N ALA A 378 41.79 -4.04 7.04
CA ALA A 378 41.58 -2.62 6.87
C ALA A 378 41.78 -1.89 8.19
N LYS A 379 42.25 -0.65 8.11
CA LYS A 379 42.48 0.16 9.29
C LYS A 379 41.23 0.21 10.16
N GLY A 380 41.40 -0.08 11.44
CA GLY A 380 40.33 -0.03 12.42
C GLY A 380 39.64 -1.34 12.69
N LYS A 381 39.85 -2.36 11.87
CA LYS A 381 39.17 -3.64 12.07
C LYS A 381 39.74 -4.37 13.28
N ALA A 382 41.07 -4.36 13.43
CA ALA A 382 41.69 -4.99 14.60
C ALA A 382 41.31 -4.28 15.88
N ASP A 383 41.12 -2.96 15.84
CA ASP A 383 40.72 -2.23 17.04
C ASP A 383 39.29 -2.56 17.45
N THR A 384 38.37 -2.59 16.49
CA THR A 384 36.99 -2.95 16.81
C THR A 384 36.93 -4.36 17.40
N PHE A 385 37.62 -5.32 16.79
CA PHE A 385 37.64 -6.67 17.35
C PHE A 385 38.26 -6.68 18.74
N ALA A 386 39.39 -6.00 18.94
CA ALA A 386 40.05 -6.01 20.23
C ALA A 386 39.14 -5.49 21.34
N LYS A 387 38.31 -4.48 21.06
CA LYS A 387 37.42 -3.95 22.07
C LYS A 387 36.40 -4.97 22.57
N VAL A 388 35.87 -5.81 21.68
CA VAL A 388 34.86 -6.81 22.04
C VAL A 388 35.49 -8.06 22.62
N LEU A 389 36.76 -8.32 22.30
CA LEU A 389 37.49 -9.42 22.90
C LEU A 389 37.62 -9.29 24.40
N THR A 390 37.45 -8.08 24.95
CA THR A 390 37.59 -7.89 26.39
C THR A 390 36.57 -8.73 27.16
N THR A 391 35.33 -8.77 26.69
CA THR A 391 34.23 -9.45 27.37
C THR A 391 33.82 -10.75 26.68
N GLY A 392 34.18 -10.91 25.41
CA GLY A 392 33.77 -12.07 24.63
C GLY A 392 34.26 -13.40 25.15
N ASN A 393 33.43 -14.43 25.02
CA ASN A 393 33.76 -15.78 25.49
C ASN A 393 34.12 -16.72 24.36
N TYR A 394 33.49 -16.59 23.20
CA TYR A 394 33.75 -17.44 22.05
C TYR A 394 34.17 -16.58 20.86
N VAL A 395 35.07 -17.10 20.04
CA VAL A 395 35.41 -16.50 18.76
C VAL A 395 35.23 -17.55 17.67
N THR A 396 34.54 -17.17 16.59
CA THR A 396 34.20 -18.07 15.51
C THR A 396 35.26 -17.93 14.41
N VAL A 397 35.74 -19.05 13.90
CA VAL A 397 36.77 -19.08 12.86
C VAL A 397 36.11 -19.44 11.54
N ASP A 398 36.26 -18.57 10.55
CA ASP A 398 35.72 -18.78 9.20
C ASP A 398 34.22 -19.10 9.24
N GLU A 399 33.49 -18.45 10.15
CA GLU A 399 32.05 -18.59 10.30
C GLU A 399 31.60 -20.03 10.55
N ASP A 400 32.51 -20.92 10.89
CA ASP A 400 32.10 -22.31 11.06
C ASP A 400 32.47 -22.89 12.41
N ILE A 401 33.69 -22.70 12.88
CA ILE A 401 34.19 -23.34 14.09
C ILE A 401 34.08 -22.34 15.23
N ILE A 402 33.34 -22.72 16.28
CA ILE A 402 33.15 -21.87 17.45
C ILE A 402 34.17 -22.31 18.50
N CYS A 403 35.14 -21.45 18.76
CA CYS A 403 36.21 -21.76 19.69
C CYS A 403 36.03 -21.00 20.98
N LYS A 404 36.42 -21.62 22.10
CA LYS A 404 36.41 -20.99 23.40
C LYS A 404 37.73 -20.29 23.64
N VAL A 405 37.68 -19.05 24.12
CA VAL A 405 38.88 -18.28 24.34
C VAL A 405 39.63 -18.83 25.55
N ILE A 406 40.92 -19.14 25.38
CA ILE A 406 41.73 -19.63 26.49
C ILE A 406 42.52 -18.47 27.06
N ARG A 407 43.18 -17.69 26.20
CA ARG A 407 43.88 -16.52 26.72
C ARG A 407 43.62 -15.32 25.83
N LYS A 408 43.69 -14.12 26.41
CA LYS A 408 43.56 -12.89 25.65
C LYS A 408 44.58 -11.88 26.14
N ASP A 409 45.17 -11.14 25.20
CA ASP A 409 46.12 -10.08 25.54
C ASP A 409 45.88 -8.94 24.56
N ILE A 410 45.42 -7.80 25.06
CA ILE A 410 45.06 -6.66 24.22
C ILE A 410 46.30 -5.80 24.06
N LEU A 411 46.65 -5.51 22.81
CA LEU A 411 47.89 -4.81 22.48
C LEU A 411 47.60 -3.33 22.25
N GLU A 412 48.67 -2.54 22.12
CA GLU A 412 48.52 -1.10 21.92
C GLU A 412 47.77 -0.79 20.63
N ASN A 413 48.04 -1.57 19.58
CA ASN A 413 47.39 -1.37 18.29
C ASN A 413 46.46 -2.50 17.88
N GLY A 414 46.80 -3.76 18.19
CA GLY A 414 45.99 -4.89 17.82
C GLY A 414 45.63 -5.74 19.01
N PHE A 415 45.60 -7.05 18.79
CA PHE A 415 45.26 -8.00 19.84
C PHE A 415 45.97 -9.31 19.56
N LYS A 416 46.12 -10.12 20.61
CA LYS A 416 46.52 -11.52 20.49
C LYS A 416 45.47 -12.34 21.23
N VAL A 417 44.90 -13.34 20.56
CA VAL A 417 43.89 -14.19 21.18
C VAL A 417 44.26 -15.66 20.97
N VAL A 418 44.15 -16.45 22.03
CA VAL A 418 44.46 -17.88 21.98
C VAL A 418 43.15 -18.63 22.14
N LEU A 419 42.78 -19.35 21.07
CA LEU A 419 41.54 -20.08 20.92
C LEU A 419 41.80 -21.58 20.98
N SER A 420 40.74 -22.34 21.22
CA SER A 420 40.78 -23.81 21.22
C SER A 420 40.29 -24.27 19.86
N CYS A 421 41.24 -24.56 18.97
CA CYS A 421 40.95 -24.77 17.56
C CYS A 421 41.80 -25.91 17.02
N PRO A 422 41.21 -26.80 16.23
CA PRO A 422 42.03 -27.84 15.57
C PRO A 422 42.95 -27.24 14.52
N THR A 423 44.02 -27.96 14.19
CA THR A 423 44.95 -27.49 13.16
C THR A 423 44.24 -27.31 11.83
N LEU A 424 44.42 -26.13 11.22
CA LEU A 424 43.77 -25.78 9.97
C LEU A 424 44.82 -25.53 8.90
N PRO A 425 44.64 -26.01 7.67
CA PRO A 425 45.68 -25.88 6.64
C PRO A 425 45.66 -24.53 5.92
N ASN A 426 45.93 -23.47 6.68
CA ASN A 426 46.06 -22.13 6.12
C ASN A 426 46.71 -21.24 7.16
N ASP A 427 46.99 -19.99 6.78
CA ASP A 427 47.56 -19.02 7.70
C ASP A 427 46.60 -17.89 8.06
N ILE A 428 45.68 -17.52 7.17
CA ILE A 428 44.86 -16.33 7.34
C ILE A 428 43.42 -16.76 7.53
N TYR A 429 42.79 -16.32 8.61
CA TYR A 429 41.45 -16.77 8.95
C TYR A 429 40.58 -15.60 9.37
N LYS A 430 39.28 -15.75 9.18
CA LYS A 430 38.30 -14.73 9.55
C LYS A 430 37.84 -14.99 10.99
N LEU A 431 37.98 -13.97 11.84
CA LEU A 431 37.47 -14.05 13.19
C LEU A 431 36.28 -13.12 13.37
N SER A 432 35.26 -13.62 14.07
CA SER A 432 34.09 -12.82 14.42
C SER A 432 33.52 -13.33 15.73
N PHE A 433 32.74 -12.49 16.38
CA PHE A 433 32.06 -12.84 17.62
C PHE A 433 30.62 -13.21 17.26
N GLY A 434 30.36 -14.51 17.15
CA GLY A 434 29.05 -14.98 16.74
C GLY A 434 28.31 -15.78 17.79
N LYS A 435 27.77 -16.93 17.40
CA LYS A 435 27.02 -17.77 18.32
C LYS A 435 27.93 -18.44 19.33
N ASP A 436 27.41 -18.62 20.54
CA ASP A 436 28.12 -19.34 21.59
C ASP A 436 27.90 -20.84 21.41
N ASP A 437 28.49 -21.63 22.30
CA ASP A 437 28.43 -23.09 22.20
C ASP A 437 28.06 -23.71 23.56
N ILE A 438 26.92 -23.28 24.12
CA ILE A 438 26.47 -23.77 25.42
C ILE A 438 25.01 -24.18 25.31
N ASP A 439 24.59 -25.03 26.24
CA ASP A 439 23.20 -25.48 26.36
C ASP A 439 22.68 -25.05 27.72
N LEU A 440 21.95 -23.94 27.77
CA LEU A 440 21.49 -23.42 29.04
C LEU A 440 20.45 -24.33 29.68
N ALA A 441 19.61 -24.98 28.87
CA ALA A 441 18.56 -25.83 29.43
C ALA A 441 19.13 -26.93 30.31
N GLN A 442 20.27 -27.50 29.92
CA GLN A 442 20.95 -28.49 30.74
C GLN A 442 21.63 -27.88 31.95
N MET A 443 22.15 -26.66 31.83
CA MET A 443 22.81 -25.99 32.93
C MET A 443 21.84 -25.59 34.05
N TYR A 444 20.55 -25.54 33.77
CA TYR A 444 19.53 -25.32 34.80
C TYR A 444 19.02 -26.62 35.41
N LYS A 445 19.55 -27.78 35.01
CA LYS A 445 19.22 -29.04 35.63
C LYS A 445 20.28 -29.53 36.60
N ASP A 446 21.55 -29.20 36.36
CA ASP A 446 22.64 -29.52 37.27
C ASP A 446 23.21 -28.25 37.89
N TYR A 447 22.35 -27.27 38.14
CA TYR A 447 22.78 -25.93 38.50
C TYR A 447 23.60 -25.91 39.79
N ASN A 448 24.77 -25.26 39.73
CA ASN A 448 25.67 -25.18 40.86
C ASN A 448 26.45 -23.87 40.72
N LEU A 449 27.37 -23.66 41.66
CA LEU A 449 28.14 -22.42 41.73
C LEU A 449 29.00 -22.17 40.50
N ASN A 450 29.75 -23.20 40.07
CA ASN A 450 30.59 -23.04 38.89
C ASN A 450 29.78 -22.68 37.65
N ILE A 451 28.58 -23.25 37.54
CA ILE A 451 27.66 -22.85 36.48
C ILE A 451 27.16 -21.44 36.70
N ALA A 452 26.80 -21.11 37.95
CA ALA A 452 26.32 -19.77 38.24
C ALA A 452 27.35 -18.71 37.86
N LEU A 453 28.63 -18.98 38.16
CA LEU A 453 29.68 -18.04 37.78
C LEU A 453 29.92 -18.04 36.27
N ASP A 454 29.81 -19.21 35.63
CA ASP A 454 29.94 -19.27 34.17
C ASP A 454 28.86 -18.43 33.50
N MET A 455 27.62 -18.55 33.95
CA MET A 455 26.55 -17.74 33.39
C MET A 455 26.79 -16.25 33.60
N ALA A 456 27.35 -15.87 34.75
CA ALA A 456 27.57 -14.46 35.04
C ALA A 456 28.45 -13.83 33.97
N ARG A 457 29.42 -14.59 33.46
CA ARG A 457 30.30 -14.06 32.42
C ARG A 457 29.54 -13.80 31.13
N TYR A 458 28.58 -14.67 30.80
CA TYR A 458 27.81 -14.48 29.58
C TYR A 458 26.85 -13.30 29.71
N CYS A 459 26.27 -13.13 30.90
CA CYS A 459 25.28 -12.07 31.09
C CYS A 459 25.92 -10.69 30.97
N ILE A 460 27.10 -10.50 31.56
CA ILE A 460 27.73 -9.18 31.47
C ILE A 460 28.20 -8.92 30.03
N HIS A 461 28.56 -9.97 29.29
CA HIS A 461 28.89 -9.76 27.88
C HIS A 461 27.68 -9.24 27.12
N ASP A 462 26.51 -9.86 27.31
CA ASP A 462 25.33 -9.40 26.60
C ASP A 462 24.96 -7.96 26.96
N ALA A 463 25.15 -7.55 28.22
CA ALA A 463 24.92 -6.16 28.59
C ALA A 463 25.93 -5.21 27.97
N CYS A 464 27.20 -5.62 27.84
CA CYS A 464 28.19 -4.77 27.19
C CYS A 464 28.06 -4.76 25.67
N LEU A 465 27.65 -5.89 25.07
CA LEU A 465 27.49 -5.94 23.62
C LEU A 465 26.51 -4.89 23.12
N CYS A 466 25.51 -4.55 23.94
CA CYS A 466 24.60 -3.47 23.56
C CYS A 466 25.34 -2.15 23.43
N GLN A 467 26.37 -1.95 24.25
CA GLN A 467 27.15 -0.71 24.14
C GLN A 467 28.00 -0.72 22.88
N TYR A 468 28.58 -1.86 22.54
CA TYR A 468 29.44 -1.93 21.37
C TYR A 468 28.64 -1.73 20.08
N LEU A 469 27.43 -2.28 20.03
CA LEU A 469 26.54 -2.02 18.91
C LEU A 469 26.04 -0.59 18.89
N TRP A 470 25.76 -0.02 20.06
CA TRP A 470 25.34 1.38 20.14
C TRP A 470 26.37 2.29 19.49
N GLU A 471 27.66 2.10 19.80
CA GLU A 471 28.70 2.90 19.17
C GLU A 471 28.91 2.49 17.71
N TYR A 472 28.87 1.18 17.42
CA TYR A 472 29.17 0.73 16.07
C TYR A 472 28.29 1.40 15.02
N TYR A 473 26.99 1.49 15.27
CA TYR A 473 26.05 2.06 14.30
C TYR A 473 25.92 3.56 14.42
N GLY A 474 26.67 4.20 15.31
CA GLY A 474 26.65 5.65 15.46
C GLY A 474 25.28 6.21 15.77
N VAL A 475 24.57 5.58 16.71
CA VAL A 475 23.20 5.97 16.99
C VAL A 475 23.11 7.44 17.41
N GLU A 476 24.05 7.94 18.21
CA GLU A 476 23.96 9.32 18.67
C GLU A 476 24.06 10.30 17.52
N THR A 477 25.00 10.07 16.59
CA THR A 477 25.15 10.99 15.46
C THR A 477 23.90 10.98 14.59
N LYS A 478 23.34 9.80 14.33
CA LYS A 478 22.15 9.70 13.50
C LYS A 478 20.97 10.41 14.16
N THR A 479 20.83 10.27 15.48
CA THR A 479 19.70 10.87 16.17
C THR A 479 19.72 12.39 16.06
N ASP A 480 20.87 12.99 16.34
CA ASP A 480 20.96 14.45 16.32
C ASP A 480 20.77 15.00 14.91
N ALA A 481 21.40 14.36 13.92
CA ALA A 481 21.26 14.81 12.54
C ALA A 481 19.81 14.71 12.07
N GLY A 482 19.11 13.64 12.44
CA GLY A 482 17.73 13.51 12.01
C GLY A 482 16.82 14.55 12.63
N ALA A 483 17.02 14.84 13.92
CA ALA A 483 16.18 15.83 14.59
C ALA A 483 16.33 17.20 13.95
N ALA A 484 17.52 17.53 13.47
CA ALA A 484 17.70 18.82 12.80
C ALA A 484 17.13 18.81 11.39
N THR A 485 17.31 17.70 10.66
CA THR A 485 16.82 17.60 9.30
C THR A 485 15.30 17.65 9.24
N TYR A 486 14.62 16.75 9.95
CA TYR A 486 13.18 16.88 10.14
C TYR A 486 12.95 17.45 11.53
N VAL A 487 12.23 18.57 11.61
CA VAL A 487 12.18 19.30 12.86
C VAL A 487 11.18 18.62 13.77
N LEU A 488 11.67 17.66 14.57
CA LEU A 488 10.89 16.89 15.52
C LEU A 488 11.74 16.55 16.72
N PRO A 489 11.14 16.09 17.81
CA PRO A 489 11.93 15.74 19.00
C PRO A 489 12.94 14.65 18.68
N GLN A 490 14.06 14.69 19.40
CA GLN A 490 15.07 13.64 19.25
C GLN A 490 14.52 12.25 19.51
N SER A 491 13.54 12.12 20.42
CA SER A 491 12.98 10.84 20.79
C SER A 491 12.12 10.23 19.70
N MET A 492 11.74 10.99 18.68
CA MET A 492 10.85 10.52 17.63
C MET A 492 11.55 10.33 16.29
N VAL A 493 12.87 10.49 16.25
CA VAL A 493 13.58 10.54 14.98
C VAL A 493 13.35 9.26 14.17
N PHE A 494 13.36 8.11 14.84
CA PHE A 494 13.35 6.83 14.16
C PHE A 494 11.98 6.17 14.10
N GLU A 495 10.93 6.89 14.46
CA GLU A 495 9.59 6.29 14.50
C GLU A 495 8.83 6.52 13.19
N TYR A 496 9.11 7.62 12.50
CA TYR A 496 8.29 8.08 11.41
C TYR A 496 8.90 7.73 10.05
N ARG A 497 8.06 7.76 9.01
CA ARG A 497 8.51 7.54 7.64
C ARG A 497 8.19 8.74 6.77
N ALA A 498 8.23 8.56 5.45
CA ALA A 498 8.29 9.71 4.54
C ALA A 498 7.12 10.65 4.73
N SER A 499 5.91 10.10 4.89
CA SER A 499 4.71 10.93 4.90
C SER A 499 4.76 11.98 6.01
N THR A 500 5.56 11.75 7.05
CA THR A 500 5.66 12.68 8.16
C THR A 500 6.95 13.48 8.14
N ILE A 501 8.10 12.84 7.88
CA ILE A 501 9.38 13.52 8.00
C ILE A 501 9.61 14.58 6.94
N ILE A 502 8.85 14.54 5.83
CA ILE A 502 8.96 15.57 4.80
C ILE A 502 8.29 16.87 5.21
N LYS A 503 7.36 16.83 6.18
CA LYS A 503 6.55 17.98 6.52
C LYS A 503 7.30 19.07 7.30
N GLY A 504 8.45 18.76 7.89
CA GLY A 504 9.24 19.77 8.57
C GLY A 504 9.78 20.82 7.62
N PRO A 505 10.68 20.41 6.72
CA PRO A 505 11.20 21.37 5.73
C PRO A 505 10.14 21.90 4.80
N LEU A 506 9.07 21.14 4.57
CA LEU A 506 7.98 21.61 3.74
C LEU A 506 7.29 22.82 4.36
N LEU A 507 7.07 22.79 5.68
CA LEU A 507 6.45 23.93 6.35
C LEU A 507 7.34 25.16 6.28
N LYS A 508 8.66 24.98 6.44
CA LYS A 508 9.57 26.12 6.32
C LYS A 508 9.48 26.75 4.93
N LEU A 509 9.45 25.91 3.89
CA LEU A 509 9.38 26.39 2.52
C LEU A 509 8.11 27.16 2.27
N LEU A 510 6.97 26.63 2.73
CA LEU A 510 5.69 27.31 2.50
C LEU A 510 5.66 28.67 3.18
N LEU A 511 6.24 28.77 4.38
CA LEU A 511 6.24 30.04 5.09
C LEU A 511 7.25 31.02 4.52
N GLU A 512 8.38 30.54 4.00
CA GLU A 512 9.36 31.45 3.41
C GLU A 512 8.93 31.95 2.03
N THR A 513 8.30 31.10 1.24
CA THR A 513 7.81 31.46 -0.09
C THR A 513 6.40 32.04 -0.04
N LYS A 514 5.76 32.02 1.13
CA LYS A 514 4.42 32.57 1.34
C LYS A 514 3.40 31.90 0.43
N THR A 515 3.30 30.57 0.52
CA THR A 515 2.41 29.77 -0.30
C THR A 515 1.50 28.93 0.59
N ILE A 516 0.22 28.85 0.22
CA ILE A 516 -0.72 27.92 0.81
C ILE A 516 -1.19 26.97 -0.28
N LEU A 517 -1.14 25.67 0.00
CA LEU A 517 -1.57 24.66 -0.96
C LEU A 517 -2.94 24.16 -0.53
N VAL A 518 -3.95 24.29 -1.41
CA VAL A 518 -5.30 23.85 -1.11
C VAL A 518 -5.83 23.00 -2.25
N ARG A 519 -6.91 22.29 -1.97
CA ARG A 519 -7.60 21.46 -2.96
C ARG A 519 -9.09 21.67 -2.81
N SER A 520 -9.83 21.53 -3.91
CA SER A 520 -11.28 21.63 -3.89
C SER A 520 -11.98 20.43 -4.53
N GLU A 521 -11.28 19.63 -5.33
CA GLU A 521 -11.92 18.54 -6.05
C GLU A 521 -11.53 17.18 -5.47
N THR A 522 -12.09 16.11 -6.03
CA THR A 522 -11.79 14.76 -5.61
C THR A 522 -10.55 14.26 -6.35
N LYS A 523 -9.66 13.58 -5.64
CA LYS A 523 -8.45 13.00 -6.20
C LYS A 523 -8.79 11.65 -6.83
N GLN A 524 -8.40 11.46 -8.08
CA GLN A 524 -8.52 10.18 -8.76
C GLN A 524 -7.16 9.77 -9.32
N LYS A 525 -6.74 8.54 -8.98
CA LYS A 525 -5.46 8.00 -9.40
C LYS A 525 -5.64 7.15 -10.64
N PHE A 526 -4.72 7.28 -11.58
CA PHE A 526 -4.60 6.43 -12.74
C PHE A 526 -3.22 5.78 -12.76
N PRO A 527 -3.06 4.66 -13.46
CA PRO A 527 -1.72 4.11 -13.64
C PRO A 527 -0.88 4.99 -14.57
N TYR A 528 0.44 4.89 -14.42
CA TYR A 528 1.37 5.49 -15.36
C TYR A 528 2.65 4.65 -15.40
N GLU A 529 3.46 4.88 -16.42
CA GLU A 529 4.59 4.02 -16.73
C GLU A 529 5.79 4.36 -15.87
N GLY A 530 6.87 3.60 -16.06
CA GLY A 530 8.07 3.74 -15.25
C GLY A 530 9.32 4.02 -16.06
N GLY A 531 10.47 3.56 -15.55
CA GLY A 531 11.73 3.84 -16.21
C GLY A 531 11.94 2.96 -17.42
N LYS A 532 12.91 3.35 -18.24
CA LYS A 532 13.28 2.60 -19.43
C LYS A 532 14.28 1.53 -19.05
N VAL A 533 13.97 0.27 -19.37
CA VAL A 533 14.84 -0.87 -19.09
C VAL A 533 15.22 -1.50 -20.42
N PHE A 534 16.51 -1.62 -20.68
CA PHE A 534 16.98 -2.27 -21.89
C PHE A 534 17.11 -3.77 -21.67
N ALA A 535 17.00 -4.52 -22.76
CA ALA A 535 17.31 -5.93 -22.67
C ALA A 535 18.79 -6.17 -22.91
N PRO A 536 19.42 -7.09 -22.16
CA PRO A 536 20.84 -7.37 -22.40
C PRO A 536 21.09 -7.79 -23.83
N LYS A 537 22.15 -7.25 -24.42
CA LYS A 537 22.53 -7.65 -25.77
C LYS A 537 23.18 -9.03 -25.78
N GLN A 538 23.96 -9.34 -24.75
CA GLN A 538 24.63 -10.63 -24.62
C GLN A 538 24.43 -11.15 -23.20
N LYS A 539 24.97 -12.35 -22.95
CA LYS A 539 24.99 -12.93 -21.61
C LYS A 539 26.37 -12.79 -20.97
N MET A 540 27.38 -13.40 -21.57
CA MET A 540 28.76 -13.32 -21.11
C MET A 540 29.54 -12.42 -22.06
N PHE A 541 30.19 -11.40 -21.51
CA PHE A 541 30.89 -10.41 -22.32
C PHE A 541 32.39 -10.65 -22.40
N SER A 542 33.03 -10.98 -21.28
CA SER A 542 34.48 -11.13 -21.17
C SER A 542 35.22 -9.83 -21.48
N ASN A 543 34.51 -8.72 -21.61
CA ASN A 543 35.11 -7.42 -21.88
C ASN A 543 34.83 -6.47 -20.72
N ASN A 544 35.62 -5.40 -20.66
CA ASN A 544 35.36 -4.35 -19.69
C ASN A 544 34.10 -3.58 -20.05
N VAL A 545 33.22 -3.41 -19.08
CA VAL A 545 31.97 -2.68 -19.29
C VAL A 545 32.01 -1.46 -18.37
N LEU A 546 31.93 -0.27 -18.95
CA LEU A 546 32.01 0.95 -18.16
C LEU A 546 30.63 1.35 -17.67
N ILE A 547 30.53 1.79 -16.42
CA ILE A 547 29.25 2.19 -15.86
C ILE A 547 29.23 3.71 -15.71
N PHE A 548 28.32 4.36 -16.43
CA PHE A 548 28.12 5.82 -16.38
C PHE A 548 26.72 6.10 -15.84
N ASP A 549 26.64 6.53 -14.59
CA ASP A 549 25.36 6.65 -13.89
C ASP A 549 25.04 8.12 -13.62
N TYR A 550 23.79 8.49 -13.81
CA TYR A 550 23.34 9.83 -13.48
C TYR A 550 23.42 10.05 -11.97
N ASN A 551 24.02 11.18 -11.59
CA ASN A 551 24.29 11.43 -10.17
C ASN A 551 23.04 11.29 -9.32
N SER A 552 21.95 11.96 -9.73
CA SER A 552 20.70 11.93 -8.97
C SER A 552 19.60 12.26 -9.97
N LEU A 553 19.05 11.24 -10.62
CA LEU A 553 18.26 11.51 -11.82
C LEU A 553 16.94 12.17 -11.50
N TYR A 554 16.04 11.47 -10.81
CA TYR A 554 14.69 11.99 -10.62
C TYR A 554 14.68 13.35 -9.90
N PRO A 555 15.37 13.51 -8.77
CA PRO A 555 15.44 14.86 -8.19
C PRO A 555 15.86 15.94 -9.17
N ASN A 556 16.84 15.65 -10.04
CA ASN A 556 17.26 16.66 -11.00
C ASN A 556 16.26 16.81 -12.14
N VAL A 557 15.48 15.76 -12.44
CA VAL A 557 14.42 15.88 -13.42
C VAL A 557 13.33 16.80 -12.92
N CYS A 558 12.96 16.66 -11.64
CA CYS A 558 11.95 17.54 -11.06
C CYS A 558 12.42 18.98 -10.97
N ILE A 559 13.72 19.21 -10.78
CA ILE A 559 14.23 20.58 -10.80
C ILE A 559 14.28 21.13 -12.22
N PHE A 560 14.85 20.36 -13.15
CA PHE A 560 14.94 20.82 -14.54
C PHE A 560 13.57 21.16 -15.11
N GLY A 561 12.61 20.27 -14.95
CA GLY A 561 11.28 20.51 -15.48
C GLY A 561 10.39 21.38 -14.63
N ASN A 562 10.88 21.81 -13.46
CA ASN A 562 10.08 22.57 -12.49
C ASN A 562 8.73 21.88 -12.27
N LEU A 563 8.81 20.62 -11.87
CA LEU A 563 7.65 19.73 -11.75
C LEU A 563 7.14 19.79 -10.32
N SER A 564 6.04 20.51 -10.12
CA SER A 564 5.43 20.74 -8.83
C SER A 564 3.94 20.96 -9.02
N PRO A 565 3.11 20.61 -8.04
CA PRO A 565 1.63 20.76 -8.20
C PRO A 565 1.16 22.15 -8.63
N GLU A 566 1.82 23.22 -8.18
CA GLU A 566 1.38 24.57 -8.50
C GLU A 566 1.99 25.14 -9.77
N THR A 567 2.90 24.41 -10.42
CA THR A 567 3.58 24.94 -11.60
C THR A 567 2.99 24.43 -12.90
N LEU A 568 2.12 23.43 -12.87
CA LEU A 568 1.50 22.90 -14.06
C LEU A 568 0.57 23.94 -14.69
N VAL A 569 0.78 24.23 -15.97
CA VAL A 569 -0.16 25.09 -16.69
C VAL A 569 -1.37 24.27 -17.13
N GLY A 570 -1.14 23.08 -17.67
CA GLY A 570 -2.28 22.28 -18.04
C GLY A 570 -2.05 21.07 -18.92
N VAL A 571 -3.06 20.21 -19.00
CA VAL A 571 -3.00 18.98 -19.77
C VAL A 571 -3.98 19.08 -20.93
N VAL A 572 -3.47 18.90 -22.15
CA VAL A 572 -4.27 18.96 -23.37
C VAL A 572 -4.33 17.56 -23.96
N VAL A 573 -5.54 17.09 -24.22
CA VAL A 573 -5.77 15.75 -24.73
C VAL A 573 -6.54 15.83 -26.04
N SER A 574 -6.41 14.77 -26.85
CA SER A 574 -7.07 14.69 -28.14
C SER A 574 -7.59 13.27 -28.34
N THR A 575 -8.72 13.15 -29.04
CA THR A 575 -9.28 11.85 -29.37
C THR A 575 -9.02 11.43 -30.81
N ASN A 576 -8.47 12.30 -31.65
CA ASN A 576 -8.32 12.03 -33.06
C ASN A 576 -7.08 12.75 -33.58
N ARG A 577 -6.59 12.29 -34.73
CA ARG A 577 -5.32 12.78 -35.25
C ARG A 577 -5.47 14.04 -36.09
N LEU A 578 -6.69 14.56 -36.25
CA LEU A 578 -6.90 15.85 -36.90
C LEU A 578 -6.79 17.01 -35.92
N GLU A 579 -7.46 16.93 -34.78
CA GLU A 579 -7.33 17.94 -33.74
C GLU A 579 -6.01 17.85 -33.00
N GLU A 580 -5.38 16.67 -32.96
CA GLU A 580 -4.06 16.55 -32.36
C GLU A 580 -3.06 17.45 -33.06
N GLU A 581 -3.06 17.43 -34.41
CA GLU A 581 -2.13 18.25 -35.16
C GLU A 581 -2.42 19.74 -34.98
N ILE A 582 -3.69 20.11 -34.93
CA ILE A 582 -4.05 21.51 -34.72
C ILE A 582 -3.54 21.97 -33.37
N ASN A 583 -3.75 21.15 -32.34
CA ASN A 583 -3.29 21.49 -31.01
C ASN A 583 -1.77 21.61 -30.94
N ASN A 584 -1.05 20.70 -31.61
CA ASN A 584 0.41 20.74 -31.59
C ASN A 584 0.94 22.03 -32.20
N GLN A 585 0.39 22.43 -33.34
CA GLN A 585 0.82 23.66 -33.98
C GLN A 585 0.53 24.89 -33.13
N LEU A 586 -0.58 24.88 -32.40
CA LEU A 586 -0.89 26.05 -31.57
C LEU A 586 -0.01 26.08 -30.32
N LEU A 587 0.24 24.93 -29.71
CA LEU A 587 1.08 24.86 -28.53
C LEU A 587 2.48 25.39 -28.80
N LEU A 588 3.02 25.11 -29.98
CA LEU A 588 4.35 25.60 -30.32
C LEU A 588 4.42 27.12 -30.38
N GLN A 589 3.29 27.82 -30.48
CA GLN A 589 3.29 29.27 -30.50
C GLN A 589 2.77 29.92 -29.24
N LYS A 590 1.84 29.28 -28.52
CA LYS A 590 1.32 29.91 -27.31
C LYS A 590 2.27 29.75 -26.13
N TYR A 591 3.07 28.68 -26.11
CA TYR A 591 3.94 28.35 -24.99
C TYR A 591 5.36 28.18 -25.52
N PRO A 592 6.05 29.27 -25.80
CA PRO A 592 7.41 29.20 -26.37
C PRO A 592 8.36 28.45 -25.46
N PRO A 593 9.24 27.61 -26.02
CA PRO A 593 10.19 26.84 -25.20
C PRO A 593 10.99 27.67 -24.23
N PRO A 594 11.44 28.90 -24.57
CA PRO A 594 12.28 29.63 -23.60
C PRO A 594 11.67 29.78 -22.21
N ARG A 595 10.34 29.71 -22.08
CA ARG A 595 9.68 29.79 -20.78
C ARG A 595 8.98 28.51 -20.36
N TYR A 596 8.53 27.67 -21.28
CA TYR A 596 7.74 26.49 -20.96
C TYR A 596 8.45 25.24 -21.41
N ILE A 597 8.17 24.13 -20.75
CA ILE A 597 8.64 22.82 -21.19
C ILE A 597 7.43 21.97 -21.52
N THR A 598 7.47 21.29 -22.67
CA THR A 598 6.36 20.48 -23.14
C THR A 598 6.73 19.02 -22.97
N VAL A 599 5.95 18.29 -22.19
CA VAL A 599 6.19 16.90 -21.88
C VAL A 599 5.11 16.07 -22.57
N HIS A 600 5.53 15.20 -23.48
CA HIS A 600 4.59 14.40 -24.27
C HIS A 600 4.42 13.05 -23.57
N CYS A 601 3.32 12.92 -22.83
CA CYS A 601 3.10 11.75 -21.98
C CYS A 601 2.24 10.73 -22.72
N GLU A 602 2.10 9.55 -22.13
CA GLU A 602 1.14 8.53 -22.57
C GLU A 602 -0.24 8.82 -21.99
N PRO A 603 -1.30 8.68 -22.79
CA PRO A 603 -2.64 9.03 -22.31
C PRO A 603 -3.06 8.16 -21.12
N ARG A 604 -3.80 8.78 -20.20
CA ARG A 604 -4.30 8.03 -19.05
C ARG A 604 -5.54 7.23 -19.39
N LEU A 605 -6.38 7.76 -20.32
CA LEU A 605 -7.62 7.12 -20.73
C LEU A 605 -7.41 6.33 -22.02
N PRO A 606 -8.09 5.18 -22.16
CA PRO A 606 -7.93 4.37 -23.38
C PRO A 606 -8.52 5.02 -24.62
N ASN A 607 -9.39 6.02 -24.49
CA ASN A 607 -10.00 6.66 -25.65
C ASN A 607 -9.22 7.88 -26.12
N LEU A 608 -8.06 8.17 -25.53
CA LEU A 608 -7.23 9.29 -25.92
C LEU A 608 -6.00 8.79 -26.67
N ILE A 609 -5.46 9.64 -27.53
CA ILE A 609 -4.28 9.27 -28.33
C ILE A 609 -3.11 10.18 -27.98
N SER A 610 -3.37 11.25 -27.24
CA SER A 610 -2.33 12.23 -26.94
C SER A 610 -2.66 12.91 -25.62
N GLU A 611 -1.60 13.18 -24.85
CA GLU A 611 -1.73 13.88 -23.58
C GLU A 611 -0.46 14.67 -23.35
N ILE A 612 -0.55 15.99 -23.39
CA ILE A 612 0.60 16.88 -23.33
C ILE A 612 0.47 17.74 -22.08
N ALA A 613 1.52 17.79 -21.28
CA ALA A 613 1.53 18.60 -20.06
C ALA A 613 2.47 19.77 -20.27
N ILE A 614 1.99 20.97 -19.96
CA ILE A 614 2.79 22.19 -20.08
C ILE A 614 3.11 22.65 -18.66
N PHE A 615 4.40 22.84 -18.40
CA PHE A 615 4.94 23.32 -17.14
C PHE A 615 5.60 24.67 -17.37
N ASP A 616 5.38 25.61 -16.47
CA ASP A 616 5.99 26.93 -16.57
C ASP A 616 7.22 26.93 -15.67
N ARG A 617 8.39 27.15 -16.26
CA ARG A 617 9.65 27.06 -15.54
C ARG A 617 10.18 28.41 -15.07
N SER A 618 9.43 29.49 -15.28
CA SER A 618 9.94 30.83 -14.94
C SER A 618 9.99 31.03 -13.43
N ILE A 619 8.95 30.58 -12.73
CA ILE A 619 8.87 30.71 -11.27
C ILE A 619 9.06 29.34 -10.66
N GLU A 620 10.14 29.17 -9.89
CA GLU A 620 10.44 27.89 -9.27
C GLU A 620 9.40 27.54 -8.21
N GLY A 621 8.96 26.29 -8.23
CA GLY A 621 7.90 25.84 -7.34
C GLY A 621 8.39 25.35 -6.01
N THR A 622 7.55 24.61 -5.29
CA THR A 622 7.86 24.16 -3.93
C THR A 622 8.67 22.89 -3.88
N ILE A 623 8.41 21.92 -4.76
CA ILE A 623 9.10 20.65 -4.76
C ILE A 623 10.57 20.85 -5.15
N PRO A 624 10.89 21.59 -6.22
CA PRO A 624 12.31 21.86 -6.51
C PRO A 624 13.11 22.37 -5.32
N ARG A 625 12.54 23.25 -4.50
CA ARG A 625 13.29 23.72 -3.33
C ARG A 625 13.40 22.66 -2.26
N LEU A 626 12.35 21.86 -2.07
CA LEU A 626 12.40 20.75 -1.13
C LEU A 626 13.50 19.76 -1.53
N LEU A 627 13.60 19.49 -2.83
CA LEU A 627 14.63 18.57 -3.31
C LEU A 627 16.02 19.15 -3.12
N ARG A 628 16.18 20.45 -3.40
CA ARG A 628 17.49 21.07 -3.22
C ARG A 628 17.96 20.95 -1.77
N THR A 629 17.03 21.07 -0.81
CA THR A 629 17.42 20.93 0.59
C THR A 629 17.99 19.55 0.88
N PHE A 630 17.31 18.49 0.43
CA PHE A 630 17.77 17.15 0.76
C PHE A 630 19.04 16.79 -0.02
N LEU A 631 19.14 17.27 -1.26
CA LEU A 631 20.32 17.02 -2.08
C LEU A 631 21.56 17.68 -1.47
N ALA A 632 21.39 18.90 -0.95
CA ALA A 632 22.51 19.59 -0.33
C ALA A 632 23.02 18.85 0.90
N GLU A 633 22.10 18.29 1.71
CA GLU A 633 22.52 17.56 2.91
C GLU A 633 23.30 16.30 2.53
N ARG A 634 22.81 15.57 1.52
CA ARG A 634 23.53 14.37 1.10
C ARG A 634 24.94 14.71 0.64
N ALA A 635 25.10 15.80 -0.12
CA ALA A 635 26.43 16.17 -0.58
C ALA A 635 27.36 16.46 0.59
N ARG A 636 26.84 17.07 1.65
CA ARG A 636 27.68 17.40 2.79
C ARG A 636 28.16 16.15 3.50
N TYR A 637 27.27 15.16 3.67
CA TYR A 637 27.74 13.93 4.31
C TYR A 637 28.63 13.10 3.39
N LYS A 638 28.41 13.15 2.07
CA LYS A 638 29.35 12.50 1.15
C LYS A 638 30.74 13.13 1.26
N LYS A 639 30.80 14.45 1.40
CA LYS A 639 32.09 15.12 1.53
C LYS A 639 32.82 14.65 2.80
N MET A 640 32.08 14.54 3.90
CA MET A 640 32.69 14.09 5.15
C MET A 640 33.15 12.64 5.07
N LEU A 641 32.41 11.81 4.35
CA LEU A 641 32.83 10.43 4.12
C LEU A 641 34.21 10.37 3.49
N LYS A 642 34.51 11.29 2.56
CA LYS A 642 35.82 11.29 1.93
C LYS A 642 36.97 11.49 2.91
N GLN A 643 36.69 12.02 4.11
CA GLN A 643 37.73 12.27 5.10
C GLN A 643 37.69 11.27 6.26
N ALA A 644 36.86 10.24 6.16
CA ALA A 644 36.73 9.24 7.21
C ALA A 644 37.80 8.18 7.02
N THR A 645 38.63 7.97 8.05
CA THR A 645 39.77 7.07 7.97
C THR A 645 39.60 5.79 8.78
N SER A 646 38.70 5.76 9.75
CA SER A 646 38.52 4.58 10.58
C SER A 646 37.41 3.70 9.99
N SER A 647 37.26 2.50 10.53
CA SER A 647 36.26 1.56 10.03
C SER A 647 34.84 1.89 10.46
N THR A 648 34.67 2.64 11.54
CA THR A 648 33.34 3.03 11.99
C THR A 648 32.90 4.37 11.44
N GLU A 649 33.84 5.29 11.23
CA GLU A 649 33.49 6.59 10.64
C GLU A 649 32.99 6.43 9.22
N LYS A 650 33.63 5.55 8.45
CA LYS A 650 33.20 5.32 7.08
C LYS A 650 31.81 4.72 7.03
N ALA A 651 31.52 3.74 7.90
CA ALA A 651 30.22 3.09 7.89
C ALA A 651 29.12 4.06 8.29
N ILE A 652 29.40 4.93 9.27
CA ILE A 652 28.37 5.85 9.76
C ILE A 652 28.05 6.90 8.71
N TYR A 653 29.08 7.49 8.10
CA TYR A 653 28.84 8.54 7.12
C TYR A 653 28.27 7.99 5.82
N ASP A 654 28.61 6.76 5.46
CA ASP A 654 28.01 6.13 4.29
C ASP A 654 26.53 5.88 4.52
N SER A 655 26.17 5.50 5.75
CA SER A 655 24.75 5.33 6.09
C SER A 655 24.01 6.67 6.02
N MET A 656 24.65 7.75 6.47
CA MET A 656 23.99 9.05 6.48
C MET A 656 23.63 9.51 5.07
N GLN A 657 24.60 9.45 4.15
CA GLN A 657 24.32 9.93 2.80
C GLN A 657 23.37 9.00 2.06
N TYR A 658 23.39 7.70 2.36
CA TYR A 658 22.36 6.82 1.81
C TYR A 658 20.96 7.24 2.26
N THR A 659 20.80 7.55 3.55
CA THR A 659 19.48 7.96 4.03
C THR A 659 18.94 9.14 3.25
N TYR A 660 19.78 10.15 3.00
CA TYR A 660 19.26 11.33 2.31
C TYR A 660 18.90 11.02 0.85
N LYS A 661 19.59 10.07 0.23
CA LYS A 661 19.20 9.60 -1.09
C LYS A 661 17.76 9.09 -1.08
N ILE A 662 17.44 8.25 -0.09
CA ILE A 662 16.10 7.69 -0.02
C ILE A 662 15.07 8.77 0.29
N VAL A 663 15.38 9.70 1.19
CA VAL A 663 14.40 10.74 1.53
C VAL A 663 14.10 11.61 0.31
N ALA A 664 15.12 12.05 -0.42
CA ALA A 664 14.87 12.82 -1.64
C ALA A 664 14.08 12.02 -2.65
N ASN A 665 14.35 10.71 -2.74
CA ASN A 665 13.57 9.86 -3.65
C ASN A 665 12.14 9.67 -3.14
N SER A 666 11.94 9.75 -1.83
CA SER A 666 10.60 9.68 -1.28
C SER A 666 9.80 10.92 -1.61
N VAL A 667 10.47 12.08 -1.70
CA VAL A 667 9.76 13.29 -2.13
C VAL A 667 9.12 13.08 -3.50
N TYR A 668 9.83 12.42 -4.42
CA TYR A 668 9.19 12.00 -5.66
C TYR A 668 8.03 11.05 -5.40
N GLY A 669 8.27 9.99 -4.62
CA GLY A 669 7.25 8.98 -4.42
C GLY A 669 5.95 9.51 -3.84
N LEU A 670 6.03 10.47 -2.93
CA LEU A 670 4.84 11.05 -2.31
C LEU A 670 3.99 11.83 -3.30
N MET A 671 4.51 12.12 -4.50
CA MET A 671 3.74 12.79 -5.52
C MET A 671 2.81 11.83 -6.25
N GLY A 672 3.10 10.54 -6.22
CA GLY A 672 2.23 9.55 -6.84
C GLY A 672 1.43 8.76 -5.83
N PHE A 673 1.51 9.18 -4.56
CA PHE A 673 0.82 8.53 -3.45
C PHE A 673 -0.51 9.24 -3.25
N ARG A 674 -1.61 8.51 -3.47
CA ARG A 674 -2.91 9.15 -3.56
C ARG A 674 -3.27 9.92 -2.30
N ASN A 675 -2.80 9.46 -1.14
CA ASN A 675 -3.14 10.08 0.14
C ASN A 675 -2.13 11.12 0.59
N SER A 676 -1.23 11.54 -0.28
CA SER A 676 -0.26 12.57 0.05
C SER A 676 -0.84 13.95 -0.20
N ALA A 677 -0.48 14.89 0.68
CA ALA A 677 -0.84 16.29 0.45
C ALA A 677 -0.19 16.82 -0.82
N LEU A 678 0.90 16.20 -1.26
CA LEU A 678 1.64 16.63 -2.43
C LEU A 678 1.26 15.89 -3.69
N TYR A 679 0.21 15.06 -3.66
CA TYR A 679 -0.13 14.24 -4.81
C TYR A 679 -0.38 15.10 -6.05
N SER A 680 0.21 14.68 -7.16
CA SER A 680 -0.02 15.31 -8.45
C SER A 680 0.22 14.26 -9.51
N TYR A 681 -0.84 13.82 -10.18
CA TYR A 681 -0.72 12.74 -11.15
C TYR A 681 0.14 13.17 -12.33
N ALA A 682 -0.18 14.34 -12.91
CA ALA A 682 0.54 14.81 -14.09
C ALA A 682 2.01 15.04 -13.80
N SER A 683 2.33 15.58 -12.62
CA SER A 683 3.73 15.89 -12.31
C SER A 683 4.54 14.62 -12.09
N ALA A 684 3.97 13.63 -11.42
CA ALA A 684 4.69 12.40 -11.16
C ALA A 684 5.00 11.64 -12.46
N LYS A 685 4.03 11.60 -13.38
CA LYS A 685 4.28 10.87 -14.61
C LYS A 685 5.14 11.67 -15.58
N SER A 686 5.09 13.01 -15.50
CA SER A 686 5.98 13.83 -16.30
C SER A 686 7.44 13.67 -15.88
N CYS A 687 7.70 13.53 -14.58
CA CYS A 687 9.05 13.25 -14.12
C CYS A 687 9.58 11.97 -14.74
N THR A 688 8.78 10.91 -14.71
CA THR A 688 9.24 9.66 -15.30
C THR A 688 9.48 9.81 -16.81
N SER A 689 8.60 10.48 -17.54
CA SER A 689 8.78 10.63 -18.98
C SER A 689 10.07 11.34 -19.32
N ILE A 690 10.38 12.43 -18.60
CA ILE A 690 11.64 13.13 -18.83
C ILE A 690 12.82 12.23 -18.49
N GLY A 691 12.69 11.44 -17.42
CA GLY A 691 13.75 10.49 -17.09
C GLY A 691 14.04 9.54 -18.24
N ARG A 692 12.99 8.95 -18.83
CA ARG A 692 13.18 8.02 -19.94
C ARG A 692 13.90 8.70 -21.09
N ARG A 693 13.54 9.95 -21.40
CA ARG A 693 14.13 10.64 -22.54
C ARG A 693 15.62 10.88 -22.33
N MET A 694 16.03 11.19 -21.09
CA MET A 694 17.44 11.41 -20.82
C MET A 694 18.25 10.13 -20.96
N ILE A 695 17.69 9.00 -20.55
CA ILE A 695 18.38 7.72 -20.70
C ILE A 695 18.54 7.38 -22.17
N LEU A 696 17.48 7.59 -22.96
CA LEU A 696 17.57 7.32 -24.39
C LEU A 696 18.57 8.25 -25.08
N TYR A 697 18.60 9.52 -24.66
CA TYR A 697 19.56 10.46 -25.23
C TYR A 697 20.99 10.01 -24.99
N LEU A 698 21.32 9.69 -23.73
CA LEU A 698 22.69 9.32 -23.42
C LEU A 698 23.08 8.00 -24.08
N GLU A 699 22.16 7.03 -24.09
CA GLU A 699 22.46 5.76 -24.74
C GLU A 699 22.73 5.94 -26.23
N SER A 700 21.96 6.80 -26.90
CA SER A 700 22.08 6.95 -28.34
C SER A 700 23.44 7.52 -28.73
N VAL A 701 23.89 8.56 -28.02
CA VAL A 701 25.12 9.22 -28.40
C VAL A 701 26.34 8.37 -28.10
N LEU A 702 26.26 7.52 -27.07
CA LEU A 702 27.37 6.63 -26.74
C LEU A 702 27.43 5.37 -27.59
N ASN A 703 26.28 4.85 -28.04
CA ASN A 703 26.22 3.57 -28.74
C ASN A 703 26.66 3.80 -30.19
N GLY A 704 27.87 3.38 -30.53
CA GLY A 704 28.43 3.66 -31.82
C GLY A 704 29.50 4.72 -31.81
N ALA A 705 29.82 5.25 -30.64
CA ALA A 705 30.88 6.24 -30.53
C ALA A 705 32.23 5.60 -30.86
N GLU A 706 33.10 6.39 -31.47
CA GLU A 706 34.42 5.88 -31.87
C GLU A 706 35.49 6.83 -31.36
N LEU A 707 36.34 6.34 -30.47
CA LEU A 707 37.53 7.09 -30.09
C LEU A 707 38.63 6.84 -31.12
N SER A 708 39.15 7.94 -31.69
CA SER A 708 40.11 7.85 -32.78
C SER A 708 41.34 8.66 -32.39
N ASN A 709 42.13 9.05 -33.38
CA ASN A 709 43.48 9.56 -33.12
C ASN A 709 43.49 11.03 -32.72
N GLY A 710 43.07 11.29 -31.48
CA GLY A 710 43.02 12.64 -30.94
C GLY A 710 41.63 13.24 -30.83
N MET A 711 40.59 12.54 -31.27
CA MET A 711 39.23 13.04 -31.13
C MET A 711 38.26 11.90 -30.89
N LEU A 712 37.10 12.25 -30.33
CA LEU A 712 35.99 11.33 -30.13
C LEU A 712 34.81 11.71 -31.04
N ARG A 713 34.31 10.71 -31.75
CA ARG A 713 33.14 10.88 -32.62
C ARG A 713 31.93 10.23 -31.94
N PHE A 714 30.97 11.04 -31.52
CA PHE A 714 29.75 10.51 -30.94
C PHE A 714 28.83 9.98 -32.04
N ALA A 715 28.02 8.99 -31.67
CA ALA A 715 27.22 8.27 -32.66
C ALA A 715 26.16 9.16 -33.28
N ASN A 716 25.53 10.00 -32.47
CA ASN A 716 24.42 10.83 -32.91
C ASN A 716 24.82 12.30 -32.84
N THR A 717 23.90 13.19 -33.24
CA THR A 717 24.10 14.62 -33.12
C THR A 717 23.78 15.06 -31.70
N LEU A 718 24.66 15.88 -31.13
CA LEU A 718 24.57 16.24 -29.72
C LEU A 718 23.61 17.41 -29.51
N SER A 719 22.34 17.22 -29.84
CA SER A 719 21.35 18.28 -29.74
C SER A 719 20.55 18.14 -28.45
N ASN A 720 19.91 19.22 -28.03
CA ASN A 720 19.02 19.20 -26.89
C ASN A 720 17.82 18.31 -27.19
N PRO A 721 17.53 17.29 -26.36
CA PRO A 721 16.48 16.33 -26.71
C PRO A 721 15.08 16.80 -26.39
N PHE A 722 14.90 18.03 -25.90
CA PHE A 722 13.60 18.53 -25.49
C PHE A 722 13.17 19.74 -26.31
N TYR A 723 14.07 20.68 -26.56
CA TYR A 723 13.70 21.94 -27.19
C TYR A 723 14.92 22.46 -27.96
N MET A 724 14.71 23.51 -28.75
CA MET A 724 15.76 24.10 -29.57
C MET A 724 16.68 24.93 -28.67
N ASP A 725 17.97 24.65 -28.74
CA ASP A 725 18.95 25.24 -27.83
C ASP A 725 20.11 25.84 -28.61
N ASP A 726 20.84 26.74 -27.97
CA ASP A 726 21.94 27.46 -28.59
C ASP A 726 23.30 26.80 -28.38
N ARG A 727 23.34 25.61 -27.80
CA ARG A 727 24.60 24.90 -27.62
C ARG A 727 25.08 24.29 -28.93
N ASP A 728 26.37 24.02 -29.00
CA ASP A 728 26.96 23.36 -30.15
C ASP A 728 26.49 21.92 -30.22
N ILE A 729 26.45 21.39 -31.44
CA ILE A 729 25.98 20.04 -31.70
C ILE A 729 27.00 19.16 -32.41
N ASN A 730 28.15 19.73 -32.80
CA ASN A 730 29.12 18.95 -33.57
C ASN A 730 29.49 17.67 -32.84
N PRO A 731 29.28 16.50 -33.45
CA PRO A 731 29.61 15.24 -32.77
C PRO A 731 31.09 14.99 -32.62
N ILE A 732 31.94 15.79 -33.24
CA ILE A 732 33.39 15.61 -33.15
C ILE A 732 33.91 16.49 -32.01
N VAL A 733 34.52 15.85 -31.01
CA VAL A 733 35.07 16.55 -29.85
C VAL A 733 36.53 16.16 -29.68
N LYS A 734 37.36 17.15 -29.36
CA LYS A 734 38.79 16.93 -29.15
C LYS A 734 39.02 16.22 -27.82
N THR A 735 39.97 15.30 -27.79
CA THR A 735 40.31 14.55 -26.59
C THR A 735 41.74 14.84 -26.18
N SER A 736 42.08 14.43 -24.95
CA SER A 736 43.44 14.53 -24.43
C SER A 736 44.12 13.16 -24.33
N LEU A 737 43.63 12.17 -25.06
CA LEU A 737 44.24 10.86 -24.98
C LEU A 737 45.21 10.64 -26.14
N PRO A 738 46.16 9.71 -25.99
CA PRO A 738 47.11 9.43 -27.08
C PRO A 738 46.46 9.11 -28.41
N ILE A 739 47.09 9.57 -29.50
CA ILE A 739 46.56 9.34 -30.83
C ILE A 739 46.59 7.86 -31.18
N ASP A 740 47.30 7.05 -30.40
CA ASP A 740 47.36 5.62 -30.65
C ASP A 740 46.11 4.87 -30.25
N TYR A 741 45.17 5.51 -29.55
CA TYR A 741 43.96 4.84 -29.11
C TYR A 741 42.95 4.74 -30.27
N ARG A 742 42.47 3.52 -30.54
CA ARG A 742 41.51 3.27 -31.63
C ARG A 742 40.50 2.26 -31.09
N PHE A 743 39.40 2.77 -30.54
CA PHE A 743 38.39 1.95 -29.88
C PHE A 743 37.01 2.26 -30.45
N ARG A 744 36.06 1.40 -30.11
CA ARG A 744 34.65 1.57 -30.45
C ARG A 744 33.84 1.27 -29.20
N PHE A 745 32.76 2.02 -29.00
CA PHE A 745 31.89 1.83 -27.85
C PHE A 745 30.54 1.31 -28.28
N ARG A 746 29.98 0.40 -27.47
CA ARG A 746 28.63 -0.11 -27.68
C ARG A 746 27.83 0.03 -26.39
N SER A 747 26.57 -0.39 -26.43
CA SER A 747 25.71 -0.31 -25.25
C SER A 747 25.04 -1.66 -25.08
N VAL A 748 25.17 -2.27 -23.91
CA VAL A 748 24.71 -3.63 -23.69
C VAL A 748 23.56 -3.74 -22.70
N TYR A 749 23.28 -2.69 -21.93
CA TYR A 749 22.16 -2.72 -20.98
C TYR A 749 21.99 -1.31 -20.45
N GLY A 750 20.99 -1.13 -19.57
CA GLY A 750 20.70 0.15 -18.96
C GLY A 750 19.32 0.12 -18.33
N ASP A 751 19.17 0.72 -17.14
CA ASP A 751 17.94 0.62 -16.37
C ASP A 751 17.74 1.92 -15.58
N THR A 752 16.87 2.78 -16.11
CA THR A 752 16.36 3.96 -15.40
C THR A 752 17.43 5.01 -15.17
N ASP A 753 18.64 4.66 -14.78
CA ASP A 753 19.60 5.73 -14.44
C ASP A 753 20.94 5.54 -15.13
N SER A 754 21.45 4.31 -15.31
CA SER A 754 22.81 4.15 -15.79
C SER A 754 22.79 3.47 -17.15
N VAL A 755 23.89 3.63 -17.86
CA VAL A 755 24.08 3.00 -19.17
C VAL A 755 25.32 2.12 -19.06
N PHE A 756 25.21 0.87 -19.52
CA PHE A 756 26.33 -0.06 -19.52
C PHE A 756 27.03 0.04 -20.86
N THR A 757 28.21 0.65 -20.91
CA THR A 757 28.90 0.91 -22.17
C THR A 757 30.06 -0.06 -22.31
N GLU A 758 30.03 -0.87 -23.35
CA GLU A 758 31.03 -1.91 -23.55
C GLU A 758 32.16 -1.38 -24.41
N ILE A 759 33.38 -1.67 -24.01
CA ILE A 759 34.58 -1.37 -24.80
C ILE A 759 35.25 -2.69 -25.17
N ASP A 760 35.97 -2.71 -26.29
CA ASP A 760 36.53 -3.93 -26.83
C ASP A 760 37.92 -4.25 -26.29
N SER A 761 38.24 -3.78 -25.08
CA SER A 761 39.51 -4.06 -24.43
C SER A 761 39.26 -4.88 -23.18
N GLN A 762 40.30 -5.59 -22.74
CA GLN A 762 40.25 -6.29 -21.45
C GLN A 762 41.12 -5.67 -20.37
N ASP A 763 42.05 -4.78 -20.71
CA ASP A 763 42.90 -4.16 -19.71
C ASP A 763 42.08 -3.23 -18.82
N VAL A 764 42.34 -3.29 -17.51
CA VAL A 764 41.59 -2.52 -16.52
C VAL A 764 42.28 -1.22 -16.17
N ASP A 765 43.49 -0.98 -16.66
CA ASP A 765 44.15 0.30 -16.47
C ASP A 765 43.87 1.29 -17.58
N LYS A 766 43.84 0.85 -18.83
CA LYS A 766 43.45 1.74 -19.92
C LYS A 766 41.98 2.11 -19.83
N SER A 767 41.15 1.19 -19.32
CA SER A 767 39.73 1.45 -19.18
C SER A 767 39.46 2.59 -18.22
N ILE A 768 40.26 2.72 -17.16
CA ILE A 768 40.07 3.84 -16.25
C ILE A 768 40.47 5.17 -16.91
N GLU A 769 41.59 5.20 -17.61
CA GLU A 769 42.02 6.42 -18.28
C GLU A 769 40.99 6.89 -19.29
N ILE A 770 40.50 5.97 -20.12
CA ILE A 770 39.52 6.32 -21.14
C ILE A 770 38.20 6.72 -20.49
N ALA A 771 37.73 5.96 -19.50
CA ALA A 771 36.47 6.27 -18.86
C ALA A 771 36.49 7.66 -18.23
N LYS A 772 37.60 8.04 -17.60
CA LYS A 772 37.68 9.37 -17.02
C LYS A 772 37.63 10.45 -18.09
N GLU A 773 38.21 10.17 -19.27
CA GLU A 773 38.11 11.11 -20.36
C GLU A 773 36.68 11.27 -20.84
N LEU A 774 35.94 10.16 -20.95
CA LEU A 774 34.54 10.21 -21.35
C LEU A 774 33.73 11.00 -20.35
N GLU A 775 34.02 10.81 -19.06
CA GLU A 775 33.34 11.53 -17.97
C GLU A 775 33.46 13.03 -18.15
N ARG A 776 34.65 13.52 -18.47
CA ARG A 776 34.83 14.95 -18.69
C ARG A 776 34.02 15.42 -19.90
N LEU A 777 34.16 14.73 -21.04
CA LEU A 777 33.52 15.18 -22.27
C LEU A 777 32.00 15.08 -22.17
N ILE A 778 31.49 14.03 -21.53
CA ILE A 778 30.06 13.80 -21.43
C ILE A 778 29.40 14.89 -20.60
N ASN A 779 30.01 15.24 -19.47
CA ASN A 779 29.44 16.27 -18.62
C ASN A 779 29.57 17.66 -19.24
N SER A 780 30.63 17.92 -20.01
CA SER A 780 30.83 19.24 -20.58
C SER A 780 30.24 19.42 -21.98
N ARG A 781 30.17 18.38 -22.80
CA ARG A 781 29.76 18.53 -24.18
C ARG A 781 28.50 17.76 -24.57
N VAL A 782 28.22 16.62 -23.96
CA VAL A 782 27.02 15.83 -24.28
C VAL A 782 25.82 16.30 -23.48
N LEU A 783 25.97 16.44 -22.17
CA LEU A 783 24.89 16.90 -21.32
C LEU A 783 24.83 18.43 -21.34
N PHE A 784 23.62 18.97 -21.14
CA PHE A 784 23.36 20.35 -21.52
C PHE A 784 22.88 21.23 -20.37
N ASN A 785 22.75 20.71 -19.15
CA ASN A 785 22.08 21.43 -18.08
C ASN A 785 22.61 20.90 -16.75
N ASN A 786 21.76 20.87 -15.74
CA ASN A 786 22.15 20.46 -14.39
C ASN A 786 22.33 18.95 -14.26
N PHE A 787 22.04 18.21 -15.33
CA PHE A 787 22.28 16.77 -15.32
C PHE A 787 23.76 16.47 -15.43
N LYS A 788 24.24 15.54 -14.61
CA LYS A 788 25.63 15.10 -14.63
C LYS A 788 25.66 13.60 -14.39
N ILE A 789 26.71 12.95 -14.88
CA ILE A 789 26.93 11.53 -14.65
C ILE A 789 28.26 11.35 -13.93
N GLU A 790 28.43 10.19 -13.30
CA GLU A 790 29.69 9.85 -12.67
C GLU A 790 30.15 8.49 -13.18
N PHE A 791 31.45 8.35 -13.38
CA PHE A 791 32.04 7.05 -13.70
C PHE A 791 32.24 6.33 -12.37
N GLU A 792 31.67 5.13 -12.25
CA GLU A 792 31.72 4.41 -11.00
C GLU A 792 32.67 3.22 -11.00
N ALA A 793 32.74 2.45 -12.08
CA ALA A 793 33.51 1.21 -12.02
C ALA A 793 33.69 0.63 -13.40
N VAL A 794 34.65 -0.29 -13.50
CA VAL A 794 34.82 -1.16 -14.65
C VAL A 794 34.35 -2.54 -14.21
N TYR A 795 33.33 -3.07 -14.88
CA TYR A 795 32.92 -4.44 -14.64
C TYR A 795 33.72 -5.37 -15.54
N LYS A 796 34.31 -6.40 -14.95
CA LYS A 796 35.09 -7.39 -15.68
C LYS A 796 34.49 -8.77 -15.47
N ASN A 797 34.50 -9.58 -16.52
CA ASN A 797 33.87 -10.89 -16.52
C ASN A 797 32.40 -10.79 -16.15
N LEU A 798 31.74 -9.76 -16.71
CA LEU A 798 30.31 -9.59 -16.50
C LEU A 798 29.53 -10.72 -17.16
N ILE A 799 28.65 -11.34 -16.39
CA ILE A 799 27.72 -12.34 -16.88
C ILE A 799 26.33 -11.94 -16.43
N MET A 800 25.40 -11.79 -17.38
CA MET A 800 24.03 -11.43 -17.07
C MET A 800 23.12 -12.63 -17.32
N GLN A 801 22.20 -12.88 -16.39
CA GLN A 801 21.19 -13.93 -16.57
C GLN A 801 19.86 -13.38 -17.04
N SER A 802 19.50 -12.18 -16.60
CA SER A 802 18.25 -11.54 -17.01
C SER A 802 18.42 -10.04 -16.84
N LYS A 803 17.37 -9.28 -17.17
CA LYS A 803 17.44 -7.83 -17.16
C LYS A 803 18.01 -7.30 -15.85
N LYS A 804 17.59 -7.86 -14.73
CA LYS A 804 17.94 -7.34 -13.41
C LYS A 804 18.69 -8.37 -12.56
N LYS A 805 19.42 -9.27 -13.21
CA LYS A 805 20.18 -10.31 -12.52
C LYS A 805 21.53 -10.50 -13.20
N TYR A 806 22.60 -10.17 -12.49
CA TYR A 806 23.94 -10.27 -13.06
C TYR A 806 24.96 -10.38 -11.94
N THR A 807 26.13 -10.90 -12.30
CA THR A 807 27.27 -10.96 -11.39
C THR A 807 28.50 -10.47 -12.13
N THR A 808 29.49 -9.96 -11.41
CA THR A 808 30.69 -9.46 -12.06
C THR A 808 31.79 -9.25 -11.02
N MET A 809 33.00 -8.97 -11.50
CA MET A 809 34.10 -8.52 -10.66
C MET A 809 34.26 -7.01 -10.87
N LYS A 810 34.30 -6.27 -9.77
CA LYS A 810 34.20 -4.81 -9.80
C LYS A 810 35.57 -4.21 -9.53
N TYR A 811 36.08 -3.48 -10.52
CA TYR A 811 37.24 -2.61 -10.35
C TYR A 811 36.75 -1.18 -10.29
N SER A 812 36.80 -0.57 -9.11
CA SER A 812 36.20 0.74 -8.94
C SER A 812 36.95 1.78 -9.77
N ALA A 813 36.27 2.91 -10.01
CA ALA A 813 36.88 4.00 -10.77
C ALA A 813 38.20 4.44 -10.15
N SER A 814 38.28 4.43 -8.82
CA SER A 814 39.51 4.80 -8.11
C SER A 814 40.28 3.54 -7.70
N SER A 815 40.72 2.80 -8.71
CA SER A 815 41.54 1.61 -8.51
C SER A 815 42.35 1.37 -9.77
N ASN A 816 43.16 0.32 -9.74
CA ASN A 816 43.97 -0.07 -10.88
C ASN A 816 44.20 -1.56 -10.83
N SER A 817 44.99 -2.08 -11.79
CA SER A 817 45.10 -3.52 -11.96
C SER A 817 45.77 -4.19 -10.76
N LYS A 818 46.38 -3.42 -9.87
CA LYS A 818 47.08 -3.96 -8.70
C LYS A 818 46.17 -4.08 -7.48
N SER A 819 44.88 -3.77 -7.62
CA SER A 819 43.92 -3.86 -6.54
C SER A 819 43.12 -5.15 -6.68
N VAL A 820 42.47 -5.54 -5.60
CA VAL A 820 41.65 -6.75 -5.55
C VAL A 820 40.22 -6.36 -5.91
N PRO A 821 39.60 -6.98 -6.91
CA PRO A 821 38.23 -6.62 -7.27
C PRO A 821 37.23 -7.12 -6.24
N GLU A 822 36.10 -6.44 -6.17
CA GLU A 822 35.02 -6.91 -5.31
C GLU A 822 34.18 -7.93 -6.06
N ARG A 823 33.53 -8.82 -5.31
CA ARG A 823 32.62 -9.81 -5.89
C ARG A 823 31.21 -9.24 -5.81
N ILE A 824 30.60 -8.98 -6.97
CA ILE A 824 29.30 -8.33 -7.02
C ILE A 824 28.24 -9.33 -7.45
N ASN A 825 27.15 -9.38 -6.67
CA ASN A 825 25.97 -10.17 -6.98
C ASN A 825 24.75 -9.27 -6.83
N LYS A 826 24.01 -9.08 -7.93
CA LYS A 826 22.84 -8.21 -7.94
C LYS A 826 21.67 -9.01 -8.48
N GLY A 827 20.65 -9.18 -7.64
CA GLY A 827 19.42 -9.84 -8.04
C GLY A 827 19.46 -11.34 -8.10
N THR A 828 20.63 -11.95 -7.90
CA THR A 828 20.77 -13.38 -8.09
C THR A 828 20.60 -14.12 -6.76
N SER A 829 20.56 -15.45 -6.85
CA SER A 829 20.32 -16.28 -5.67
C SER A 829 21.44 -16.18 -4.64
N GLU A 830 22.61 -15.65 -5.02
CA GLU A 830 23.69 -15.47 -4.07
C GLU A 830 23.36 -14.44 -3.00
N THR A 831 22.43 -13.53 -3.26
CA THR A 831 22.06 -12.49 -2.31
C THR A 831 20.63 -12.62 -1.79
N ARG A 832 19.77 -13.33 -2.50
CA ARG A 832 18.39 -13.48 -2.06
C ARG A 832 18.33 -14.20 -0.73
N ARG A 833 17.46 -13.73 0.16
CA ARG A 833 17.32 -14.28 1.50
C ARG A 833 16.30 -15.41 1.56
N ASP A 834 15.68 -15.76 0.43
CA ASP A 834 14.62 -16.76 0.39
C ASP A 834 15.02 -17.92 -0.51
N VAL A 835 16.29 -18.32 -0.45
CA VAL A 835 16.73 -19.42 -1.29
C VAL A 835 17.29 -20.57 -0.45
N SER A 836 18.50 -20.41 0.08
CA SER A 836 19.16 -21.42 0.90
C SER A 836 20.57 -20.97 1.29
N LYS A 837 21.30 -21.81 2.02
CA LYS A 837 22.74 -21.70 2.11
C LYS A 837 23.44 -22.84 1.38
N PHE A 838 22.69 -23.87 0.99
CA PHE A 838 23.13 -25.01 0.17
C PHE A 838 23.14 -24.66 -1.32
N HIS A 839 22.04 -24.05 -1.79
CA HIS A 839 21.98 -23.53 -3.15
C HIS A 839 23.15 -22.58 -3.41
N LYS A 840 23.41 -21.65 -2.48
CA LYS A 840 24.41 -20.61 -2.73
C LYS A 840 25.79 -21.22 -2.98
N ASN A 841 26.14 -22.26 -2.22
CA ASN A 841 27.48 -22.82 -2.33
C ASN A 841 27.68 -23.51 -3.68
N MET A 842 26.68 -24.27 -4.12
CA MET A 842 26.86 -24.95 -5.40
C MET A 842 26.72 -24.02 -6.60
N ILE A 843 25.83 -23.04 -6.55
CA ILE A 843 25.68 -22.19 -7.73
C ILE A 843 26.97 -21.40 -7.96
N LYS A 844 27.63 -20.98 -6.88
CA LYS A 844 28.90 -20.28 -7.02
C LYS A 844 29.96 -21.17 -7.65
N THR A 845 30.00 -22.45 -7.23
CA THR A 845 31.04 -23.33 -7.76
C THR A 845 30.85 -23.56 -9.26
N TYR A 846 29.63 -23.91 -9.69
CA TYR A 846 29.42 -24.27 -11.08
C TYR A 846 29.38 -23.05 -11.98
N LYS A 847 28.87 -21.91 -11.47
CA LYS A 847 28.88 -20.70 -12.27
C LYS A 847 30.31 -20.28 -12.58
N THR A 848 31.21 -20.39 -11.59
CA THR A 848 32.61 -20.07 -11.86
C THR A 848 33.23 -21.01 -12.88
N ARG A 849 32.95 -22.31 -12.74
CA ARG A 849 33.52 -23.29 -13.65
C ARG A 849 33.08 -23.01 -15.09
N LEU A 850 31.82 -22.64 -15.27
CA LEU A 850 31.32 -22.30 -16.60
C LEU A 850 32.02 -21.07 -17.15
N SER A 851 32.18 -20.04 -16.33
CA SER A 851 32.86 -18.84 -16.79
C SER A 851 34.29 -19.15 -17.20
N GLU A 852 35.01 -19.96 -16.42
CA GLU A 852 36.39 -20.28 -16.76
C GLU A 852 36.48 -21.08 -18.06
N MET A 853 35.60 -22.06 -18.26
CA MET A 853 35.69 -22.81 -19.51
C MET A 853 35.38 -21.93 -20.72
N LEU A 854 34.38 -21.04 -20.60
CA LEU A 854 34.06 -20.21 -21.75
C LEU A 854 35.09 -19.11 -21.97
N SER A 855 35.67 -18.57 -20.90
CA SER A 855 36.71 -17.55 -21.08
C SER A 855 37.96 -18.14 -21.73
N GLU A 856 38.37 -19.33 -21.29
CA GLU A 856 39.56 -19.96 -21.85
C GLU A 856 39.36 -20.28 -23.33
N GLY A 857 38.24 -20.90 -23.67
CA GLY A 857 37.88 -21.12 -25.06
C GLY A 857 38.34 -22.44 -25.64
N ARG A 858 37.43 -23.41 -25.75
CA ARG A 858 37.80 -24.70 -26.33
C ARG A 858 36.75 -25.20 -27.32
N MET A 859 35.48 -25.24 -26.92
CA MET A 859 34.35 -25.61 -27.78
C MET A 859 34.66 -26.87 -28.59
N ASN A 860 35.11 -27.90 -27.88
CA ASN A 860 35.44 -29.16 -28.55
C ASN A 860 34.22 -29.71 -29.29
N SER A 861 33.12 -29.94 -28.57
CA SER A 861 31.84 -30.26 -29.20
C SER A 861 30.67 -29.72 -28.39
N ASN A 862 30.18 -30.50 -27.43
CA ASN A 862 29.19 -30.09 -26.45
C ASN A 862 29.70 -30.37 -25.04
N GLN A 863 31.02 -30.32 -24.86
CA GLN A 863 31.62 -30.74 -23.60
C GLN A 863 31.26 -29.84 -22.43
N VAL A 864 31.06 -28.54 -22.65
CA VAL A 864 30.83 -27.63 -21.53
C VAL A 864 29.56 -28.04 -20.77
N CYS A 865 28.46 -28.24 -21.49
CA CYS A 865 27.22 -28.61 -20.84
C CYS A 865 27.28 -30.05 -20.34
N ILE A 866 27.96 -30.93 -21.07
CA ILE A 866 27.99 -32.33 -20.65
C ILE A 866 28.75 -32.49 -19.34
N ASP A 867 29.91 -31.86 -19.19
CA ASP A 867 30.67 -32.01 -17.96
C ASP A 867 29.93 -31.42 -16.77
N ILE A 868 29.31 -30.24 -16.96
CA ILE A 868 28.62 -29.59 -15.85
C ILE A 868 27.41 -30.42 -15.42
N LEU A 869 26.63 -30.88 -16.40
CA LEU A 869 25.41 -31.63 -16.08
C LEU A 869 25.72 -32.94 -15.39
N ARG A 870 26.75 -33.67 -15.85
CA ARG A 870 27.11 -34.93 -15.23
C ARG A 870 27.61 -34.72 -13.81
N SER A 871 28.43 -33.68 -13.61
CA SER A 871 28.93 -33.39 -12.27
C SER A 871 27.80 -32.99 -11.33
N LEU A 872 26.84 -32.22 -11.83
CA LEU A 872 25.74 -31.76 -11.00
C LEU A 872 24.93 -32.93 -10.46
N GLU A 873 24.58 -33.88 -11.34
CA GLU A 873 23.82 -35.05 -10.93
C GLU A 873 24.58 -35.85 -9.87
N THR A 874 25.90 -35.95 -10.01
CA THR A 874 26.69 -36.67 -9.03
C THR A 874 26.56 -36.05 -7.65
N ASP A 875 26.67 -34.71 -7.58
CA ASP A 875 26.60 -34.04 -6.28
C ASP A 875 25.20 -34.13 -5.69
N LEU A 876 24.16 -34.00 -6.52
CA LEU A 876 22.80 -34.05 -6.02
C LEU A 876 22.46 -35.43 -5.48
N ARG A 877 22.86 -36.49 -6.19
CA ARG A 877 22.62 -37.84 -5.69
C ARG A 877 23.47 -38.15 -4.47
N SER A 878 24.71 -37.65 -4.46
CA SER A 878 25.59 -37.91 -3.32
C SER A 878 24.99 -37.37 -2.03
N GLU A 879 24.46 -36.14 -2.07
CA GLU A 879 23.87 -35.57 -0.87
C GLU A 879 22.60 -36.33 -0.47
N PHE A 880 21.79 -36.71 -1.45
CA PHE A 880 20.56 -37.43 -1.15
C PHE A 880 20.82 -38.70 -0.33
N ASP A 881 21.81 -39.49 -0.73
CA ASP A 881 22.08 -40.71 0.04
C ASP A 881 23.00 -40.47 1.24
N SER A 882 23.98 -39.57 1.10
CA SER A 882 24.89 -39.32 2.22
C SER A 882 24.19 -38.58 3.35
N ARG A 883 23.43 -37.53 3.03
CA ARG A 883 22.65 -36.78 4.01
C ARG A 883 23.54 -36.26 5.15
N SER A 884 24.74 -35.81 4.80
CA SER A 884 25.70 -35.33 5.79
C SER A 884 25.56 -33.84 6.08
N SER A 885 25.03 -33.07 5.14
CA SER A 885 24.91 -31.64 5.33
C SER A 885 23.86 -31.34 6.40
N PRO A 886 24.16 -30.48 7.36
CA PRO A 886 23.22 -30.20 8.46
C PRO A 886 22.03 -29.38 7.97
N LEU A 887 20.94 -29.44 8.74
CA LEU A 887 19.70 -28.80 8.34
C LEU A 887 19.87 -27.29 8.22
N GLU A 888 20.79 -26.70 8.98
CA GLU A 888 20.95 -25.25 8.98
C GLU A 888 21.33 -24.68 7.62
N LEU A 889 21.76 -25.54 6.69
CA LEU A 889 22.09 -25.11 5.34
C LEU A 889 20.89 -25.11 4.41
N PHE A 890 19.75 -25.65 4.87
CA PHE A 890 18.55 -25.74 4.02
C PHE A 890 17.39 -24.94 4.58
N MET A 891 17.65 -23.98 5.46
CA MET A 891 16.60 -23.18 6.09
C MET A 891 16.41 -21.88 5.34
N LEU A 892 15.16 -21.49 5.17
CA LEU A 892 14.79 -20.19 4.63
C LEU A 892 14.18 -19.34 5.73
N SER A 893 14.26 -18.02 5.58
CA SER A 893 13.61 -17.11 6.49
C SER A 893 12.57 -16.28 5.75
N ARG A 894 11.45 -16.04 6.41
CA ARG A 894 10.37 -15.27 5.79
C ARG A 894 9.68 -14.41 6.84
N MET A 895 9.21 -13.24 6.41
CA MET A 895 8.55 -12.29 7.30
C MET A 895 7.08 -12.65 7.46
N HIS A 896 6.61 -12.66 8.70
CA HIS A 896 5.19 -12.84 8.98
C HIS A 896 4.44 -11.52 8.84
N HIS A 897 3.21 -11.61 8.35
CA HIS A 897 2.29 -10.47 8.33
C HIS A 897 0.90 -11.01 8.05
N SER A 898 -0.09 -10.11 8.08
CA SER A 898 -1.48 -10.47 7.88
C SER A 898 -2.05 -9.85 6.60
N ASN A 899 -1.17 -9.43 5.69
CA ASN A 899 -1.57 -8.75 4.45
C ASN A 899 -1.88 -9.78 3.35
N TYR A 900 -2.97 -10.51 3.56
CA TYR A 900 -3.40 -11.54 2.62
C TYR A 900 -4.87 -11.32 2.26
N LYS A 901 -5.21 -11.54 1.00
CA LYS A 901 -6.60 -11.74 0.65
C LYS A 901 -6.97 -13.19 0.95
N SER A 902 -8.23 -13.41 1.34
CA SER A 902 -8.71 -14.74 1.70
C SER A 902 -7.81 -15.34 2.80
N ALA A 903 -8.07 -14.85 4.02
CA ALA A 903 -7.17 -14.98 5.17
C ALA A 903 -6.68 -16.40 5.44
N ASP A 904 -7.23 -17.39 4.73
CA ASP A 904 -6.82 -18.78 4.89
C ASP A 904 -5.56 -19.11 4.08
N ASN A 905 -4.68 -18.15 3.89
CA ASN A 905 -3.44 -18.38 3.16
C ASN A 905 -2.56 -19.38 3.91
N PRO A 906 -1.90 -20.28 3.19
CA PRO A 906 -0.99 -21.23 3.86
C PRO A 906 0.02 -20.59 4.80
N ASN A 907 0.46 -19.36 4.50
CA ASN A 907 1.46 -18.72 5.36
C ASN A 907 0.87 -18.31 6.71
N MET A 908 -0.35 -17.77 6.71
CA MET A 908 -1.01 -17.43 7.97
C MET A 908 -1.35 -18.69 8.76
N TYR A 909 -1.78 -19.74 8.05
CA TYR A 909 -2.10 -21.00 8.71
C TYR A 909 -0.88 -21.58 9.43
N LEU A 910 0.26 -21.64 8.73
CA LEU A 910 1.45 -22.25 9.31
C LEU A 910 1.89 -21.52 10.57
N VAL A 911 1.91 -20.17 10.52
CA VAL A 911 2.37 -19.41 11.68
C VAL A 911 1.34 -19.46 12.80
N THR A 912 0.04 -19.36 12.46
CA THR A 912 -0.97 -19.37 13.50
C THR A 912 -0.95 -20.67 14.29
N GLU A 913 -0.89 -21.81 13.60
CA GLU A 913 -0.80 -23.09 14.31
C GLU A 913 0.50 -23.20 15.08
N TYR A 914 1.58 -22.62 14.56
CA TYR A 914 2.82 -22.58 15.32
C TYR A 914 2.65 -21.80 16.63
N ASN A 915 2.09 -20.60 16.55
CA ASN A 915 1.97 -19.74 17.73
C ASN A 915 1.08 -20.37 18.80
N LYS A 916 0.03 -21.09 18.39
CA LYS A 916 -0.88 -21.69 19.35
C LYS A 916 -0.25 -22.81 20.16
N ASN A 917 0.79 -23.47 19.64
CA ASN A 917 1.35 -24.65 20.27
C ASN A 917 2.79 -24.44 20.76
N ASN A 918 3.63 -23.81 19.95
CA ASN A 918 5.02 -23.62 20.34
C ASN A 918 5.17 -22.42 21.27
N PRO A 919 5.92 -22.56 22.36
CA PRO A 919 6.09 -21.45 23.30
C PRO A 919 6.68 -20.19 22.68
N GLU A 920 7.30 -20.29 21.51
CA GLU A 920 7.89 -19.15 20.83
C GLU A 920 6.83 -18.49 19.97
N THR A 921 6.55 -17.21 20.22
CA THR A 921 5.54 -16.47 19.48
C THR A 921 6.20 -15.67 18.36
N ILE A 922 5.68 -15.82 17.15
CA ILE A 922 6.15 -15.05 16.01
C ILE A 922 5.29 -13.80 15.90
N GLU A 923 5.94 -12.63 15.91
CA GLU A 923 5.23 -11.36 15.89
C GLU A 923 4.93 -10.96 14.45
N LEU A 924 4.19 -9.87 14.28
CA LEU A 924 3.65 -9.48 12.98
C LEU A 924 4.69 -8.86 12.06
N GLY A 925 5.90 -8.63 12.55
CA GLY A 925 6.96 -8.12 11.69
C GLY A 925 8.21 -8.97 11.78
N GLU A 926 8.08 -10.13 12.40
CA GLU A 926 9.23 -10.97 12.70
C GLU A 926 9.52 -11.94 11.55
N ARG A 927 10.80 -12.17 11.30
CA ARG A 927 11.24 -13.16 10.32
C ARG A 927 11.48 -14.48 11.05
N TYR A 928 10.88 -15.54 10.54
CA TYR A 928 11.03 -16.88 11.10
C TYR A 928 11.68 -17.80 10.08
N TYR A 929 12.34 -18.83 10.59
CA TYR A 929 12.97 -19.86 9.77
C TYR A 929 11.97 -20.98 9.50
N PHE A 930 12.07 -21.57 8.31
CA PHE A 930 11.26 -22.72 7.97
C PHE A 930 12.05 -23.62 7.02
N ALA A 931 11.59 -24.86 6.90
CA ALA A 931 12.23 -25.83 6.02
C ALA A 931 11.18 -26.79 5.49
N TYR A 932 11.53 -27.48 4.41
CA TYR A 932 10.68 -28.50 3.81
C TYR A 932 11.13 -29.87 4.33
N ILE A 933 10.31 -30.48 5.16
CA ILE A 933 10.65 -31.72 5.85
C ILE A 933 9.63 -32.78 5.46
N CYS A 934 10.11 -33.98 5.12
CA CYS A 934 9.26 -35.06 4.64
C CYS A 934 9.59 -36.35 5.40
N PRO A 935 8.69 -37.34 5.37
CA PRO A 935 9.01 -38.63 5.99
C PRO A 935 10.28 -39.23 5.41
N ALA A 936 11.02 -39.94 6.25
CA ALA A 936 12.26 -40.58 5.83
C ALA A 936 12.05 -41.94 5.17
N ASN A 937 10.81 -42.42 5.09
CA ASN A 937 10.51 -43.75 4.57
C ASN A 937 9.90 -43.70 3.17
N VAL A 938 10.29 -42.73 2.35
CA VAL A 938 9.75 -42.58 1.00
C VAL A 938 10.89 -42.49 0.00
N PRO A 939 10.63 -42.90 -1.24
CA PRO A 939 11.68 -42.86 -2.27
C PRO A 939 11.90 -41.48 -2.84
N TRP A 940 12.92 -41.34 -3.68
CA TRP A 940 13.04 -40.16 -4.53
C TRP A 940 11.77 -39.96 -5.35
N THR A 941 11.14 -38.80 -5.18
CA THR A 941 9.88 -38.49 -5.83
C THR A 941 10.15 -37.62 -7.05
N LYS A 942 9.65 -38.05 -8.20
CA LYS A 942 9.82 -37.31 -9.45
C LYS A 942 8.65 -36.41 -9.79
N LYS A 943 7.45 -36.72 -9.30
CA LYS A 943 6.25 -35.95 -9.60
C LYS A 943 5.76 -35.31 -8.31
N LEU A 944 5.83 -34.00 -8.24
CA LEU A 944 5.51 -33.25 -7.03
C LEU A 944 4.12 -32.64 -7.17
N VAL A 945 3.23 -32.97 -6.24
CA VAL A 945 1.85 -32.50 -6.30
C VAL A 945 1.60 -31.40 -5.28
N ASN A 946 2.05 -31.60 -4.03
CA ASN A 946 1.80 -30.66 -2.95
C ASN A 946 3.12 -30.27 -2.32
N ILE A 947 3.41 -28.98 -2.28
CA ILE A 947 4.63 -28.47 -1.67
C ILE A 947 4.29 -27.85 -0.32
N LYS A 948 3.19 -27.11 -0.25
CA LYS A 948 2.81 -26.41 0.98
C LYS A 948 2.61 -27.34 2.16
N THR A 949 2.47 -28.64 1.93
CA THR A 949 2.21 -29.59 3.00
C THR A 949 3.48 -30.09 3.67
N TYR A 950 4.65 -29.68 3.18
CA TYR A 950 5.93 -30.06 3.76
C TYR A 950 6.58 -28.95 4.58
N GLU A 951 5.98 -27.77 4.64
CA GLU A 951 6.58 -26.65 5.34
C GLU A 951 6.43 -26.80 6.85
N THR A 952 7.51 -26.50 7.56
CA THR A 952 7.45 -26.41 9.01
C THR A 952 8.36 -25.28 9.48
N ILE A 953 8.00 -24.69 10.62
CA ILE A 953 8.76 -23.58 11.19
C ILE A 953 9.79 -24.10 12.17
N ILE A 954 11.01 -23.59 12.08
CA ILE A 954 12.15 -24.08 12.84
C ILE A 954 12.29 -23.20 14.06
N ASP A 955 12.17 -23.78 15.24
CA ASP A 955 12.37 -23.05 16.49
C ASP A 955 13.81 -23.28 16.97
N ARG A 956 14.09 -22.88 18.22
CA ARG A 956 15.44 -22.95 18.74
C ARG A 956 15.85 -24.36 19.14
N SER A 957 14.91 -25.30 19.20
CA SER A 957 15.16 -26.64 19.70
C SER A 957 14.60 -27.68 18.74
N PHE A 958 14.79 -27.45 17.44
CA PHE A 958 14.17 -28.27 16.39
C PHE A 958 15.18 -29.32 15.97
N LYS A 959 14.89 -30.58 16.32
CA LYS A 959 15.75 -31.69 15.95
C LYS A 959 14.93 -32.70 15.17
N LEU A 960 15.45 -33.11 14.01
CA LEU A 960 14.74 -34.09 13.19
C LEU A 960 14.76 -35.47 13.84
N GLY A 961 13.64 -36.17 13.75
CA GLY A 961 13.58 -37.54 14.22
C GLY A 961 14.12 -38.53 13.21
N SER A 962 14.17 -39.79 13.64
CA SER A 962 14.67 -40.85 12.77
C SER A 962 13.75 -41.10 11.59
N ASN A 963 12.51 -40.62 11.65
CA ASN A 963 11.54 -40.80 10.58
C ASN A 963 11.35 -39.56 9.74
N GLN A 964 12.29 -38.60 9.81
CA GLN A 964 12.23 -37.37 9.04
C GLN A 964 13.52 -37.20 8.25
N ARG A 965 13.39 -36.55 7.09
CA ARG A 965 14.55 -36.15 6.29
C ARG A 965 14.22 -34.86 5.58
N ILE A 966 15.25 -34.27 4.97
CA ILE A 966 15.08 -33.05 4.21
C ILE A 966 14.37 -33.37 2.90
N PHE A 967 13.38 -32.54 2.54
CA PHE A 967 12.60 -32.77 1.32
C PHE A 967 13.46 -32.34 0.13
N TYR A 968 14.42 -33.20 -0.21
CA TYR A 968 15.45 -32.83 -1.18
C TYR A 968 14.87 -32.51 -2.56
N GLU A 969 13.69 -33.06 -2.87
CA GLU A 969 13.12 -32.87 -4.21
C GLU A 969 12.93 -31.40 -4.53
N VAL A 970 12.52 -30.60 -3.55
CA VAL A 970 12.24 -29.19 -3.82
C VAL A 970 13.53 -28.37 -3.84
N TYR A 971 14.49 -28.73 -2.98
CA TYR A 971 15.76 -28.01 -2.96
C TYR A 971 16.57 -28.28 -4.21
N PHE A 972 16.56 -29.53 -4.69
CA PHE A 972 17.37 -29.89 -5.84
C PHE A 972 16.76 -29.37 -7.14
N LYS A 973 15.44 -29.42 -7.25
CA LYS A 973 14.78 -28.91 -8.45
C LYS A 973 15.09 -27.44 -8.66
N ARG A 974 15.02 -26.64 -7.60
CA ARG A 974 15.28 -25.21 -7.74
C ARG A 974 16.73 -24.94 -8.13
N LEU A 975 17.67 -25.67 -7.51
CA LEU A 975 19.07 -25.49 -7.84
C LEU A 975 19.37 -25.89 -9.27
N THR A 976 18.84 -27.03 -9.71
CA THR A 976 19.13 -27.49 -11.06
C THR A 976 18.66 -26.50 -12.12
N SER A 977 17.46 -25.94 -11.97
CA SER A 977 16.99 -24.97 -12.95
C SER A 977 17.91 -23.76 -13.01
N GLU A 978 18.41 -23.33 -11.84
CA GLU A 978 19.27 -22.14 -11.81
C GLU A 978 20.60 -22.39 -12.49
N ILE A 979 21.19 -23.56 -12.27
CA ILE A 979 22.47 -23.89 -12.90
C ILE A 979 22.29 -24.13 -14.39
N VAL A 980 21.32 -24.97 -14.76
CA VAL A 980 21.19 -25.36 -16.16
C VAL A 980 20.72 -24.21 -17.04
N ASN A 981 19.97 -23.25 -16.50
CA ASN A 981 19.60 -22.10 -17.33
C ASN A 981 20.83 -21.33 -17.82
N LEU A 982 21.99 -21.55 -17.19
CA LEU A 982 23.21 -20.87 -17.62
C LEU A 982 23.79 -21.48 -18.89
N LEU A 983 23.37 -22.69 -19.26
CA LEU A 983 23.96 -23.40 -20.39
C LEU A 983 23.26 -22.99 -21.68
N ASP A 984 23.93 -23.24 -22.82
CA ASP A 984 23.43 -22.83 -24.13
C ASP A 984 23.30 -24.04 -25.05
N ASN A 985 22.87 -25.16 -24.49
CA ASN A 985 22.64 -26.39 -25.26
C ASN A 985 21.18 -26.80 -25.15
N LYS A 986 20.59 -27.11 -26.31
CA LYS A 986 19.15 -27.37 -26.38
C LYS A 986 18.77 -28.84 -26.35
N VAL A 987 19.76 -29.75 -26.39
CA VAL A 987 19.47 -31.17 -26.39
C VAL A 987 19.87 -31.82 -25.06
N LEU A 988 21.08 -31.53 -24.58
CA LEU A 988 21.56 -32.18 -23.37
C LEU A 988 20.83 -31.69 -22.13
N CYS A 989 20.44 -30.40 -22.09
CA CYS A 989 19.80 -29.86 -20.90
C CYS A 989 18.44 -30.49 -20.67
N ILE A 990 17.66 -30.66 -21.75
CA ILE A 990 16.31 -31.18 -21.62
C ILE A 990 16.32 -32.64 -21.21
N SER A 991 17.21 -33.44 -21.81
CA SER A 991 17.33 -34.84 -21.43
C SER A 991 17.77 -34.98 -19.98
N PHE A 992 18.61 -34.05 -19.51
CA PHE A 992 19.05 -34.08 -18.12
C PHE A 992 17.86 -34.01 -17.15
N PHE A 993 16.97 -33.04 -17.37
CA PHE A 993 15.82 -32.92 -16.47
C PHE A 993 14.97 -34.19 -16.49
N GLN A 994 14.75 -34.78 -17.67
CA GLN A 994 13.88 -35.94 -17.77
C GLN A 994 14.42 -37.12 -16.96
N ARG A 995 15.74 -37.26 -16.89
CA ARG A 995 16.33 -38.37 -16.14
C ARG A 995 16.31 -38.10 -14.64
N MET A 996 16.69 -36.88 -14.23
CA MET A 996 16.83 -36.58 -12.82
C MET A 996 15.50 -36.29 -12.13
N PHE A 997 14.64 -35.50 -12.75
CA PHE A 997 13.42 -35.03 -12.09
C PHE A 997 12.15 -35.47 -12.80
N GLY A 998 12.15 -35.51 -14.13
CA GLY A 998 10.95 -35.85 -14.87
C GLY A 998 9.97 -34.71 -15.00
N SER A 999 10.43 -33.46 -14.88
CA SER A 999 9.56 -32.30 -14.95
C SER A 999 9.87 -31.49 -16.20
N ARG A 1000 8.95 -30.61 -16.55
CA ARG A 1000 9.15 -29.68 -17.67
C ARG A 1000 10.00 -28.50 -17.23
N PRO A 1001 11.20 -28.32 -17.77
CA PRO A 1001 12.05 -27.20 -17.37
C PRO A 1001 11.60 -25.88 -17.97
N THR A 1002 11.98 -24.80 -17.30
CA THR A 1002 11.78 -23.45 -17.82
C THR A 1002 13.13 -22.79 -18.08
N PHE A 1003 13.24 -22.14 -19.23
CA PHE A 1003 14.43 -21.36 -19.57
C PHE A 1003 14.04 -19.92 -19.82
N TYR A 1004 15.01 -19.02 -19.63
CA TYR A 1004 14.80 -17.60 -19.87
C TYR A 1004 15.36 -17.19 -21.23
N MET B 1 -24.76 -30.83 29.15
CA MET B 1 -23.80 -29.90 29.72
C MET B 1 -22.63 -30.64 30.37
N ASN B 2 -21.45 -30.49 29.77
CA ASN B 2 -20.27 -31.18 30.25
C ASN B 2 -19.49 -30.28 31.21
N SER B 3 -18.40 -30.81 31.76
CA SER B 3 -17.59 -30.05 32.70
C SER B 3 -16.16 -30.58 32.67
N VAL B 4 -15.25 -29.78 33.22
CA VAL B 4 -13.86 -30.19 33.37
C VAL B 4 -13.45 -29.93 34.81
N THR B 5 -12.40 -30.62 35.25
CA THR B 5 -11.86 -30.46 36.60
C THR B 5 -10.72 -29.45 36.61
N ILE B 6 -10.74 -28.55 37.59
CA ILE B 6 -9.75 -27.49 37.72
C ILE B 6 -9.02 -27.67 39.05
N SER B 7 -7.72 -27.40 39.05
CA SER B 7 -6.90 -27.65 40.23
C SER B 7 -7.16 -26.65 41.35
N HIS B 8 -7.70 -25.48 41.03
CA HIS B 8 -7.95 -24.43 42.02
C HIS B 8 -9.39 -23.94 41.88
N ALA B 9 -9.82 -23.13 42.84
CA ALA B 9 -11.19 -22.64 42.83
C ALA B 9 -11.52 -22.03 41.47
N PRO B 10 -12.74 -22.24 40.95
CA PRO B 10 -13.88 -22.92 41.57
C PRO B 10 -13.80 -24.44 41.49
N TYR B 11 -12.67 -24.97 41.01
CA TYR B 11 -12.39 -26.41 40.95
C TYR B 11 -13.16 -27.11 39.85
N THR B 12 -14.01 -26.38 39.12
CA THR B 12 -14.77 -26.97 38.03
C THR B 12 -15.25 -25.87 37.10
N ILE B 13 -15.39 -26.20 35.82
CA ILE B 13 -16.07 -25.35 34.85
C ILE B 13 -17.13 -26.17 34.15
N THR B 14 -18.35 -25.61 34.09
CA THR B 14 -19.46 -26.16 33.33
C THR B 14 -19.65 -25.32 32.08
N TYR B 15 -19.81 -25.98 30.94
CA TYR B 15 -19.80 -25.29 29.66
C TYR B 15 -20.76 -25.97 28.71
N HIS B 16 -21.20 -25.24 27.69
CA HIS B 16 -22.04 -25.75 26.62
C HIS B 16 -21.18 -26.34 25.53
N ASP B 17 -21.74 -27.34 24.84
CA ASP B 17 -20.98 -28.12 23.87
C ASP B 17 -20.26 -27.21 22.88
N ASP B 18 -20.85 -26.07 22.56
CA ASP B 18 -20.29 -25.17 21.56
C ASP B 18 -18.92 -24.65 21.97
N TRP B 19 -18.60 -24.72 23.26
CA TRP B 19 -17.31 -24.26 23.75
C TRP B 19 -16.30 -25.40 23.93
N GLU B 20 -16.69 -26.63 23.63
CA GLU B 20 -15.81 -27.77 23.88
C GLU B 20 -14.43 -27.67 23.25
N PRO B 21 -14.24 -27.15 22.01
CA PRO B 21 -12.95 -27.34 21.35
C PRO B 21 -11.93 -26.28 21.71
N VAL B 22 -12.21 -25.53 22.79
CA VAL B 22 -11.24 -24.63 23.40
C VAL B 22 -11.00 -24.95 24.87
N MET B 23 -11.71 -25.93 25.42
CA MET B 23 -11.61 -26.20 26.86
C MET B 23 -10.23 -26.70 27.25
N SER B 24 -9.57 -27.44 26.35
CA SER B 24 -8.24 -27.98 26.63
C SER B 24 -7.24 -26.88 26.98
N GLN B 25 -7.24 -25.80 26.21
CA GLN B 25 -6.31 -24.71 26.48
C GLN B 25 -6.75 -23.90 27.70
N LEU B 26 -8.06 -23.76 27.91
CA LEU B 26 -8.55 -22.98 29.04
C LEU B 26 -8.12 -23.62 30.35
N VAL B 27 -8.15 -24.95 30.43
CA VAL B 27 -7.75 -25.62 31.66
C VAL B 27 -6.25 -25.43 31.90
N GLU B 28 -5.43 -25.64 30.88
CA GLU B 28 -3.99 -25.45 31.05
C GLU B 28 -3.65 -24.00 31.39
N PHE B 29 -4.32 -23.05 30.75
CA PHE B 29 -4.03 -21.63 30.97
C PHE B 29 -4.43 -21.21 32.38
N TYR B 30 -5.63 -21.59 32.81
CA TYR B 30 -6.11 -21.20 34.13
C TYR B 30 -5.28 -21.83 35.24
N ASN B 31 -4.86 -23.08 35.09
CA ASN B 31 -4.05 -23.74 36.10
C ASN B 31 -2.65 -23.16 36.22
N GLU B 32 -2.27 -22.23 35.34
CA GLU B 32 -0.99 -21.55 35.46
C GLU B 32 -1.06 -20.30 36.32
N VAL B 33 -2.23 -19.68 36.43
CA VAL B 33 -2.36 -18.36 37.05
C VAL B 33 -3.30 -18.36 38.25
N ALA B 34 -4.14 -19.39 38.41
CA ALA B 34 -5.11 -19.39 39.49
C ALA B 34 -4.46 -19.27 40.86
N SER B 35 -3.30 -19.92 41.05
CA SER B 35 -2.61 -19.87 42.34
C SER B 35 -2.18 -18.45 42.68
N TRP B 36 -1.90 -17.63 41.65
CA TRP B 36 -1.59 -16.23 41.91
C TRP B 36 -2.86 -15.37 41.97
N LEU B 37 -3.80 -15.62 41.07
CA LEU B 37 -4.96 -14.74 40.93
C LEU B 37 -5.83 -14.77 42.19
N LEU B 38 -6.04 -15.95 42.75
CA LEU B 38 -6.98 -16.16 43.84
C LEU B 38 -6.47 -15.68 45.17
N ARG B 39 -5.29 -15.07 45.23
CA ARG B 39 -4.76 -14.60 46.50
C ARG B 39 -5.52 -13.39 47.01
N ASP B 40 -6.22 -12.67 46.14
CA ASP B 40 -6.86 -11.41 46.48
C ASP B 40 -8.37 -11.54 46.30
N GLU B 41 -9.07 -10.44 46.60
CA GLU B 41 -10.51 -10.37 46.43
C GLU B 41 -10.83 -9.92 45.02
N THR B 42 -11.69 -10.67 44.33
CA THR B 42 -11.99 -10.44 42.93
C THR B 42 -13.45 -10.03 42.75
N SER B 43 -13.72 -9.42 41.61
CA SER B 43 -15.09 -9.10 41.18
C SER B 43 -15.31 -9.66 39.79
N PRO B 44 -16.18 -10.66 39.61
CA PRO B 44 -16.99 -11.36 40.63
C PRO B 44 -16.22 -12.40 41.42
N ILE B 45 -16.91 -13.15 42.27
CA ILE B 45 -16.33 -14.28 42.99
C ILE B 45 -15.88 -15.32 41.97
N PRO B 46 -14.89 -16.17 42.29
CA PRO B 46 -14.43 -17.19 41.31
C PRO B 46 -15.51 -18.08 40.71
N ASP B 47 -16.59 -18.36 41.42
CA ASP B 47 -17.60 -19.25 40.87
C ASP B 47 -18.40 -18.61 39.73
N LYS B 48 -18.15 -17.34 39.43
CA LYS B 48 -18.83 -16.64 38.35
C LYS B 48 -17.92 -16.32 37.18
N PHE B 49 -16.67 -16.78 37.20
CA PHE B 49 -15.74 -16.43 36.13
C PHE B 49 -16.22 -16.99 34.80
N PHE B 50 -16.44 -18.29 34.73
CA PHE B 50 -16.78 -18.97 33.48
C PHE B 50 -18.28 -19.25 33.39
N ILE B 51 -19.08 -18.19 33.46
CA ILE B 51 -20.54 -18.34 33.46
C ILE B 51 -21.17 -18.10 32.10
N GLN B 52 -20.49 -17.40 31.20
CA GLN B 52 -21.01 -17.17 29.86
C GLN B 52 -20.64 -18.31 28.92
N LEU B 53 -19.89 -19.30 29.41
CA LEU B 53 -19.60 -20.48 28.62
C LEU B 53 -20.80 -21.41 28.51
N LYS B 54 -21.76 -21.31 29.42
CA LYS B 54 -23.00 -22.07 29.34
C LYS B 54 -23.97 -21.35 28.41
N GLN B 55 -23.51 -21.15 27.18
CA GLN B 55 -24.24 -20.32 26.23
C GLN B 55 -23.98 -20.80 24.80
N PRO B 56 -25.01 -21.21 24.07
CA PRO B 56 -24.80 -21.61 22.68
C PRO B 56 -24.25 -20.46 21.86
N LEU B 57 -23.41 -20.79 20.87
CA LEU B 57 -22.87 -19.81 19.94
C LEU B 57 -23.45 -19.96 18.54
N ARG B 58 -24.33 -20.94 18.32
CA ARG B 58 -24.85 -21.20 16.99
C ARG B 58 -26.04 -20.31 16.62
N ASN B 59 -26.54 -19.53 17.56
CA ASN B 59 -27.68 -18.65 17.33
C ASN B 59 -27.33 -17.20 17.67
N LYS B 60 -26.08 -16.83 17.43
CA LYS B 60 -25.58 -15.49 17.76
C LYS B 60 -25.10 -14.81 16.48
N ARG B 61 -25.34 -13.50 16.40
CA ARG B 61 -24.98 -12.75 15.20
C ARG B 61 -24.08 -11.56 15.53
N VAL B 62 -24.30 -10.94 16.68
CA VAL B 62 -23.60 -9.72 17.07
C VAL B 62 -23.09 -9.89 18.50
N CYS B 63 -21.86 -9.48 18.75
CA CYS B 63 -21.27 -9.52 20.08
C CYS B 63 -21.04 -8.12 20.60
N VAL B 64 -21.48 -7.88 21.83
CA VAL B 64 -21.34 -6.60 22.51
C VAL B 64 -20.27 -6.79 23.58
N CYS B 65 -19.06 -6.29 23.30
CA CYS B 65 -17.90 -6.63 24.11
C CYS B 65 -17.47 -5.46 24.99
N GLY B 66 -17.38 -5.72 26.29
CA GLY B 66 -16.78 -4.79 27.22
C GLY B 66 -15.34 -5.13 27.45
N ILE B 67 -14.73 -4.43 28.40
CA ILE B 67 -13.31 -4.63 28.68
C ILE B 67 -13.15 -5.49 29.93
N ASP B 68 -13.98 -5.24 30.94
CA ASP B 68 -13.92 -5.96 32.20
C ASP B 68 -15.27 -5.84 32.89
N PRO B 69 -15.55 -6.69 33.86
CA PRO B 69 -16.83 -6.60 34.58
C PRO B 69 -16.83 -5.44 35.56
N TYR B 70 -18.01 -5.17 36.10
CA TYR B 70 -18.15 -4.07 37.04
C TYR B 70 -17.14 -4.24 38.18
N PRO B 71 -16.46 -3.16 38.57
CA PRO B 71 -15.55 -3.24 39.72
C PRO B 71 -16.20 -3.81 40.98
N LYS B 72 -17.51 -3.65 41.14
CA LYS B 72 -18.21 -4.17 42.30
C LYS B 72 -19.56 -4.70 41.84
N ASP B 73 -20.13 -5.59 42.65
CA ASP B 73 -21.46 -6.17 42.43
C ASP B 73 -21.55 -6.96 41.14
N GLY B 74 -20.46 -7.63 40.75
CA GLY B 74 -20.51 -8.41 39.53
C GLY B 74 -21.30 -9.70 39.72
N THR B 75 -21.99 -10.10 38.65
CA THR B 75 -22.73 -11.36 38.66
C THR B 75 -22.09 -12.38 37.72
N GLY B 76 -21.06 -11.99 36.99
CA GLY B 76 -20.46 -12.86 36.00
C GLY B 76 -21.05 -12.63 34.63
N VAL B 77 -22.22 -11.99 34.58
CA VAL B 77 -22.93 -11.73 33.33
C VAL B 77 -22.60 -10.32 32.89
N PRO B 78 -22.04 -10.14 31.69
CA PRO B 78 -21.62 -8.80 31.27
C PRO B 78 -22.79 -7.83 31.21
N PHE B 79 -22.54 -6.59 31.65
CA PHE B 79 -23.47 -5.47 31.62
C PHE B 79 -24.70 -5.67 32.49
N GLU B 80 -24.81 -6.80 33.19
CA GLU B 80 -26.03 -7.12 33.92
C GLU B 80 -26.01 -6.40 35.27
N SER B 81 -27.16 -5.80 35.61
CA SER B 81 -27.36 -5.15 36.90
C SER B 81 -28.71 -5.52 37.47
N PRO B 82 -28.76 -6.27 38.58
CA PRO B 82 -30.06 -6.75 39.10
C PRO B 82 -31.05 -5.64 39.43
N ASN B 83 -30.59 -4.41 39.62
CA ASN B 83 -31.51 -3.32 39.94
C ASN B 83 -31.48 -2.20 38.90
N PHE B 84 -30.76 -2.39 37.78
CA PHE B 84 -30.60 -1.35 36.76
C PHE B 84 -30.05 -0.06 37.39
N THR B 85 -28.99 -0.19 38.19
CA THR B 85 -28.42 0.92 38.93
C THR B 85 -26.93 1.07 38.61
N LYS B 86 -26.55 0.81 37.36
CA LYS B 86 -25.17 0.95 36.93
C LYS B 86 -25.13 1.84 35.70
N LYS B 87 -24.15 2.75 35.64
CA LYS B 87 -24.12 3.74 34.57
C LYS B 87 -24.05 3.09 33.19
N SER B 88 -23.29 2.00 33.04
CA SER B 88 -23.08 1.42 31.71
C SER B 88 -24.41 1.00 31.09
N ILE B 89 -25.23 0.27 31.85
CA ILE B 89 -26.47 -0.24 31.27
C ILE B 89 -27.48 0.89 31.10
N LYS B 90 -27.43 1.91 31.96
CA LYS B 90 -28.36 3.03 31.81
C LYS B 90 -28.23 3.68 30.44
N GLU B 91 -26.99 3.94 30.02
CA GLU B 91 -26.79 4.59 28.73
C GLU B 91 -27.05 3.64 27.57
N ILE B 92 -26.77 2.35 27.74
CA ILE B 92 -27.08 1.39 26.68
C ILE B 92 -28.59 1.35 26.43
N ALA B 93 -29.38 1.25 27.52
CA ALA B 93 -30.82 1.24 27.39
C ALA B 93 -31.34 2.59 26.90
N SER B 94 -30.76 3.69 27.37
CA SER B 94 -31.26 5.00 26.99
C SER B 94 -31.10 5.22 25.48
N SER B 95 -29.94 4.88 24.93
CA SER B 95 -29.69 5.12 23.52
C SER B 95 -30.68 4.37 22.64
N ILE B 96 -30.92 3.08 22.94
CA ILE B 96 -31.85 2.32 22.10
C ILE B 96 -33.28 2.78 22.32
N SER B 97 -33.62 3.22 23.54
CA SER B 97 -34.95 3.77 23.80
C SER B 97 -35.22 4.96 22.90
N ARG B 98 -34.22 5.81 22.69
CA ARG B 98 -34.39 6.95 21.79
C ARG B 98 -34.73 6.50 20.38
N LEU B 99 -34.15 5.37 19.94
CA LEU B 99 -34.37 4.92 18.57
C LEU B 99 -35.70 4.18 18.46
N THR B 100 -36.06 3.38 19.46
CA THR B 100 -37.22 2.51 19.35
C THR B 100 -38.49 3.11 19.95
N GLY B 101 -38.37 4.04 20.91
CA GLY B 101 -39.51 4.59 21.59
C GLY B 101 -39.92 3.85 22.85
N VAL B 102 -39.21 2.79 23.23
CA VAL B 102 -39.56 2.02 24.43
C VAL B 102 -38.93 2.70 25.63
N ILE B 103 -39.76 3.36 26.44
CA ILE B 103 -39.26 4.12 27.59
C ILE B 103 -39.82 3.63 28.92
N ASP B 104 -40.85 2.78 28.91
CA ASP B 104 -41.46 2.29 30.16
C ASP B 104 -40.95 0.88 30.41
N TYR B 105 -39.98 0.76 31.31
CA TYR B 105 -39.32 -0.51 31.58
C TYR B 105 -38.74 -0.51 32.98
N LYS B 106 -38.43 -1.71 33.48
CA LYS B 106 -37.76 -1.88 34.75
C LYS B 106 -36.28 -2.25 34.62
N GLY B 107 -35.87 -2.82 33.50
CA GLY B 107 -34.47 -3.16 33.29
C GLY B 107 -34.22 -3.46 31.83
N TYR B 108 -32.95 -3.78 31.53
CA TYR B 108 -32.53 -4.03 30.15
C TYR B 108 -31.35 -4.99 30.19
N ASN B 109 -31.54 -6.20 29.67
CA ASN B 109 -30.59 -7.28 29.80
C ASN B 109 -30.25 -7.83 28.42
N LEU B 110 -28.99 -7.71 28.02
CA LEU B 110 -28.57 -8.07 26.68
C LEU B 110 -28.61 -9.56 26.41
N ASN B 111 -28.79 -10.40 27.43
CA ASN B 111 -28.70 -11.83 27.24
C ASN B 111 -30.00 -12.45 26.74
N ILE B 112 -31.07 -11.68 26.63
CA ILE B 112 -32.34 -12.20 26.13
C ILE B 112 -32.67 -11.70 24.73
N ILE B 113 -31.83 -10.84 24.14
CA ILE B 113 -32.08 -10.35 22.80
C ILE B 113 -31.64 -11.40 21.79
N ASP B 114 -32.49 -11.66 20.80
CA ASP B 114 -32.16 -12.67 19.79
C ASP B 114 -30.90 -12.28 19.05
N GLY B 115 -29.91 -13.17 19.06
CA GLY B 115 -28.69 -12.98 18.31
C GLY B 115 -27.61 -12.18 18.99
N VAL B 116 -27.82 -11.74 20.24
CA VAL B 116 -26.86 -10.91 20.94
C VAL B 116 -26.15 -11.78 21.99
N ILE B 117 -24.82 -11.73 21.98
CA ILE B 117 -24.01 -12.33 23.03
C ILE B 117 -23.13 -11.26 23.67
N PRO B 118 -23.47 -10.77 24.85
CA PRO B 118 -22.59 -9.83 25.55
C PRO B 118 -21.39 -10.56 26.13
N TRP B 119 -20.26 -9.86 26.19
CA TRP B 119 -19.02 -10.50 26.59
C TRP B 119 -18.10 -9.50 27.27
N ASN B 120 -17.44 -9.94 28.34
CA ASN B 120 -16.37 -9.17 28.95
C ASN B 120 -15.03 -9.71 28.47
N TYR B 121 -14.24 -8.84 27.84
CA TYR B 121 -12.96 -9.29 27.30
C TYR B 121 -12.12 -9.94 28.40
N TYR B 122 -11.96 -9.25 29.53
CA TYR B 122 -11.33 -9.84 30.71
C TYR B 122 -12.44 -10.43 31.58
N LEU B 123 -12.21 -11.63 32.09
CA LEU B 123 -13.23 -12.38 32.79
C LEU B 123 -13.42 -11.92 34.23
N SER B 124 -12.45 -11.19 34.77
CA SER B 124 -12.54 -10.71 36.14
C SER B 124 -11.66 -9.48 36.30
N CYS B 125 -11.84 -8.80 37.43
CA CYS B 125 -10.96 -7.73 37.85
C CYS B 125 -10.84 -7.75 39.36
N LYS B 126 -9.85 -7.02 39.86
CA LYS B 126 -9.70 -6.86 41.31
C LYS B 126 -10.83 -6.02 41.86
N LEU B 127 -11.33 -6.43 43.03
CA LEU B 127 -12.48 -5.77 43.65
C LEU B 127 -12.22 -4.28 43.82
N GLY B 128 -13.09 -3.46 43.23
CA GLY B 128 -12.96 -2.02 43.30
C GLY B 128 -12.04 -1.39 42.27
N GLU B 129 -11.41 -2.18 41.42
CA GLU B 129 -10.46 -1.68 40.43
C GLU B 129 -10.98 -1.98 39.02
N THR B 130 -10.22 -1.54 38.02
CA THR B 130 -10.52 -1.79 36.63
C THR B 130 -9.23 -2.12 35.90
N LYS B 131 -9.34 -3.00 34.89
CA LYS B 131 -8.21 -3.40 34.05
C LYS B 131 -7.04 -3.90 34.89
N SER B 132 -7.32 -4.49 36.06
CA SER B 132 -6.29 -4.79 37.04
C SER B 132 -5.67 -6.16 36.85
N HIS B 133 -6.29 -7.04 36.05
CA HIS B 133 -5.83 -8.41 35.89
C HIS B 133 -5.42 -8.69 34.46
N ALA B 134 -4.97 -7.66 33.74
CA ALA B 134 -4.64 -7.83 32.33
C ALA B 134 -3.58 -8.90 32.14
N ILE B 135 -2.69 -9.05 33.12
CA ILE B 135 -1.60 -10.02 33.00
C ILE B 135 -2.09 -11.43 33.25
N TYR B 136 -3.14 -11.58 34.05
CA TYR B 136 -3.60 -12.90 34.43
C TYR B 136 -4.42 -13.56 33.34
N TRP B 137 -5.26 -12.78 32.66
CA TRP B 137 -6.16 -13.32 31.64
C TRP B 137 -5.66 -13.18 30.22
N ASP B 138 -4.43 -12.68 30.00
CA ASP B 138 -4.01 -12.38 28.63
C ASP B 138 -4.20 -13.58 27.70
N LYS B 139 -3.70 -14.75 28.11
CA LYS B 139 -3.80 -15.94 27.26
C LYS B 139 -5.26 -16.33 27.05
N ILE B 140 -6.07 -16.25 28.10
CA ILE B 140 -7.44 -16.77 28.06
C ILE B 140 -8.34 -15.84 27.27
N SER B 141 -8.22 -14.53 27.50
CA SER B 141 -9.07 -13.56 26.83
C SER B 141 -8.91 -13.62 25.32
N LYS B 142 -7.66 -13.77 24.86
CA LYS B 142 -7.44 -13.89 23.42
C LYS B 142 -8.13 -15.12 22.85
N LEU B 143 -8.00 -16.26 23.53
CA LEU B 143 -8.58 -17.50 23.03
C LEU B 143 -10.11 -17.40 22.96
N LEU B 144 -10.72 -16.92 24.03
CA LEU B 144 -12.18 -16.92 24.12
C LEU B 144 -12.81 -15.95 23.11
N LEU B 145 -12.21 -14.77 22.92
CA LEU B 145 -12.79 -13.82 21.97
C LEU B 145 -12.69 -14.34 20.55
N GLN B 146 -11.56 -14.96 20.19
CA GLN B 146 -11.43 -15.54 18.86
C GLN B 146 -12.50 -16.61 18.63
N HIS B 147 -12.80 -17.41 19.65
CA HIS B 147 -13.81 -18.44 19.48
C HIS B 147 -15.18 -17.84 19.18
N ILE B 148 -15.56 -16.76 19.87
CA ILE B 148 -16.79 -16.07 19.57
C ILE B 148 -16.76 -15.44 18.19
N THR B 149 -15.63 -14.82 17.83
CA THR B 149 -15.53 -14.14 16.55
C THR B 149 -15.85 -15.08 15.38
N LYS B 150 -15.48 -16.35 15.50
CA LYS B 150 -15.72 -17.32 14.45
C LYS B 150 -17.21 -17.60 14.24
N HIS B 151 -18.04 -17.16 15.18
CA HIS B 151 -19.48 -17.40 15.11
C HIS B 151 -20.29 -16.16 14.75
N VAL B 152 -19.94 -15.00 15.30
CA VAL B 152 -20.71 -13.80 15.07
C VAL B 152 -20.18 -13.10 13.83
N SER B 153 -21.04 -12.29 13.20
CA SER B 153 -20.65 -11.51 12.04
C SER B 153 -20.21 -10.10 12.39
N VAL B 154 -20.82 -9.49 13.41
CA VAL B 154 -20.47 -8.12 13.76
C VAL B 154 -19.98 -8.05 15.20
N LEU B 155 -18.71 -7.69 15.36
CA LEU B 155 -18.12 -7.45 16.68
C LEU B 155 -18.30 -5.99 17.05
N TYR B 156 -18.98 -5.71 18.16
CA TYR B 156 -19.24 -4.34 18.60
C TYR B 156 -18.49 -4.11 19.91
N CYS B 157 -17.46 -3.27 19.84
CA CYS B 157 -16.61 -3.02 21.01
C CYS B 157 -16.95 -1.66 21.60
N LEU B 158 -16.74 -1.51 22.91
CA LEU B 158 -17.07 -0.27 23.61
C LEU B 158 -15.77 0.29 24.18
N GLY B 159 -15.29 1.38 23.61
CA GLY B 159 -14.07 2.00 24.06
C GLY B 159 -13.01 2.12 22.97
N LYS B 160 -12.87 3.32 22.41
CA LYS B 160 -11.92 3.53 21.32
C LYS B 160 -10.48 3.50 21.79
N THR B 161 -10.22 3.82 23.06
CA THR B 161 -8.85 3.80 23.57
C THR B 161 -8.41 2.40 23.97
N ASP B 162 -9.37 1.51 24.25
CA ASP B 162 -9.05 0.16 24.69
C ASP B 162 -9.01 -0.89 23.58
N PHE B 163 -9.84 -0.73 22.54
CA PHE B 163 -9.91 -1.71 21.47
C PHE B 163 -9.30 -1.20 20.16
N SER B 164 -8.47 -0.15 20.23
CA SER B 164 -7.92 0.44 19.01
C SER B 164 -7.06 -0.56 18.24
N ASN B 165 -6.45 -1.52 18.94
CA ASN B 165 -5.60 -2.53 18.31
C ASN B 165 -6.23 -3.91 18.34
N ILE B 166 -7.56 -3.98 18.46
CA ILE B 166 -8.23 -5.27 18.50
C ILE B 166 -8.02 -6.05 17.21
N ARG B 167 -7.81 -5.35 16.09
CA ARG B 167 -7.49 -6.04 14.84
C ARG B 167 -6.23 -6.88 14.94
N ALA B 168 -5.31 -6.52 15.85
CA ALA B 168 -4.08 -7.28 15.99
C ALA B 168 -4.30 -8.60 16.71
N LYS B 169 -5.43 -8.74 17.42
CA LYS B 169 -5.64 -9.89 18.28
C LYS B 169 -6.51 -10.98 17.63
N LEU B 170 -7.05 -10.72 16.45
CA LEU B 170 -7.96 -11.64 15.78
C LEU B 170 -7.38 -12.05 14.43
N GLU B 171 -7.43 -13.35 14.15
CA GLU B 171 -6.95 -13.88 12.89
C GLU B 171 -8.06 -14.03 11.86
N SER B 172 -9.31 -13.85 12.25
CA SER B 172 -10.44 -13.99 11.35
C SER B 172 -11.13 -12.64 11.21
N PRO B 173 -11.06 -12.00 10.04
CA PRO B 173 -11.69 -10.67 9.90
C PRO B 173 -13.17 -10.70 10.25
N VAL B 174 -13.60 -9.68 10.97
CA VAL B 174 -14.98 -9.54 11.42
C VAL B 174 -15.38 -8.08 11.23
N THR B 175 -16.66 -7.86 10.94
CA THR B 175 -17.14 -6.52 10.61
C THR B 175 -17.18 -5.70 11.90
N THR B 176 -16.06 -5.06 12.19
CA THR B 176 -15.84 -4.50 13.52
C THR B 176 -16.41 -3.10 13.61
N ILE B 177 -17.10 -2.82 14.70
CA ILE B 177 -17.47 -1.46 15.09
C ILE B 177 -16.89 -1.19 16.46
N VAL B 178 -16.24 -0.05 16.61
CA VAL B 178 -15.72 0.40 17.90
C VAL B 178 -16.36 1.74 18.23
N GLY B 179 -17.10 1.78 19.32
CA GLY B 179 -17.74 2.98 19.78
C GLY B 179 -17.16 3.49 21.08
N TYR B 180 -17.97 4.25 21.82
CA TYR B 180 -17.56 4.84 23.07
C TYR B 180 -18.10 4.00 24.22
N HIS B 181 -17.33 3.88 25.28
CA HIS B 181 -17.83 3.15 26.43
C HIS B 181 -18.91 3.96 27.14
N PRO B 182 -20.00 3.32 27.58
CA PRO B 182 -21.06 4.02 28.30
C PRO B 182 -20.71 4.41 29.73
N ALA B 183 -19.59 5.12 29.89
CA ALA B 183 -19.19 5.63 31.19
C ALA B 183 -18.38 6.92 31.12
N ALA B 184 -17.95 7.35 29.94
CA ALA B 184 -17.01 8.48 29.81
C ALA B 184 -17.77 9.79 29.89
N ARG B 185 -17.02 10.90 29.93
CA ARG B 185 -17.59 12.24 29.97
C ARG B 185 -18.10 12.66 28.61
N ASP B 186 -18.93 13.70 28.60
CA ASP B 186 -19.52 14.34 27.44
C ASP B 186 -20.59 13.50 26.77
N HIS B 187 -21.08 12.45 27.43
CA HIS B 187 -22.23 11.67 26.95
C HIS B 187 -22.05 11.23 25.49
N GLN B 188 -20.86 10.72 25.17
CA GLN B 188 -20.55 10.39 23.78
C GLN B 188 -21.14 9.05 23.34
N PHE B 189 -21.56 8.22 24.28
CA PHE B 189 -22.19 6.95 23.93
C PHE B 189 -23.52 7.18 23.22
N GLU B 190 -24.35 8.08 23.73
CA GLU B 190 -25.68 8.30 23.16
C GLU B 190 -25.66 9.10 21.87
N LYS B 191 -24.50 9.59 21.42
CA LYS B 191 -24.42 10.31 20.16
C LYS B 191 -24.16 9.42 18.96
N ASP B 192 -23.97 8.12 19.18
CA ASP B 192 -23.71 7.17 18.12
C ASP B 192 -25.03 6.57 17.64
N ARG B 193 -25.02 6.06 16.42
CA ARG B 193 -26.16 5.33 15.88
C ARG B 193 -25.78 3.92 15.50
N SER B 194 -24.96 3.28 16.34
CA SER B 194 -24.46 1.94 16.07
C SER B 194 -25.56 0.89 16.00
N PHE B 195 -26.68 1.09 16.71
CA PHE B 195 -27.74 0.09 16.69
C PHE B 195 -28.32 -0.08 15.29
N GLU B 196 -28.54 1.02 14.57
CA GLU B 196 -29.05 0.91 13.20
C GLU B 196 -27.95 0.50 12.23
N ILE B 197 -26.72 0.96 12.47
CA ILE B 197 -25.62 0.58 11.58
C ILE B 197 -25.43 -0.92 11.57
N ILE B 198 -25.53 -1.55 12.75
CA ILE B 198 -25.36 -2.99 12.86
C ILE B 198 -26.39 -3.72 12.02
N ASN B 199 -27.65 -3.30 12.12
CA ASN B 199 -28.72 -3.98 11.38
C ASN B 199 -28.55 -3.80 9.88
N VAL B 200 -28.09 -2.63 9.45
CA VAL B 200 -27.82 -2.40 8.03
C VAL B 200 -26.68 -3.30 7.55
N LEU B 201 -25.61 -3.43 8.36
CA LEU B 201 -24.52 -4.32 8.01
C LEU B 201 -24.99 -5.77 7.96
N LEU B 202 -25.85 -6.17 8.89
CA LEU B 202 -26.38 -7.53 8.87
C LEU B 202 -27.17 -7.79 7.59
N GLU B 203 -28.01 -6.84 7.18
CA GLU B 203 -28.75 -6.99 5.94
C GLU B 203 -27.82 -7.14 4.75
N LEU B 204 -26.74 -6.35 4.72
CA LEU B 204 -25.74 -6.48 3.66
C LEU B 204 -25.09 -7.85 3.69
N ASP B 205 -24.94 -8.45 4.87
CA ASP B 205 -24.36 -9.79 5.00
C ASP B 205 -25.42 -10.88 4.93
N ASN B 206 -26.66 -10.53 4.55
CA ASN B 206 -27.75 -11.49 4.42
C ASN B 206 -28.07 -12.19 5.74
N LYS B 207 -28.11 -11.41 6.83
CA LYS B 207 -28.43 -11.93 8.14
C LYS B 207 -29.66 -11.22 8.69
N THR B 208 -30.39 -11.93 9.56
CA THR B 208 -31.56 -11.36 10.19
C THR B 208 -31.16 -10.21 11.13
N PRO B 209 -31.84 -9.08 11.04
CA PRO B 209 -31.55 -7.97 11.95
C PRO B 209 -32.01 -8.25 13.37
N ILE B 210 -31.45 -7.48 14.31
CA ILE B 210 -31.74 -7.66 15.72
C ILE B 210 -32.78 -6.65 16.15
N ASN B 211 -33.80 -7.14 16.85
CA ASN B 211 -34.83 -6.29 17.44
C ASN B 211 -34.30 -5.96 18.83
N TRP B 212 -33.59 -4.84 18.94
CA TRP B 212 -32.87 -4.56 20.18
C TRP B 212 -33.82 -4.32 21.34
N ALA B 213 -35.07 -3.95 21.05
CA ALA B 213 -36.06 -3.72 22.08
C ALA B 213 -36.43 -4.98 22.85
N GLN B 214 -36.04 -6.16 22.38
CA GLN B 214 -36.35 -7.38 23.14
C GLN B 214 -35.66 -7.39 24.49
N GLY B 215 -34.65 -6.54 24.68
CA GLY B 215 -33.93 -6.57 25.93
C GLY B 215 -34.63 -5.90 27.09
N PHE B 216 -35.73 -5.21 26.83
CA PHE B 216 -36.43 -4.49 27.89
C PHE B 216 -37.31 -5.43 28.69
N ILE B 217 -37.23 -5.32 30.01
CA ILE B 217 -38.04 -6.12 30.92
C ILE B 217 -38.90 -5.17 31.75
N TYR B 218 -40.19 -5.45 31.80
CA TYR B 218 -41.11 -4.65 32.63
C TYR B 218 -41.95 -5.56 33.52
N THR C 2 -19.47 4.98 13.46
CA THR C 2 -20.63 4.94 14.35
C THR C 2 -21.44 6.23 14.15
N SER C 3 -21.03 7.03 13.18
CA SER C 3 -21.61 8.34 12.91
C SER C 3 -22.78 8.22 11.93
N SER C 4 -23.56 9.30 11.84
CA SER C 4 -24.64 9.36 10.87
C SER C 4 -24.11 9.42 9.44
N ALA C 5 -22.91 9.98 9.25
CA ALA C 5 -22.28 9.97 7.94
C ALA C 5 -21.95 8.55 7.51
N ASP C 6 -21.45 7.74 8.42
CA ASP C 6 -21.13 6.35 8.09
C ASP C 6 -22.39 5.53 7.84
N LEU C 7 -23.45 5.77 8.60
CA LEU C 7 -24.72 5.10 8.33
C LEU C 7 -25.26 5.45 6.96
N THR C 8 -25.15 6.73 6.56
CA THR C 8 -25.61 7.14 5.25
C THR C 8 -24.86 6.40 4.15
N ASN C 9 -23.53 6.31 4.27
CA ASN C 9 -22.74 5.65 3.24
C ASN C 9 -23.12 4.19 3.09
N LEU C 10 -23.42 3.51 4.20
CA LEU C 10 -23.85 2.13 4.14
C LEU C 10 -25.22 2.00 3.47
N LYS C 11 -26.14 2.92 3.78
CA LYS C 11 -27.45 2.88 3.14
C LYS C 11 -27.34 3.15 1.65
N GLU C 12 -26.40 4.00 1.24
CA GLU C 12 -26.17 4.22 -0.20
C GLU C 12 -25.67 2.95 -0.88
N LEU C 13 -24.77 2.22 -0.21
CA LEU C 13 -24.34 0.93 -0.74
C LEU C 13 -25.48 -0.06 -0.75
N LEU C 14 -26.30 -0.06 0.30
CA LEU C 14 -27.42 -1.00 0.37
C LEU C 14 -28.41 -0.74 -0.76
N SER C 15 -28.74 0.53 -1.00
CA SER C 15 -29.68 0.87 -2.07
C SER C 15 -29.11 0.52 -3.44
N LEU C 16 -27.86 0.90 -3.69
CA LEU C 16 -27.28 0.58 -5.00
C LEU C 16 -26.98 -0.91 -5.18
N TYR C 17 -26.68 -1.64 -4.10
CA TYR C 17 -26.48 -3.07 -4.26
C TYR C 17 -27.76 -3.76 -4.72
N LYS C 18 -28.90 -3.34 -4.17
CA LYS C 18 -30.18 -3.87 -4.63
C LYS C 18 -30.51 -3.38 -6.04
N SER C 19 -30.26 -2.11 -6.33
CA SER C 19 -30.66 -1.50 -7.60
C SER C 19 -29.62 -1.75 -8.69
N LEU C 20 -29.37 -3.02 -8.99
CA LEU C 20 -28.46 -3.42 -10.04
C LEU C 20 -29.22 -4.07 -11.18
N ARG C 21 -28.54 -4.23 -12.31
CA ARG C 21 -29.07 -4.89 -13.51
C ARG C 21 -30.06 -4.02 -14.28
N PHE C 22 -30.25 -2.77 -13.85
CA PHE C 22 -30.98 -1.80 -14.66
C PHE C 22 -30.45 -0.38 -14.52
N SER C 23 -29.36 -0.16 -13.78
CA SER C 23 -28.80 1.16 -13.53
C SER C 23 -27.30 1.15 -13.79
N ASP C 24 -26.87 0.48 -14.86
CA ASP C 24 -25.47 0.26 -15.12
C ASP C 24 -24.82 1.34 -15.98
N SER C 25 -25.54 2.41 -16.32
CA SER C 25 -24.96 3.48 -17.13
C SER C 25 -23.85 4.20 -16.40
N VAL C 26 -24.16 4.85 -15.28
CA VAL C 26 -23.14 5.46 -14.44
C VAL C 26 -23.38 5.01 -13.00
N ALA C 27 -22.91 3.83 -12.65
CA ALA C 27 -23.11 3.27 -11.31
C ALA C 27 -21.97 2.41 -10.82
N ILE C 28 -21.24 1.73 -11.71
CA ILE C 28 -20.26 0.74 -11.28
C ILE C 28 -19.09 1.43 -10.57
N GLU C 29 -18.65 2.58 -11.08
CA GLU C 29 -17.56 3.30 -10.43
C GLU C 29 -17.97 3.75 -9.03
N LYS C 30 -19.21 4.21 -8.89
CA LYS C 30 -19.72 4.58 -7.56
C LYS C 30 -19.84 3.36 -6.66
N TYR C 31 -20.33 2.25 -7.21
CA TYR C 31 -20.43 1.01 -6.44
C TYR C 31 -19.06 0.57 -5.92
N ASN C 32 -18.05 0.60 -6.79
CA ASN C 32 -16.71 0.21 -6.39
C ASN C 32 -16.18 1.11 -5.28
N SER C 33 -16.45 2.42 -5.36
CA SER C 33 -16.03 3.32 -4.29
C SER C 33 -16.71 2.97 -2.98
N LEU C 34 -18.01 2.69 -3.02
CA LEU C 34 -18.76 2.44 -1.79
C LEU C 34 -18.28 1.16 -1.10
N VAL C 35 -18.00 0.11 -1.87
CA VAL C 35 -17.58 -1.14 -1.24
C VAL C 35 -16.15 -1.03 -0.72
N GLU C 36 -15.29 -0.29 -1.42
CA GLU C 36 -13.94 -0.06 -0.91
C GLU C 36 -13.97 0.75 0.38
N TRP C 37 -14.85 1.75 0.47
CA TRP C 37 -15.07 2.40 1.76
C TRP C 37 -15.61 1.43 2.80
N GLY C 38 -16.61 0.63 2.44
CA GLY C 38 -17.24 -0.25 3.41
C GLY C 38 -16.26 -1.20 4.07
N THR C 39 -15.32 -1.74 3.30
CA THR C 39 -14.32 -2.64 3.82
C THR C 39 -13.20 -1.91 4.57
N SER C 40 -12.84 -0.71 4.13
CA SER C 40 -11.77 0.04 4.77
C SER C 40 -12.11 0.48 6.19
N THR C 41 -13.35 0.86 6.44
CA THR C 41 -13.74 1.39 7.74
C THR C 41 -14.29 0.31 8.68
N TYR C 42 -14.61 -0.88 8.18
CA TYR C 42 -15.10 -1.95 9.02
C TYR C 42 -14.29 -3.22 8.93
N TRP C 43 -13.31 -3.30 8.02
CA TRP C 43 -12.38 -4.43 7.92
C TRP C 43 -13.02 -5.65 7.27
N LYS C 44 -14.33 -5.58 7.01
CA LYS C 44 -15.07 -6.66 6.36
C LYS C 44 -16.34 -6.08 5.78
N ILE C 45 -16.72 -6.56 4.60
CA ILE C 45 -17.98 -6.19 3.97
C ILE C 45 -18.51 -7.40 3.21
N GLY C 46 -19.82 -7.56 3.25
CA GLY C 46 -20.45 -8.72 2.65
C GLY C 46 -20.82 -8.56 1.19
N VAL C 47 -19.90 -8.04 0.38
CA VAL C 47 -20.12 -7.87 -1.05
C VAL C 47 -18.91 -8.45 -1.79
N GLN C 48 -19.11 -8.77 -3.07
CA GLN C 48 -18.07 -9.36 -3.89
C GLN C 48 -17.44 -8.38 -4.87
N LYS C 49 -17.82 -7.10 -4.83
CA LYS C 49 -17.31 -6.08 -5.75
C LYS C 49 -17.43 -6.55 -7.20
N VAL C 50 -18.65 -6.89 -7.56
CA VAL C 50 -18.97 -7.28 -8.94
C VAL C 50 -18.97 -6.04 -9.83
N THR C 51 -18.21 -6.10 -10.92
CA THR C 51 -18.11 -4.99 -11.85
C THR C 51 -18.64 -5.29 -13.24
N ASN C 52 -19.01 -6.53 -13.55
CA ASN C 52 -19.45 -6.92 -14.89
C ASN C 52 -20.96 -7.13 -14.94
N VAL C 53 -21.72 -6.27 -14.27
CA VAL C 53 -23.16 -6.45 -14.19
C VAL C 53 -23.80 -6.14 -15.54
N GLU C 54 -24.63 -7.07 -16.01
CA GLU C 54 -25.36 -6.90 -17.26
C GLU C 54 -26.68 -6.18 -16.98
N THR C 55 -27.46 -5.93 -18.03
CA THR C 55 -28.77 -5.32 -17.91
C THR C 55 -29.83 -6.38 -18.19
N SER C 56 -30.66 -6.65 -17.20
CA SER C 56 -31.68 -7.70 -17.32
C SER C 56 -32.78 -7.44 -16.31
N ILE C 57 -34.01 -7.29 -16.81
CA ILE C 57 -35.16 -6.96 -15.98
C ILE C 57 -36.19 -8.10 -16.02
N SER C 58 -35.76 -9.29 -16.45
CA SER C 58 -36.67 -10.41 -16.61
C SER C 58 -37.29 -10.87 -15.30
N ASP C 59 -36.68 -10.55 -14.16
CA ASP C 59 -37.24 -10.97 -12.87
C ASP C 59 -38.57 -10.28 -12.60
N TYR C 60 -38.86 -9.21 -13.34
CA TYR C 60 -40.12 -8.51 -13.17
C TYR C 60 -41.24 -9.08 -14.03
N TYR C 61 -40.92 -10.04 -14.90
CA TYR C 61 -41.84 -10.56 -15.89
C TYR C 61 -41.93 -12.09 -15.74
N ASP C 62 -42.71 -12.71 -16.60
CA ASP C 62 -42.84 -14.17 -16.61
C ASP C 62 -42.43 -14.67 -18.00
N GLU C 63 -42.50 -15.98 -18.18
CA GLU C 63 -42.30 -16.55 -19.50
C GLU C 63 -43.44 -16.15 -20.44
N VAL C 64 -43.15 -16.16 -21.74
CA VAL C 64 -44.16 -15.90 -22.74
C VAL C 64 -45.14 -17.08 -22.82
N LYS C 65 -46.43 -16.79 -22.70
CA LYS C 65 -47.48 -17.79 -22.75
C LYS C 65 -47.99 -17.89 -24.17
N ASN C 66 -47.81 -19.05 -24.79
CA ASN C 66 -48.27 -19.31 -26.15
C ASN C 66 -49.48 -20.21 -26.21
N LYS C 67 -49.71 -21.01 -25.18
CA LYS C 67 -50.81 -21.96 -25.21
C LYS C 67 -52.11 -21.26 -24.82
N PRO C 68 -53.27 -21.75 -25.28
CA PRO C 68 -54.53 -21.15 -24.84
C PRO C 68 -54.87 -21.48 -23.40
N PHE C 69 -54.29 -20.74 -22.46
CA PHE C 69 -54.45 -20.96 -21.04
C PHE C 69 -55.73 -20.27 -20.55
N ASN C 70 -56.07 -20.49 -19.29
CA ASN C 70 -57.31 -19.99 -18.72
C ASN C 70 -57.09 -19.39 -17.34
N ILE C 71 -57.21 -18.06 -17.24
CA ILE C 71 -57.18 -17.34 -15.97
C ILE C 71 -58.46 -16.50 -15.95
N ASP C 72 -59.44 -16.92 -15.16
CA ASP C 72 -60.77 -16.32 -15.20
C ASP C 72 -60.93 -15.13 -14.25
N PRO C 73 -60.61 -15.25 -12.96
CA PRO C 73 -60.86 -14.12 -12.05
C PRO C 73 -59.78 -13.06 -12.10
N GLY C 74 -60.17 -11.83 -11.80
CA GLY C 74 -59.21 -10.81 -11.41
C GLY C 74 -59.41 -9.49 -12.11
N TYR C 75 -58.79 -8.44 -11.55
CA TYR C 75 -58.79 -7.10 -12.12
C TYR C 75 -57.46 -6.92 -12.85
N TYR C 76 -57.53 -6.71 -14.16
CA TYR C 76 -56.36 -6.71 -15.02
C TYR C 76 -56.25 -5.40 -15.78
N ILE C 77 -55.00 -4.99 -16.01
CA ILE C 77 -54.69 -3.89 -16.91
C ILE C 77 -53.88 -4.46 -18.08
N PHE C 78 -54.35 -4.19 -19.29
CA PHE C 78 -53.82 -4.77 -20.51
C PHE C 78 -53.08 -3.70 -21.32
N LEU C 79 -51.94 -4.08 -21.89
CA LEU C 79 -51.13 -3.15 -22.66
C LEU C 79 -50.73 -3.82 -23.97
N PRO C 80 -50.94 -3.13 -25.10
CA PRO C 80 -50.54 -3.69 -26.40
C PRO C 80 -49.05 -3.58 -26.69
N VAL C 81 -48.26 -4.52 -26.19
CA VAL C 81 -46.81 -4.41 -26.31
C VAL C 81 -46.42 -4.33 -27.78
N TYR C 82 -45.59 -3.34 -28.10
CA TYR C 82 -45.22 -3.04 -29.48
C TYR C 82 -44.00 -3.83 -29.91
N PHE C 83 -43.82 -3.93 -31.24
CA PHE C 83 -42.62 -4.48 -31.84
C PHE C 83 -41.53 -3.40 -31.83
N GLY C 84 -40.33 -3.78 -31.43
CA GLY C 84 -39.20 -2.89 -31.50
C GLY C 84 -38.17 -3.25 -30.45
N SER C 85 -37.09 -2.48 -30.45
CA SER C 85 -36.03 -2.67 -29.47
C SER C 85 -36.45 -2.10 -28.13
N VAL C 86 -36.10 -2.79 -27.05
CA VAL C 86 -36.57 -2.46 -25.72
C VAL C 86 -35.45 -1.77 -24.95
N PHE C 87 -35.77 -0.62 -24.38
CA PHE C 87 -34.85 0.15 -23.56
C PHE C 87 -35.47 0.39 -22.20
N ILE C 88 -34.61 0.70 -21.21
CA ILE C 88 -35.06 1.15 -19.90
C ILE C 88 -34.38 2.47 -19.57
N TYR C 89 -34.99 3.22 -18.66
CA TYR C 89 -34.46 4.51 -18.20
C TYR C 89 -34.66 4.56 -16.69
N SER C 90 -33.55 4.54 -15.94
CA SER C 90 -33.59 4.46 -14.49
C SER C 90 -33.49 5.86 -13.89
N LYS C 91 -33.49 5.93 -12.55
CA LYS C 91 -33.56 7.20 -11.82
C LYS C 91 -32.23 7.94 -11.84
N GLY C 92 -32.19 9.06 -12.56
CA GLY C 92 -30.97 9.84 -12.71
C GLY C 92 -29.91 9.17 -13.57
N LYS C 93 -30.33 8.24 -14.43
CA LYS C 93 -29.41 7.49 -15.26
C LYS C 93 -29.70 7.75 -16.73
N ASN C 94 -28.97 7.09 -17.62
CA ASN C 94 -29.14 7.29 -19.06
C ASN C 94 -30.03 6.19 -19.63
N MET C 95 -30.29 6.27 -20.93
CA MET C 95 -31.07 5.24 -21.61
C MET C 95 -30.18 4.05 -21.91
N VAL C 96 -30.63 2.85 -21.54
CA VAL C 96 -29.85 1.63 -21.70
C VAL C 96 -30.71 0.58 -22.39
N GLU C 97 -30.12 -0.13 -23.34
CA GLU C 97 -30.78 -1.25 -24.02
C GLU C 97 -30.59 -2.54 -23.25
N LEU C 98 -31.59 -3.40 -23.31
CA LEU C 98 -31.56 -4.68 -22.61
C LEU C 98 -30.64 -5.66 -23.32
N GLY C 99 -30.05 -6.55 -22.53
CA GLY C 99 -29.26 -7.66 -23.05
C GLY C 99 -27.78 -7.35 -23.16
N SER C 100 -27.45 -6.15 -23.65
CA SER C 100 -26.07 -5.72 -23.79
C SER C 100 -26.00 -4.28 -23.28
N GLY C 101 -25.40 -4.12 -22.09
CA GLY C 101 -25.41 -2.82 -21.43
C GLY C 101 -24.58 -1.81 -22.20
N ASN C 102 -25.19 -0.70 -22.60
CA ASN C 102 -24.48 0.36 -23.30
C ASN C 102 -25.15 1.70 -23.04
N SER C 103 -24.59 2.77 -23.61
CA SER C 103 -25.19 4.09 -23.55
C SER C 103 -25.69 4.51 -24.92
N PHE C 104 -26.79 5.26 -24.92
CA PHE C 104 -27.42 5.71 -26.15
C PHE C 104 -27.76 7.18 -26.04
N GLN C 105 -27.79 7.87 -27.17
CA GLN C 105 -28.18 9.27 -27.24
C GLN C 105 -29.65 9.29 -27.65
N ILE C 106 -30.48 9.95 -26.85
CA ILE C 106 -31.89 10.12 -27.14
C ILE C 106 -32.20 11.61 -27.19
N PRO C 107 -33.29 12.03 -27.81
CA PRO C 107 -33.59 13.47 -27.86
C PRO C 107 -33.70 14.04 -26.46
N ASP C 108 -33.20 15.26 -26.30
CA ASP C 108 -33.23 15.96 -25.01
C ASP C 108 -34.64 16.21 -24.51
N GLU C 109 -35.60 16.46 -25.41
CA GLU C 109 -36.99 16.65 -25.00
C GLU C 109 -37.56 15.37 -24.39
N ILE C 110 -37.18 14.22 -24.93
CA ILE C 110 -37.67 12.95 -24.40
C ILE C 110 -37.04 12.65 -23.04
N ARG C 111 -35.73 12.86 -22.92
CA ARG C 111 -35.06 12.59 -21.65
C ARG C 111 -35.54 13.52 -20.55
N SER C 112 -35.83 14.78 -20.88
CA SER C 112 -36.35 15.70 -19.87
C SER C 112 -37.70 15.23 -19.35
N ALA C 113 -38.61 14.84 -20.25
CA ALA C 113 -39.91 14.33 -19.82
C ALA C 113 -39.75 13.06 -19.00
N CYS C 114 -38.76 12.23 -19.34
CA CYS C 114 -38.50 11.03 -18.55
C CYS C 114 -38.12 11.38 -17.12
N ASN C 115 -37.29 12.42 -16.95
CA ASN C 115 -36.91 12.85 -15.61
C ASN C 115 -38.12 13.43 -14.87
N LYS C 116 -39.01 14.12 -15.58
CA LYS C 116 -40.11 14.79 -14.89
C LYS C 116 -41.05 13.78 -14.24
N VAL C 117 -41.35 12.66 -14.91
CA VAL C 117 -42.23 11.68 -14.31
C VAL C 117 -41.51 10.93 -13.18
N LEU C 118 -40.20 10.71 -13.31
CA LEU C 118 -39.48 10.04 -12.24
C LEU C 118 -39.16 10.97 -11.07
N ASP C 119 -39.17 12.29 -11.29
CA ASP C 119 -39.05 13.23 -10.18
C ASP C 119 -40.40 13.54 -9.54
N SER C 120 -41.48 13.49 -10.33
CA SER C 120 -42.82 13.74 -9.79
C SER C 120 -43.16 12.73 -8.70
N ASP C 121 -42.82 11.45 -8.91
CA ASP C 121 -43.01 10.42 -7.91
C ASP C 121 -41.84 9.44 -7.96
N ASN C 122 -41.39 9.03 -6.78
CA ASN C 122 -40.20 8.20 -6.64
C ASN C 122 -40.54 6.73 -6.40
N GLY C 123 -41.77 6.32 -6.71
CA GLY C 123 -42.16 4.94 -6.56
C GLY C 123 -41.89 4.08 -7.78
N ILE C 124 -41.14 4.61 -8.74
CA ILE C 124 -40.87 3.92 -10.00
C ILE C 124 -39.40 3.56 -10.03
N ASP C 125 -39.09 2.29 -10.30
CA ASP C 125 -37.70 1.85 -10.35
C ASP C 125 -37.04 2.28 -11.65
N PHE C 126 -37.73 2.07 -12.78
CA PHE C 126 -37.24 2.49 -14.08
C PHE C 126 -38.39 2.48 -15.06
N LEU C 127 -38.25 3.24 -16.14
CA LEU C 127 -39.25 3.26 -17.20
C LEU C 127 -38.91 2.25 -18.29
N ARG C 128 -39.91 1.91 -19.09
CA ARG C 128 -39.75 1.01 -20.23
C ARG C 128 -40.12 1.74 -21.51
N PHE C 129 -39.26 1.62 -22.53
CA PHE C 129 -39.48 2.24 -23.83
C PHE C 129 -39.27 1.21 -24.94
N VAL C 130 -39.97 1.42 -26.05
CA VAL C 130 -39.78 0.64 -27.25
C VAL C 130 -39.40 1.58 -28.39
N LEU C 131 -38.44 1.14 -29.21
CA LEU C 131 -37.94 1.93 -30.34
C LEU C 131 -38.20 1.17 -31.64
N LEU C 132 -38.89 1.83 -32.56
CA LEU C 132 -39.14 1.29 -33.90
C LEU C 132 -39.24 2.44 -34.89
N ASN C 133 -38.43 2.36 -35.95
CA ASN C 133 -38.43 3.37 -37.02
C ASN C 133 -38.18 4.77 -36.47
N ASN C 134 -37.23 4.86 -35.53
CA ASN C 134 -36.79 6.12 -34.94
C ASN C 134 -38.00 6.85 -34.31
N ARG C 135 -38.81 6.05 -33.62
CA ARG C 135 -39.93 6.56 -32.84
C ARG C 135 -39.85 5.96 -31.45
N TRP C 136 -39.86 6.81 -30.42
CA TRP C 136 -39.78 6.39 -29.04
C TRP C 136 -41.19 6.36 -28.44
N ILE C 137 -41.57 5.22 -27.88
CA ILE C 137 -42.84 5.11 -27.17
C ILE C 137 -42.61 4.51 -25.80
N MET C 138 -43.23 5.12 -24.79
CA MET C 138 -43.20 4.63 -23.42
C MET C 138 -44.31 3.60 -23.22
N GLU C 139 -43.97 2.46 -22.62
CA GLU C 139 -44.95 1.39 -22.44
C GLU C 139 -45.35 1.16 -21.00
N ASP C 140 -44.45 0.63 -20.16
CA ASP C 140 -44.86 0.08 -18.86
C ASP C 140 -43.79 0.35 -17.83
N ALA C 141 -44.08 1.22 -16.87
CA ALA C 141 -43.12 1.61 -15.85
C ALA C 141 -43.08 0.54 -14.77
N ILE C 142 -41.87 0.17 -14.35
CA ILE C 142 -41.70 -0.84 -13.31
C ILE C 142 -41.62 -0.11 -11.97
N SER C 143 -42.55 -0.42 -11.08
CA SER C 143 -42.78 0.39 -9.89
C SER C 143 -43.07 -0.50 -8.70
N LYS C 144 -43.04 0.12 -7.51
CA LYS C 144 -43.49 -0.51 -6.28
C LYS C 144 -44.73 0.13 -5.68
N TYR C 145 -44.94 1.43 -5.86
CA TYR C 145 -45.98 2.16 -5.18
C TYR C 145 -47.04 2.75 -6.10
N GLN C 146 -46.89 2.60 -7.41
CA GLN C 146 -47.78 3.21 -8.39
C GLN C 146 -48.36 2.12 -9.29
N SER C 147 -49.67 2.13 -9.46
CA SER C 147 -50.31 1.26 -10.42
C SER C 147 -50.02 1.76 -11.84
N PRO C 148 -50.20 0.90 -12.85
CA PRO C 148 -49.96 1.34 -14.23
C PRO C 148 -51.09 2.22 -14.76
N VAL C 149 -51.31 3.36 -14.10
CA VAL C 149 -52.33 4.32 -14.48
C VAL C 149 -51.78 5.75 -14.42
N ASN C 150 -51.19 6.12 -13.29
CA ASN C 150 -50.74 7.49 -13.07
C ASN C 150 -49.56 7.87 -13.95
N ILE C 151 -48.69 6.90 -14.29
CA ILE C 151 -47.56 7.21 -15.16
C ILE C 151 -48.05 7.57 -16.56
N PHE C 152 -49.17 6.99 -16.99
CA PHE C 152 -49.71 7.29 -18.31
C PHE C 152 -50.29 8.69 -18.35
N LYS C 153 -51.01 9.08 -17.29
CA LYS C 153 -51.53 10.45 -17.21
C LYS C 153 -50.42 11.48 -17.18
N LEU C 154 -49.37 11.24 -16.38
CA LEU C 154 -48.27 12.19 -16.34
C LEU C 154 -47.47 12.18 -17.62
N ALA C 155 -47.15 10.99 -18.16
CA ALA C 155 -46.32 10.93 -19.36
C ALA C 155 -46.99 11.68 -20.52
N SER C 156 -48.31 11.54 -20.66
CA SER C 156 -49.01 12.23 -21.73
C SER C 156 -48.92 13.74 -21.57
N GLU C 157 -49.08 14.24 -20.34
CA GLU C 157 -49.01 15.68 -20.12
C GLU C 157 -47.62 16.23 -20.38
N TYR C 158 -46.57 15.48 -20.05
CA TYR C 158 -45.21 15.97 -20.24
C TYR C 158 -44.77 15.89 -21.69
N GLY C 159 -45.34 14.97 -22.47
CA GLY C 159 -45.09 14.90 -23.89
C GLY C 159 -44.48 13.60 -24.39
N LEU C 160 -44.59 12.51 -23.64
CA LEU C 160 -44.12 11.20 -24.08
C LEU C 160 -45.25 10.44 -24.76
N ASN C 161 -44.91 9.67 -25.79
CA ASN C 161 -45.86 8.76 -26.41
C ASN C 161 -46.13 7.56 -25.50
N ILE C 162 -47.42 7.22 -25.39
CA ILE C 162 -47.84 6.07 -24.58
C ILE C 162 -48.89 5.28 -25.35
N PRO C 163 -48.98 3.97 -25.16
CA PRO C 163 -50.11 3.21 -25.72
C PRO C 163 -51.40 3.52 -24.98
N ASN C 164 -52.51 3.26 -25.66
CA ASN C 164 -53.80 3.16 -25.01
C ASN C 164 -53.90 1.85 -24.24
N TYR C 165 -54.22 1.94 -22.95
CA TYR C 165 -54.31 0.78 -22.08
C TYR C 165 -55.77 0.55 -21.71
N LEU C 166 -56.11 -0.69 -21.39
CA LEU C 166 -57.48 -1.06 -21.03
C LEU C 166 -57.50 -1.62 -19.61
N GLU C 167 -58.58 -1.30 -18.89
CA GLU C 167 -58.80 -1.82 -17.55
C GLU C 167 -60.16 -2.53 -17.51
N ILE C 168 -60.20 -3.70 -16.87
CA ILE C 168 -61.44 -4.46 -16.78
C ILE C 168 -61.36 -5.36 -15.56
N GLU C 169 -62.50 -5.52 -14.88
CA GLU C 169 -62.66 -6.54 -13.85
C GLU C 169 -63.37 -7.74 -14.45
N ILE C 170 -62.72 -8.89 -14.42
CA ILE C 170 -63.21 -10.09 -15.10
C ILE C 170 -63.69 -11.08 -14.05
N GLU C 171 -64.93 -11.53 -14.21
CA GLU C 171 -65.47 -12.65 -13.45
C GLU C 171 -65.92 -13.82 -14.32
N GLU C 172 -66.35 -13.56 -15.55
CA GLU C 172 -66.83 -14.63 -16.40
C GLU C 172 -65.67 -15.39 -17.02
N ASP C 173 -65.95 -16.59 -17.49
CA ASP C 173 -64.93 -17.41 -18.15
C ASP C 173 -64.26 -16.62 -19.28
N THR C 174 -62.93 -16.55 -19.21
CA THR C 174 -62.13 -15.81 -20.20
C THR C 174 -60.99 -16.72 -20.64
N LEU C 175 -61.24 -17.57 -21.63
CA LEU C 175 -60.21 -18.44 -22.15
C LEU C 175 -59.35 -17.70 -23.16
N PHE C 176 -58.03 -17.79 -22.99
CA PHE C 176 -57.13 -17.15 -23.93
C PHE C 176 -56.97 -18.01 -25.19
N ASP C 177 -57.11 -17.35 -26.34
CA ASP C 177 -57.05 -18.03 -27.62
C ASP C 177 -56.87 -16.98 -28.70
N ASP C 178 -56.79 -17.44 -29.95
CA ASP C 178 -56.72 -16.50 -31.07
C ASP C 178 -57.92 -15.57 -31.12
N GLU C 179 -59.10 -16.03 -30.72
CA GLU C 179 -60.29 -15.17 -30.77
C GLU C 179 -60.17 -14.01 -29.78
N LEU C 180 -59.78 -14.31 -28.53
CA LEU C 180 -59.66 -13.26 -27.53
C LEU C 180 -58.55 -12.28 -27.89
N TYR C 181 -57.44 -12.81 -28.40
CA TYR C 181 -56.31 -11.98 -28.82
C TYR C 181 -56.74 -10.95 -29.84
N SER C 182 -57.47 -11.39 -30.87
CA SER C 182 -57.98 -10.48 -31.89
C SER C 182 -58.94 -9.45 -31.29
N ILE C 183 -59.84 -9.88 -30.40
CA ILE C 183 -60.75 -8.91 -29.80
C ILE C 183 -59.97 -7.87 -29.01
N MET C 184 -58.98 -8.30 -28.23
CA MET C 184 -58.25 -7.37 -27.37
C MET C 184 -57.46 -6.37 -28.22
N GLU C 185 -56.68 -6.88 -29.18
CA GLU C 185 -55.77 -6.01 -29.92
C GLU C 185 -56.52 -4.94 -30.70
N ARG C 186 -57.73 -5.26 -31.17
CA ARG C 186 -58.49 -4.26 -31.92
C ARG C 186 -59.14 -3.24 -30.99
N SER C 187 -59.13 -3.48 -29.69
CA SER C 187 -59.81 -2.61 -28.75
C SER C 187 -58.94 -1.49 -28.20
N PHE C 188 -57.64 -1.46 -28.52
CA PHE C 188 -56.80 -0.41 -27.96
C PHE C 188 -56.77 0.87 -28.81
N ASP C 189 -57.03 0.77 -30.10
CA ASP C 189 -57.00 1.92 -31.01
C ASP C 189 -55.60 2.53 -31.05
N ASP C 190 -54.61 1.68 -31.29
CA ASP C 190 -53.24 2.12 -31.50
C ASP C 190 -52.81 1.83 -32.93
N THR C 191 -51.81 2.57 -33.38
CA THR C 191 -51.36 2.52 -34.77
C THR C 191 -50.03 1.80 -34.94
N PHE C 192 -49.22 1.73 -33.89
CA PHE C 192 -47.92 1.10 -33.99
C PHE C 192 -48.06 -0.43 -34.02
N PRO C 193 -47.17 -1.11 -34.73
CA PRO C 193 -47.25 -2.58 -34.79
C PRO C 193 -47.25 -3.21 -33.40
N LYS C 194 -48.25 -4.05 -33.16
CA LYS C 194 -48.48 -4.67 -31.86
C LYS C 194 -47.97 -6.10 -31.93
N ILE C 195 -46.97 -6.42 -31.09
CA ILE C 195 -46.36 -7.74 -31.18
C ILE C 195 -46.98 -8.71 -30.18
N SER C 196 -47.38 -8.20 -29.01
CA SER C 196 -47.99 -9.05 -27.99
C SER C 196 -48.80 -8.17 -27.04
N ILE C 197 -49.57 -8.82 -26.17
CA ILE C 197 -50.39 -8.16 -25.15
C ILE C 197 -49.93 -8.62 -23.79
N SER C 198 -49.65 -7.65 -22.92
CA SER C 198 -49.26 -7.97 -21.54
C SER C 198 -50.36 -7.53 -20.61
N TYR C 199 -50.49 -8.22 -19.48
CA TYR C 199 -51.49 -7.90 -18.46
C TYR C 199 -50.86 -7.96 -17.08
N ILE C 200 -51.38 -7.13 -16.19
CA ILE C 200 -51.00 -7.17 -14.78
C ILE C 200 -52.24 -7.30 -13.92
N LYS C 201 -52.14 -8.13 -12.88
CA LYS C 201 -53.22 -8.35 -11.93
C LYS C 201 -53.09 -7.38 -10.76
N LEU C 202 -54.20 -6.73 -10.43
CA LEU C 202 -54.18 -5.72 -9.37
C LEU C 202 -53.75 -6.35 -8.06
N GLY C 203 -52.66 -5.85 -7.47
CA GLY C 203 -52.11 -6.44 -6.27
C GLY C 203 -50.81 -7.17 -6.49
N GLU C 204 -50.46 -7.44 -7.75
CA GLU C 204 -49.23 -8.15 -8.08
C GLU C 204 -48.39 -7.30 -9.03
N LEU C 205 -47.11 -7.19 -8.74
CA LEU C 205 -46.22 -6.40 -9.59
C LEU C 205 -45.71 -7.21 -10.78
N LYS C 206 -45.69 -8.53 -10.66
CA LYS C 206 -45.11 -9.38 -11.70
C LYS C 206 -45.91 -9.26 -12.98
N ARG C 207 -45.22 -9.05 -14.09
CA ARG C 207 -45.85 -8.98 -15.40
C ARG C 207 -45.95 -10.35 -16.06
N GLN C 208 -47.00 -10.54 -16.85
CA GLN C 208 -47.14 -11.68 -17.74
C GLN C 208 -47.55 -11.20 -19.12
N VAL C 209 -47.04 -11.89 -20.15
CA VAL C 209 -47.27 -11.53 -21.54
C VAL C 209 -47.75 -12.75 -22.29
N VAL C 210 -48.74 -12.58 -23.16
CA VAL C 210 -49.27 -13.66 -23.98
C VAL C 210 -49.09 -13.27 -25.45
N ASP C 211 -48.63 -14.22 -26.25
CA ASP C 211 -48.27 -13.97 -27.65
C ASP C 211 -48.86 -15.08 -28.51
N PHE C 212 -49.87 -14.74 -29.30
CA PHE C 212 -50.46 -15.65 -30.27
C PHE C 212 -49.96 -15.28 -31.66
N PHE C 213 -49.24 -16.22 -32.29
CA PHE C 213 -48.63 -15.97 -33.59
C PHE C 213 -48.53 -17.27 -34.37
N LYS C 214 -48.29 -17.14 -35.67
CA LYS C 214 -48.10 -18.27 -36.56
C LYS C 214 -46.75 -18.14 -37.25
N PHE C 215 -46.36 -19.19 -37.97
CA PHE C 215 -45.15 -19.17 -38.77
C PHE C 215 -45.50 -19.09 -40.26
N SER C 216 -44.61 -18.49 -41.04
CA SER C 216 -44.79 -18.44 -42.49
C SER C 216 -43.47 -18.74 -43.18
N PHE C 217 -43.55 -19.43 -44.32
CA PHE C 217 -42.37 -19.82 -45.07
C PHE C 217 -42.27 -18.93 -46.30
N MET C 218 -41.26 -18.06 -46.33
CA MET C 218 -41.15 -17.05 -47.37
C MET C 218 -39.79 -17.12 -48.05
N TYR C 219 -39.72 -16.50 -49.22
CA TYR C 219 -38.52 -16.49 -50.05
C TYR C 219 -38.15 -15.04 -50.32
N ILE C 220 -36.94 -14.65 -49.92
CA ILE C 220 -36.50 -13.27 -50.06
C ILE C 220 -35.83 -13.09 -51.43
N GLU C 221 -36.26 -12.06 -52.15
CA GLU C 221 -35.69 -11.75 -53.46
C GLU C 221 -34.72 -10.59 -53.44
N SER C 222 -34.95 -9.57 -52.61
CA SER C 222 -34.07 -8.41 -52.52
C SER C 222 -34.30 -7.75 -51.17
N ILE C 223 -33.35 -6.91 -50.77
CA ILE C 223 -33.48 -6.05 -49.58
C ILE C 223 -33.19 -4.62 -50.01
N LYS C 224 -34.14 -3.72 -49.80
CA LYS C 224 -34.00 -2.32 -50.18
C LYS C 224 -33.87 -1.47 -48.93
N VAL C 225 -33.39 -0.25 -49.11
CA VAL C 225 -33.23 0.70 -48.02
C VAL C 225 -33.94 1.99 -48.41
N ASP C 226 -34.78 2.52 -47.53
CA ASP C 226 -35.57 3.70 -47.84
C ASP C 226 -35.67 4.61 -46.61
N ARG C 227 -35.95 5.88 -46.88
CA ARG C 227 -35.88 6.96 -45.91
C ARG C 227 -37.11 6.95 -45.00
N ILE C 228 -36.90 7.24 -43.72
CA ILE C 228 -37.99 7.46 -42.78
C ILE C 228 -37.93 8.88 -42.24
N GLY C 229 -36.71 9.40 -42.08
CA GLY C 229 -36.52 10.68 -41.41
C GLY C 229 -35.49 11.55 -42.10
N ASP C 230 -34.66 12.23 -41.32
CA ASP C 230 -33.67 13.16 -41.83
C ASP C 230 -32.35 12.41 -42.01
N ASN C 231 -32.09 11.97 -43.24
CA ASN C 231 -30.95 11.13 -43.60
C ASN C 231 -30.93 9.81 -42.83
N ILE C 232 -32.06 9.35 -42.32
CA ILE C 232 -32.17 8.09 -41.61
C ILE C 232 -33.02 7.14 -42.45
N PHE C 233 -32.47 5.98 -42.76
CA PHE C 233 -33.10 5.02 -43.64
C PHE C 233 -33.27 3.70 -42.89
N ILE C 234 -34.25 2.91 -43.32
CA ILE C 234 -34.41 1.56 -42.74
C ILE C 234 -34.41 0.51 -43.85
N PRO C 235 -33.96 -0.71 -43.56
CA PRO C 235 -34.10 -1.79 -44.55
C PRO C 235 -35.53 -2.25 -44.66
N SER C 236 -35.88 -2.80 -45.84
CA SER C 236 -37.17 -3.45 -46.05
C SER C 236 -36.92 -4.70 -46.89
N VAL C 237 -37.26 -5.85 -46.32
CA VAL C 237 -36.98 -7.12 -46.96
C VAL C 237 -38.18 -7.50 -47.82
N ILE C 238 -37.94 -7.71 -49.12
CA ILE C 238 -39.01 -7.91 -50.09
C ILE C 238 -38.93 -9.34 -50.60
N THR C 239 -40.06 -10.04 -50.55
CA THR C 239 -40.13 -11.42 -51.01
C THR C 239 -40.62 -11.46 -52.46
N LYS C 240 -40.50 -12.64 -53.07
CA LYS C 240 -40.91 -12.79 -54.46
C LYS C 240 -42.39 -12.53 -54.67
N SER C 241 -43.20 -12.67 -53.62
CA SER C 241 -44.64 -12.45 -53.75
C SER C 241 -45.02 -10.98 -53.76
N GLY C 242 -44.10 -10.08 -53.40
CA GLY C 242 -44.42 -8.68 -53.26
C GLY C 242 -44.64 -8.26 -51.82
N LYS C 243 -44.77 -9.23 -50.92
CA LYS C 243 -44.96 -8.93 -49.51
C LYS C 243 -43.64 -8.49 -48.87
N LYS C 244 -43.77 -7.73 -47.78
CA LYS C 244 -42.61 -7.22 -47.06
C LYS C 244 -42.48 -7.87 -45.70
N ILE C 245 -41.25 -8.12 -45.29
CA ILE C 245 -40.93 -8.67 -43.97
C ILE C 245 -40.31 -7.51 -43.18
N LEU C 246 -40.96 -7.15 -42.08
CA LEU C 246 -40.53 -5.99 -41.30
C LEU C 246 -39.24 -6.29 -40.54
N VAL C 247 -38.31 -5.34 -40.59
CA VAL C 247 -37.06 -5.39 -39.83
C VAL C 247 -36.95 -4.11 -39.02
N LYS C 248 -36.57 -4.24 -37.75
CA LYS C 248 -36.57 -3.07 -36.88
C LYS C 248 -35.26 -2.29 -36.98
N ASP C 249 -34.15 -2.98 -37.22
CA ASP C 249 -32.85 -2.34 -37.29
C ASP C 249 -31.92 -3.12 -38.21
N VAL C 250 -30.70 -2.60 -38.36
CA VAL C 250 -29.70 -3.26 -39.20
C VAL C 250 -29.12 -4.47 -38.49
N ASP C 251 -29.01 -4.42 -37.15
CA ASP C 251 -28.39 -5.51 -36.41
C ASP C 251 -29.11 -6.83 -36.64
N HIS C 252 -30.44 -6.80 -36.80
CA HIS C 252 -31.19 -8.03 -36.95
C HIS C 252 -30.78 -8.79 -38.22
N LEU C 253 -30.63 -8.06 -39.33
CA LEU C 253 -30.21 -8.73 -40.56
C LEU C 253 -28.74 -9.13 -40.51
N ILE C 254 -27.92 -8.36 -39.79
CA ILE C 254 -26.49 -8.65 -39.75
C ILE C 254 -26.23 -9.94 -38.98
N ARG C 255 -26.92 -10.11 -37.85
CA ARG C 255 -26.73 -11.29 -37.03
C ARG C 255 -27.44 -12.52 -37.58
N SER C 256 -28.58 -12.34 -38.26
CA SER C 256 -29.32 -13.47 -38.77
C SER C 256 -28.63 -14.13 -39.95
N LYS C 257 -27.68 -13.42 -40.58
CA LYS C 257 -26.88 -13.95 -41.69
C LYS C 257 -27.77 -14.43 -42.84
N VAL C 258 -28.80 -13.65 -43.18
CA VAL C 258 -29.63 -13.96 -44.33
C VAL C 258 -29.04 -13.32 -45.58
N ARG C 259 -29.36 -13.92 -46.73
CA ARG C 259 -28.91 -13.44 -48.03
C ARG C 259 -30.09 -13.37 -48.97
N GLU C 260 -29.96 -12.54 -50.00
CA GLU C 260 -30.97 -12.48 -51.05
C GLU C 260 -31.06 -13.82 -51.78
N HIS C 261 -32.28 -14.15 -52.20
CA HIS C 261 -32.56 -15.37 -52.97
C HIS C 261 -32.37 -16.62 -52.11
N THR C 262 -32.84 -16.55 -50.87
CA THR C 262 -32.84 -17.68 -49.96
C THR C 262 -34.20 -17.76 -49.27
N PHE C 263 -34.45 -18.89 -48.63
CA PHE C 263 -35.70 -19.16 -47.92
C PHE C 263 -35.45 -18.86 -46.44
N VAL C 264 -36.42 -18.21 -45.79
CA VAL C 264 -36.32 -17.89 -44.38
C VAL C 264 -37.62 -18.25 -43.68
N LYS C 265 -37.54 -18.34 -42.35
CA LYS C 265 -38.71 -18.45 -41.49
C LYS C 265 -39.15 -17.05 -41.07
N VAL C 266 -40.46 -16.81 -41.09
CA VAL C 266 -41.02 -15.52 -40.74
C VAL C 266 -42.08 -15.70 -39.66
N LYS C 267 -42.10 -14.76 -38.72
CA LYS C 267 -43.09 -14.74 -37.65
C LYS C 267 -44.29 -13.91 -38.10
N LYS C 268 -45.44 -14.58 -38.26
CA LYS C 268 -46.62 -13.96 -38.84
C LYS C 268 -47.56 -13.48 -37.75
N LYS C 269 -47.95 -12.21 -37.85
CA LYS C 269 -48.96 -11.62 -36.96
C LYS C 269 -50.14 -11.18 -37.82
N ASN C 270 -51.20 -10.70 -37.16
CA ASN C 270 -52.45 -10.43 -37.85
C ASN C 270 -52.40 -9.19 -38.73
N THR C 271 -51.47 -8.27 -38.49
CA THR C 271 -51.41 -7.04 -39.27
C THR C 271 -50.05 -6.87 -39.93
N PHE C 272 -49.04 -7.60 -39.46
CA PHE C 272 -47.70 -7.49 -40.00
C PHE C 272 -46.95 -8.80 -39.76
N SER C 273 -45.74 -8.88 -40.29
CA SER C 273 -44.86 -10.03 -40.06
C SER C 273 -43.44 -9.51 -39.93
N ILE C 274 -42.62 -10.21 -39.16
CA ILE C 274 -41.23 -9.84 -38.93
C ILE C 274 -40.35 -11.04 -39.23
N LEU C 275 -39.10 -10.78 -39.63
CA LEU C 275 -38.15 -11.85 -39.88
C LEU C 275 -37.86 -12.62 -38.59
N TYR C 276 -37.89 -13.94 -38.68
CA TYR C 276 -37.76 -14.80 -37.51
C TYR C 276 -36.32 -15.30 -37.39
N ASP C 277 -35.79 -15.25 -36.17
CA ASP C 277 -34.45 -15.75 -35.89
C ASP C 277 -34.49 -17.14 -35.25
N ASP C 279 -33.39 -21.72 -34.79
CA ASP C 279 -33.45 -21.37 -36.20
C ASP C 279 -34.06 -22.52 -36.99
N THR C 285 -18.40 -13.09 -42.74
CA THR C 285 -19.84 -13.24 -42.84
C THR C 285 -20.56 -11.93 -42.54
N ARG C 286 -19.87 -11.02 -41.85
CA ARG C 286 -20.41 -9.71 -41.53
C ARG C 286 -20.23 -8.73 -42.67
N GLY C 287 -19.04 -8.72 -43.29
CA GLY C 287 -18.80 -7.83 -44.40
C GLY C 287 -19.69 -8.14 -45.59
N GLU C 288 -19.97 -9.42 -45.82
CA GLU C 288 -20.75 -9.82 -46.99
C GLU C 288 -22.18 -9.33 -46.88
N VAL C 289 -22.79 -9.45 -45.70
CA VAL C 289 -24.20 -9.10 -45.59
C VAL C 289 -24.36 -7.59 -45.65
N ILE C 290 -23.40 -6.85 -45.10
CA ILE C 290 -23.41 -5.38 -45.17
C ILE C 290 -23.19 -4.89 -46.58
N LYS C 291 -22.21 -5.44 -47.30
CA LYS C 291 -21.97 -5.00 -48.67
C LYS C 291 -23.08 -5.40 -49.63
N ARG C 292 -23.63 -6.61 -49.55
CA ARG C 292 -24.71 -6.97 -50.48
C ARG C 292 -25.96 -6.13 -50.29
N ILE C 293 -26.35 -5.81 -49.05
CA ILE C 293 -27.54 -4.95 -48.92
C ILE C 293 -27.27 -3.59 -49.52
N ILE C 294 -26.08 -3.03 -49.26
CA ILE C 294 -25.74 -1.72 -49.82
C ILE C 294 -25.72 -1.78 -51.34
N ASP C 295 -25.05 -2.79 -51.91
CA ASP C 295 -24.97 -2.88 -53.37
C ASP C 295 -26.35 -2.90 -54.01
N THR C 296 -27.31 -3.57 -53.35
CA THR C 296 -28.66 -3.66 -53.91
C THR C 296 -29.30 -2.27 -54.04
N ILE C 297 -29.11 -1.41 -53.03
CA ILE C 297 -29.71 -0.08 -53.05
C ILE C 297 -28.76 0.99 -53.59
N GLY C 298 -27.49 0.66 -53.78
CA GLY C 298 -26.52 1.64 -54.25
C GLY C 298 -25.27 1.71 -53.40
N ARG C 299 -24.13 2.02 -54.04
CA ARG C 299 -22.85 1.95 -53.32
C ARG C 299 -22.75 3.05 -52.27
N ASP C 300 -23.46 4.17 -52.47
CA ASP C 300 -23.29 5.37 -51.65
C ASP C 300 -24.20 5.31 -50.43
N TYR C 301 -24.09 4.21 -49.68
CA TYR C 301 -24.78 4.07 -48.41
C TYR C 301 -23.81 3.44 -47.42
N TYR C 302 -23.89 3.84 -46.15
CA TYR C 302 -23.17 3.16 -45.10
C TYR C 302 -24.13 2.76 -43.98
N VAL C 303 -23.61 2.02 -43.00
CA VAL C 303 -24.40 1.53 -41.88
C VAL C 303 -24.10 2.46 -40.69
N ASN C 304 -25.10 3.26 -40.32
CA ASN C 304 -24.93 4.23 -39.24
C ASN C 304 -25.35 3.61 -37.90
N GLY C 305 -24.58 2.60 -37.49
CA GLY C 305 -24.84 1.93 -36.23
C GLY C 305 -26.09 1.08 -36.25
N LYS C 306 -27.24 1.70 -35.99
CA LYS C 306 -28.53 1.00 -35.94
C LYS C 306 -29.33 1.19 -37.22
N TYR C 307 -29.06 2.24 -37.98
CA TYR C 307 -29.81 2.56 -39.18
C TYR C 307 -28.87 2.63 -40.38
N PHE C 308 -29.42 2.79 -41.57
CA PHE C 308 -28.67 3.18 -42.76
C PHE C 308 -28.70 4.69 -42.91
N SER C 309 -27.72 5.20 -43.65
CA SER C 309 -27.73 6.61 -44.04
C SER C 309 -27.04 6.80 -45.39
N LYS C 310 -27.62 7.64 -46.24
CA LYS C 310 -27.10 7.88 -47.58
C LYS C 310 -25.97 8.90 -47.53
N VAL C 311 -25.08 8.84 -48.51
CA VAL C 311 -24.04 9.86 -48.64
C VAL C 311 -24.69 11.19 -49.04
N GLY C 312 -24.29 12.24 -48.34
CA GLY C 312 -24.84 13.55 -48.62
C GLY C 312 -24.10 14.29 -49.72
N ILE C 313 -24.53 15.52 -49.94
CA ILE C 313 -23.93 16.41 -50.94
C ILE C 313 -23.67 17.73 -50.22
N ALA C 314 -23.05 17.61 -49.04
CA ALA C 314 -22.97 18.67 -48.04
C ALA C 314 -22.36 19.95 -48.58
N GLY C 315 -22.92 21.07 -48.13
CA GLY C 315 -22.44 22.39 -48.48
C GLY C 315 -22.99 23.40 -47.49
N LEU C 316 -22.88 24.69 -47.79
CA LEU C 316 -23.32 25.69 -46.84
C LEU C 316 -24.81 25.54 -46.52
N LYS C 317 -25.62 25.17 -47.52
CA LYS C 317 -27.06 25.05 -47.31
C LYS C 317 -27.39 23.99 -46.26
N GLN C 318 -26.69 22.86 -46.30
CA GLN C 318 -26.94 21.81 -45.31
C GLN C 318 -26.49 22.23 -43.92
N LEU C 319 -25.38 22.97 -43.81
CA LEU C 319 -24.89 23.39 -42.51
C LEU C 319 -25.91 24.28 -41.80
N THR C 320 -26.50 25.20 -42.55
CA THR C 320 -27.50 26.10 -41.99
C THR C 320 -28.77 25.36 -41.59
N ASN C 321 -29.15 24.33 -42.35
CA ASN C 321 -30.36 23.59 -41.99
C ASN C 321 -30.18 22.82 -40.70
N LYS C 322 -28.98 22.28 -40.45
CA LYS C 322 -28.76 21.48 -39.26
C LYS C 322 -28.47 22.35 -38.04
N LEU C 323 -27.95 23.56 -38.23
CA LEU C 323 -27.72 24.46 -37.10
C LEU C 323 -28.96 25.26 -36.73
N ASP C 324 -30.08 25.03 -37.42
CA ASP C 324 -31.38 25.71 -37.22
C ASP C 324 -31.27 27.23 -37.36
N ILE C 325 -30.60 27.66 -38.42
CA ILE C 325 -30.46 29.07 -38.77
C ILE C 325 -30.90 29.27 -40.22
N ASN C 326 -31.08 30.54 -40.60
CA ASN C 326 -31.56 30.89 -41.92
C ASN C 326 -30.52 30.52 -42.98
N GLU C 327 -31.02 30.20 -44.18
CA GLU C 327 -30.15 29.92 -45.32
C GLU C 327 -29.42 31.18 -45.79
N CYS C 328 -28.17 31.00 -46.20
CA CYS C 328 -27.32 32.09 -46.65
C CYS C 328 -26.42 31.56 -47.76
N ALA C 329 -25.73 32.47 -48.45
CA ALA C 329 -24.88 32.06 -49.56
C ALA C 329 -23.39 32.20 -49.27
N THR C 330 -22.98 33.20 -48.51
CA THR C 330 -21.58 33.37 -48.16
C THR C 330 -21.32 32.94 -46.73
N VAL C 331 -20.21 32.23 -46.53
CA VAL C 331 -19.91 31.65 -45.22
C VAL C 331 -19.79 32.72 -44.15
N ASP C 332 -19.40 33.94 -44.52
CA ASP C 332 -19.30 35.03 -43.56
C ASP C 332 -20.67 35.46 -43.03
N GLU C 333 -21.76 35.06 -43.67
CA GLU C 333 -23.08 35.43 -43.18
C GLU C 333 -23.49 34.64 -41.94
N LEU C 334 -22.81 33.51 -41.67
CA LEU C 334 -23.19 32.64 -40.57
C LEU C 334 -23.09 33.34 -39.22
N VAL C 335 -22.11 34.22 -39.03
CA VAL C 335 -21.91 34.83 -37.73
C VAL C 335 -23.13 35.64 -37.31
N ASP C 336 -23.74 36.37 -38.25
CA ASP C 336 -24.89 37.20 -37.90
C ASP C 336 -26.19 36.41 -37.84
N GLU C 337 -26.30 35.31 -38.59
CA GLU C 337 -27.53 34.53 -38.55
C GLU C 337 -27.56 33.57 -37.37
N ILE C 338 -26.47 33.47 -36.61
CA ILE C 338 -26.43 32.64 -35.42
C ILE C 338 -26.69 33.42 -34.14
N ASN C 339 -26.37 34.72 -34.10
CA ASN C 339 -26.51 35.50 -32.89
C ASN C 339 -27.89 36.14 -32.75
N LYS C 340 -28.81 35.82 -33.66
CA LYS C 340 -30.17 36.34 -33.57
C LYS C 340 -30.96 35.66 -32.47
N SER C 341 -30.75 34.36 -32.28
CA SER C 341 -31.44 33.59 -31.26
C SER C 341 -30.45 33.13 -30.19
N GLY C 342 -31.00 32.66 -29.06
CA GLY C 342 -30.19 32.13 -27.99
C GLY C 342 -30.24 30.62 -27.89
N THR C 343 -30.97 29.99 -28.80
CA THR C 343 -31.22 28.55 -28.72
C THR C 343 -30.30 27.74 -29.64
N VAL C 344 -29.76 28.36 -30.68
CA VAL C 344 -28.89 27.66 -31.61
C VAL C 344 -27.50 27.50 -31.02
N LYS C 345 -27.07 28.47 -30.21
CA LYS C 345 -25.73 28.45 -29.66
C LYS C 345 -25.45 27.16 -28.91
N ARG C 346 -26.50 26.54 -28.35
CA ARG C 346 -26.33 25.36 -27.51
C ARG C 346 -25.50 24.28 -28.23
N LYS C 347 -25.64 24.17 -29.54
CA LYS C 347 -24.90 23.14 -30.26
C LYS C 347 -23.75 23.69 -31.09
N ILE C 348 -23.50 25.00 -31.03
CA ILE C 348 -22.51 25.58 -31.93
C ILE C 348 -21.24 25.96 -31.18
N LYS C 349 -21.39 26.62 -30.02
CA LYS C 349 -20.25 27.09 -29.25
C LYS C 349 -19.74 26.04 -28.27
N ASN C 350 -20.58 25.08 -27.89
CA ASN C 350 -20.27 24.15 -26.81
C ASN C 350 -19.44 22.95 -27.25
N GLN C 351 -19.18 22.80 -28.55
CA GLN C 351 -18.40 21.67 -29.03
C GLN C 351 -17.41 22.15 -30.09
N SER C 352 -16.34 21.37 -30.25
CA SER C 352 -15.28 21.75 -31.18
C SER C 352 -15.74 21.56 -32.62
N VAL C 353 -14.93 22.05 -33.55
CA VAL C 353 -15.26 21.94 -34.96
C VAL C 353 -15.38 20.47 -35.37
N PHE C 354 -14.47 19.62 -34.89
CA PHE C 354 -14.48 18.22 -35.31
C PHE C 354 -15.82 17.56 -34.99
N ASP C 355 -16.29 17.73 -33.75
CA ASP C 355 -17.52 17.07 -33.34
C ASP C 355 -18.72 17.60 -34.10
N LEU C 356 -18.81 18.91 -34.29
CA LEU C 356 -19.95 19.50 -34.97
C LEU C 356 -20.03 19.02 -36.42
N SER C 357 -18.89 19.04 -37.13
CA SER C 357 -18.89 18.62 -38.52
C SER C 357 -19.17 17.13 -38.68
N ARG C 358 -18.85 16.30 -37.69
CA ARG C 358 -19.23 14.90 -37.77
C ARG C 358 -20.72 14.70 -37.65
N GLU C 359 -21.38 15.40 -36.72
CA GLU C 359 -22.79 15.14 -36.43
C GLU C 359 -23.73 15.79 -37.43
N CYS C 360 -23.38 16.97 -37.95
CA CYS C 360 -24.26 17.74 -38.81
C CYS C 360 -24.12 17.37 -40.27
N LEU C 361 -23.21 16.46 -40.59
CA LEU C 361 -23.00 16.02 -41.96
C LEU C 361 -23.36 14.56 -42.19
N GLY C 362 -23.66 13.81 -41.14
CA GLY C 362 -24.01 12.41 -41.30
C GLY C 362 -22.82 11.49 -41.42
N TYR C 363 -21.94 11.52 -40.43
CA TYR C 363 -20.88 10.53 -40.34
C TYR C 363 -21.10 9.66 -39.10
N PRO C 364 -20.70 8.39 -39.15
CA PRO C 364 -20.78 7.54 -37.95
C PRO C 364 -19.71 7.90 -36.92
N GLU C 365 -19.86 7.38 -35.70
CA GLU C 365 -18.89 7.62 -34.64
C GLU C 365 -17.69 6.69 -34.72
N ALA C 366 -17.91 5.39 -34.54
CA ALA C 366 -16.79 4.46 -34.41
C ALA C 366 -15.98 4.39 -35.70
N ASP C 367 -16.66 4.37 -36.84
CA ASP C 367 -15.96 4.20 -38.11
C ASP C 367 -15.26 5.48 -38.54
N PHE C 368 -15.82 6.64 -38.19
CA PHE C 368 -15.21 7.91 -38.59
C PHE C 368 -13.93 8.16 -37.82
N ILE C 369 -13.91 7.85 -36.52
CA ILE C 369 -12.67 7.97 -35.75
C ILE C 369 -11.61 7.02 -36.29
N THR C 370 -12.01 5.79 -36.64
CA THR C 370 -11.06 4.84 -37.21
C THR C 370 -10.41 5.40 -38.47
N LEU C 371 -11.19 6.03 -39.34
CA LEU C 371 -10.61 6.63 -40.54
C LEU C 371 -9.63 7.74 -40.17
N VAL C 372 -10.04 8.66 -39.29
CA VAL C 372 -9.21 9.82 -38.99
C VAL C 372 -7.94 9.43 -38.26
N ASN C 373 -7.96 8.34 -37.50
CA ASN C 373 -6.78 7.87 -36.79
C ASN C 373 -5.80 7.12 -37.68
N ASN C 374 -6.11 6.97 -38.97
CA ASN C 374 -5.20 6.39 -39.94
C ASN C 374 -4.93 7.36 -41.07
N MET C 375 -4.97 8.66 -40.78
CA MET C 375 -4.92 9.65 -41.84
C MET C 375 -3.95 10.77 -41.49
N ARG C 376 -3.09 11.12 -42.45
CA ARG C 376 -2.22 12.28 -42.31
C ARG C 376 -2.93 13.52 -42.86
N PHE C 377 -2.68 14.65 -42.20
CA PHE C 377 -3.25 15.94 -42.57
C PHE C 377 -2.13 16.95 -42.77
N LYS C 378 -2.31 17.83 -43.76
CA LYS C 378 -1.51 19.05 -43.92
C LYS C 378 -2.40 20.22 -43.54
N ILE C 379 -2.03 20.92 -42.47
CA ILE C 379 -2.85 21.97 -41.88
C ILE C 379 -2.06 23.27 -41.83
N GLU C 380 -2.61 24.31 -42.42
CA GLU C 380 -1.99 25.63 -42.42
C GLU C 380 -3.00 26.65 -41.92
N ASN C 381 -2.61 27.42 -40.90
CA ASN C 381 -3.48 28.41 -40.27
C ASN C 381 -4.80 27.78 -39.83
N CYS C 382 -4.72 26.57 -39.29
CA CYS C 382 -5.86 25.78 -38.83
C CYS C 382 -6.88 25.54 -39.94
N LYS C 383 -6.35 25.29 -41.14
CA LYS C 383 -7.19 24.96 -42.30
C LYS C 383 -6.59 23.71 -42.94
N VAL C 384 -7.45 22.73 -43.23
CA VAL C 384 -7.01 21.52 -43.89
C VAL C 384 -6.91 21.72 -45.39
N VAL C 385 -5.73 21.44 -45.95
CA VAL C 385 -5.50 21.59 -47.38
C VAL C 385 -5.13 20.28 -48.06
N ASN C 386 -4.64 19.27 -47.34
CA ASN C 386 -4.31 17.98 -47.93
C ASN C 386 -4.43 16.89 -46.88
N PHE C 387 -4.58 15.65 -47.34
CA PHE C 387 -4.61 14.50 -46.45
C PHE C 387 -4.32 13.25 -47.25
N ASN C 388 -3.91 12.20 -46.55
CA ASN C 388 -3.77 10.88 -47.18
C ASN C 388 -3.87 9.80 -46.13
N ILE C 389 -3.82 8.54 -46.60
CA ILE C 389 -4.02 7.36 -45.76
C ILE C 389 -2.69 6.64 -45.57
N GLU C 390 -2.39 6.29 -44.32
CA GLU C 390 -1.21 5.51 -43.97
C GLU C 390 -1.39 4.02 -44.15
N ASN C 391 -2.57 3.49 -43.79
CA ASN C 391 -2.81 2.05 -43.76
C ASN C 391 -4.16 1.79 -44.42
N THR C 392 -4.12 1.37 -45.69
CA THR C 392 -5.34 1.21 -46.48
C THR C 392 -6.17 0.02 -46.03
N ASN C 393 -5.66 -0.81 -45.13
CA ASN C 393 -6.42 -1.97 -44.64
C ASN C 393 -7.59 -1.56 -43.76
N CYS C 394 -7.62 -0.31 -43.30
CA CYS C 394 -8.76 0.22 -42.54
C CYS C 394 -9.93 0.59 -43.44
N LEU C 395 -9.75 0.62 -44.76
CA LEU C 395 -10.78 1.04 -45.69
C LEU C 395 -11.64 -0.11 -46.20
N ASN C 396 -11.37 -1.34 -45.76
CA ASN C 396 -12.07 -2.49 -46.33
C ASN C 396 -13.53 -2.55 -45.87
N ASN C 397 -13.83 -2.00 -44.71
CA ASN C 397 -15.20 -1.99 -44.20
C ASN C 397 -16.06 -1.13 -45.11
N PRO C 398 -17.16 -1.65 -45.67
CA PRO C 398 -17.99 -0.83 -46.57
C PRO C 398 -18.37 0.52 -45.99
N SER C 399 -18.56 0.63 -44.69
CA SER C 399 -18.96 1.90 -44.09
C SER C 399 -17.83 2.92 -44.15
N ILE C 400 -16.60 2.45 -43.98
CA ILE C 400 -15.45 3.35 -43.96
C ILE C 400 -15.09 3.79 -45.38
N GLU C 401 -15.14 2.86 -46.34
CA GLU C 401 -14.88 3.25 -47.72
C GLU C 401 -15.87 4.29 -48.21
N THR C 402 -17.15 4.14 -47.84
CA THR C 402 -18.17 5.08 -48.31
C THR C 402 -17.88 6.49 -47.80
N ILE C 403 -17.54 6.63 -46.52
CA ILE C 403 -17.25 7.95 -45.99
C ILE C 403 -15.88 8.46 -46.44
N TYR C 404 -14.90 7.57 -46.64
CA TYR C 404 -13.60 8.03 -47.10
C TYR C 404 -13.71 8.65 -48.49
N GLY C 405 -14.38 7.95 -49.41
CA GLY C 405 -14.53 8.44 -50.76
C GLY C 405 -15.21 9.81 -50.86
N ASN C 406 -15.95 10.21 -49.84
CA ASN C 406 -16.60 11.52 -49.82
C ASN C 406 -16.02 12.43 -48.74
N PHE C 407 -14.83 12.12 -48.24
CA PHE C 407 -14.25 12.91 -47.15
C PHE C 407 -14.05 14.37 -47.54
N ASN C 408 -13.98 14.68 -48.84
CA ASN C 408 -13.78 16.07 -49.23
C ASN C 408 -14.89 16.96 -48.70
N GLN C 409 -16.10 16.41 -48.55
CA GLN C 409 -17.21 17.18 -48.02
C GLN C 409 -16.96 17.55 -46.56
N PHE C 410 -16.37 16.63 -45.80
CA PHE C 410 -16.03 16.96 -44.41
C PHE C 410 -15.02 18.09 -44.35
N VAL C 411 -14.01 18.06 -45.21
CA VAL C 411 -12.97 19.09 -45.21
C VAL C 411 -13.57 20.44 -45.57
N SER C 412 -14.43 20.47 -46.60
CA SER C 412 -15.01 21.76 -47.00
C SER C 412 -15.80 22.39 -45.87
N ILE C 413 -16.63 21.61 -45.19
CA ILE C 413 -17.42 22.13 -44.07
C ILE C 413 -16.55 22.41 -42.87
N PHE C 414 -15.60 21.51 -42.58
CA PHE C 414 -14.72 21.66 -41.43
C PHE C 414 -14.04 23.02 -41.45
N ASN C 415 -13.51 23.42 -42.61
CA ASN C 415 -12.90 24.73 -42.74
C ASN C 415 -13.94 25.84 -42.58
N THR C 416 -15.14 25.62 -43.13
CA THR C 416 -16.19 26.63 -43.01
C THR C 416 -16.58 26.85 -41.55
N VAL C 417 -16.74 25.76 -40.78
CA VAL C 417 -17.13 25.91 -39.39
C VAL C 417 -16.01 26.59 -38.59
N THR C 418 -14.75 26.31 -38.90
CA THR C 418 -13.66 27.05 -38.27
C THR C 418 -13.80 28.54 -38.57
N ASP C 419 -14.16 28.89 -39.80
CA ASP C 419 -14.21 30.29 -40.21
C ASP C 419 -15.25 31.05 -39.41
N VAL C 420 -16.43 30.47 -39.22
CA VAL C 420 -17.48 31.19 -38.51
C VAL C 420 -17.14 31.34 -37.03
N LYS C 421 -16.51 30.32 -36.43
CA LYS C 421 -16.08 30.44 -35.05
C LYS C 421 -15.05 31.54 -34.85
N LYS C 422 -14.20 31.79 -35.84
CA LYS C 422 -13.17 32.82 -35.70
C LYS C 422 -13.77 34.15 -35.28
N ARG C 423 -14.95 34.50 -35.79
CA ARG C 423 -15.61 35.75 -35.48
C ARG C 423 -16.89 35.57 -34.67
N LEU C 424 -17.35 34.34 -34.48
CA LEU C 424 -18.55 34.06 -33.69
C LEU C 424 -18.27 33.92 -32.21
N PHE C 425 -17.15 33.29 -31.85
CA PHE C 425 -16.75 33.06 -30.45
C PHE C 425 -17.79 32.20 -29.72
#